data_5U4K
#
_entry.id   5U4K
#
loop_
_entity.id
_entity.type
_entity.pdbx_description
1 polymer 'CREB-binding protein'
2 polymer 'Transcription factor p65'
#
loop_
_entity_poly.entity_id
_entity_poly.type
_entity_poly.pdbx_seq_one_letter_code
_entity_poly.pdbx_strand_id
1 'polypeptide(L)'
;GVRKGWHEHVTQDLRSHLVHKLVQAIFPTPDPAALKDRRMENLVAYAKKVEGDMYESANSRDEYYHLLAEKIYKIQKELE
EKRRSRL
;
A
2 'polypeptide(L)' GSPGYPNGLLSGDEDFSSIADMDFSALLSQISS B
#
# COMPACT_ATOMS: atom_id res chain seq x y z
N GLY A 1 -5.93 -27.84 0.80
CA GLY A 1 -5.67 -26.67 1.68
C GLY A 1 -6.59 -26.63 2.87
N VAL A 2 -5.99 -26.50 4.07
CA VAL A 2 -6.75 -26.45 5.33
C VAL A 2 -7.10 -25.00 5.68
N ARG A 3 -8.35 -24.78 6.09
CA ARG A 3 -8.85 -23.44 6.45
C ARG A 3 -8.65 -23.15 7.94
N LYS A 4 -8.14 -21.95 8.24
CA LYS A 4 -7.89 -21.53 9.62
C LYS A 4 -8.87 -20.43 10.05
N GLY A 5 -8.67 -19.86 11.25
CA GLY A 5 -9.58 -18.85 11.80
C GLY A 5 -9.74 -17.59 10.94
N TRP A 6 -8.62 -17.14 10.36
CA TRP A 6 -8.57 -15.91 9.52
C TRP A 6 -9.53 -15.97 8.32
N HIS A 7 -9.67 -17.17 7.72
CA HIS A 7 -10.47 -17.38 6.51
C HIS A 7 -11.98 -17.13 6.77
N GLU A 8 -12.46 -17.55 7.94
CA GLU A 8 -13.86 -17.35 8.34
C GLU A 8 -14.03 -16.02 9.12
N HIS A 9 -12.91 -15.34 9.36
CA HIS A 9 -12.88 -14.09 10.12
C HIS A 9 -12.72 -12.87 9.21
N VAL A 10 -12.11 -13.05 8.02
CA VAL A 10 -11.93 -11.95 7.07
C VAL A 10 -13.22 -11.69 6.28
N THR A 11 -13.65 -10.43 6.29
CA THR A 11 -14.88 -10.01 5.60
C THR A 11 -14.55 -9.18 4.35
N GLN A 12 -15.60 -8.76 3.65
CA GLN A 12 -15.48 -7.79 2.56
C GLN A 12 -15.32 -6.37 3.11
N ASP A 13 -15.70 -6.19 4.40
CA ASP A 13 -15.58 -4.90 5.09
C ASP A 13 -14.16 -4.73 5.68
N LEU A 14 -13.49 -5.85 6.02
CA LEU A 14 -12.10 -5.80 6.47
C LEU A 14 -11.16 -5.43 5.32
N ARG A 15 -11.31 -6.10 4.17
CA ARG A 15 -10.42 -5.90 3.00
C ARG A 15 -10.40 -4.43 2.53
N SER A 16 -11.45 -3.67 2.88
CA SER A 16 -11.54 -2.25 2.55
C SER A 16 -10.81 -1.38 3.60
N HIS A 17 -10.81 -1.86 4.86
CA HIS A 17 -10.12 -1.16 5.97
C HIS A 17 -8.62 -1.52 5.99
N LEU A 18 -8.28 -2.65 5.34
CA LEU A 18 -6.89 -3.11 5.17
C LEU A 18 -6.17 -2.26 4.12
N VAL A 19 -6.95 -1.82 3.13
CA VAL A 19 -6.49 -0.93 2.06
C VAL A 19 -6.51 0.53 2.52
N HIS A 20 -7.49 0.87 3.40
CA HIS A 20 -7.57 2.19 4.04
C HIS A 20 -6.49 2.32 5.13
N LYS A 21 -5.95 1.17 5.55
CA LYS A 21 -4.84 1.10 6.49
C LYS A 21 -3.52 1.28 5.73
N LEU A 22 -3.58 0.94 4.45
CA LEU A 22 -2.44 0.97 3.55
C LEU A 22 -2.26 2.36 2.92
N VAL A 23 -3.38 3.00 2.56
CA VAL A 23 -3.38 4.33 1.93
C VAL A 23 -3.03 5.44 2.95
N GLN A 24 -3.27 5.18 4.24
CA GLN A 24 -3.00 6.18 5.29
C GLN A 24 -1.52 6.19 5.69
N ALA A 25 -0.86 5.04 5.51
CA ALA A 25 0.57 4.90 5.78
C ALA A 25 1.41 5.44 4.63
N ILE A 26 0.92 5.28 3.40
CA ILE A 26 1.60 5.76 2.19
C ILE A 26 1.42 7.28 2.05
N PHE A 27 0.17 7.75 2.17
CA PHE A 27 -0.14 9.17 2.21
C PHE A 27 -1.27 9.45 3.22
N PRO A 28 -1.00 10.19 4.36
CA PRO A 28 -2.06 10.61 5.29
C PRO A 28 -3.06 11.57 4.65
N THR A 29 -4.35 11.41 4.98
CA THR A 29 -5.42 12.20 4.37
C THR A 29 -5.72 13.50 5.13
N PRO A 30 -5.43 14.68 4.50
CA PRO A 30 -5.87 16.00 4.99
C PRO A 30 -7.40 16.13 5.00
N ASP A 31 -8.01 15.84 3.85
CA ASP A 31 -9.45 15.92 3.67
C ASP A 31 -10.02 14.60 3.12
N PRO A 32 -11.24 14.20 3.60
CA PRO A 32 -11.99 13.02 3.09
C PRO A 32 -12.29 13.07 1.59
N ALA A 33 -12.09 14.25 0.98
CA ALA A 33 -12.32 14.45 -0.46
C ALA A 33 -11.12 14.02 -1.30
N ALA A 34 -9.94 13.91 -0.66
CA ALA A 34 -8.72 13.42 -1.34
C ALA A 34 -8.83 11.94 -1.73
N LEU A 35 -9.78 11.22 -1.12
CA LEU A 35 -9.99 9.79 -1.37
C LEU A 35 -10.76 9.54 -2.68
N LYS A 36 -11.35 10.61 -3.24
CA LYS A 36 -12.13 10.52 -4.47
C LYS A 36 -11.34 11.12 -5.66
N ASP A 37 -10.03 11.32 -5.45
CA ASP A 37 -9.15 11.93 -6.45
C ASP A 37 -8.61 10.86 -7.42
N ARG A 38 -8.08 11.32 -8.57
CA ARG A 38 -7.57 10.43 -9.62
C ARG A 38 -6.19 9.85 -9.24
N ARG A 39 -5.24 10.73 -8.89
CA ARG A 39 -3.86 10.33 -8.50
C ARG A 39 -3.84 9.42 -7.27
N MET A 40 -4.82 9.60 -6.36
CA MET A 40 -4.92 8.79 -5.14
C MET A 40 -5.40 7.36 -5.47
N GLU A 41 -6.36 7.26 -6.41
CA GLU A 41 -6.92 5.98 -6.84
C GLU A 41 -5.88 5.08 -7.55
N ASN A 42 -4.79 5.69 -8.03
CA ASN A 42 -3.73 4.97 -8.77
C ASN A 42 -2.94 4.02 -7.86
N LEU A 43 -2.60 4.47 -6.64
CA LEU A 43 -1.88 3.61 -5.68
C LEU A 43 -2.87 2.76 -4.87
N VAL A 44 -4.14 3.21 -4.81
CA VAL A 44 -5.27 2.39 -4.32
C VAL A 44 -5.34 1.08 -5.12
N ALA A 45 -4.95 1.20 -6.39
CA ALA A 45 -4.89 0.07 -7.31
C ALA A 45 -3.64 -0.78 -7.07
N TYR A 46 -2.64 -0.20 -6.39
CA TYR A 46 -1.48 -0.95 -5.88
C TYR A 46 -1.88 -1.75 -4.62
N ALA A 47 -2.65 -1.12 -3.73
CA ALA A 47 -3.01 -1.71 -2.44
C ALA A 47 -4.22 -2.65 -2.55
N LYS A 48 -5.06 -2.43 -3.58
CA LYS A 48 -6.19 -3.31 -3.88
C LYS A 48 -5.71 -4.69 -4.35
N LYS A 49 -4.48 -4.71 -4.90
CA LYS A 49 -3.88 -5.90 -5.51
C LYS A 49 -3.17 -6.79 -4.47
N VAL A 50 -2.53 -6.16 -3.47
CA VAL A 50 -1.61 -6.88 -2.56
C VAL A 50 -2.33 -7.85 -1.61
N GLU A 51 -3.54 -7.48 -1.15
CA GLU A 51 -4.32 -8.29 -0.18
C GLU A 51 -4.47 -9.76 -0.63
N GLY A 52 -4.66 -9.96 -1.95
CA GLY A 52 -4.84 -11.29 -2.53
C GLY A 52 -3.56 -12.13 -2.54
N ASP A 53 -2.41 -11.45 -2.43
CA ASP A 53 -1.11 -12.12 -2.34
C ASP A 53 -0.84 -12.58 -0.90
N MET A 54 -1.55 -11.97 0.07
CA MET A 54 -1.47 -12.38 1.48
C MET A 54 -2.38 -13.59 1.76
N TYR A 55 -3.40 -13.77 0.91
CA TYR A 55 -4.39 -14.83 1.08
C TYR A 55 -3.84 -16.20 0.65
N GLU A 56 -2.94 -16.18 -0.35
CA GLU A 56 -2.31 -17.39 -0.86
C GLU A 56 -1.02 -17.73 -0.09
N SER A 57 -0.38 -16.70 0.49
CA SER A 57 0.93 -16.85 1.14
C SER A 57 0.82 -17.08 2.65
N ALA A 58 -0.12 -16.36 3.30
CA ALA A 58 -0.27 -16.45 4.76
C ALA A 58 -1.27 -17.54 5.16
N ASN A 59 -0.99 -18.17 6.32
CA ASN A 59 -1.85 -19.25 6.85
C ASN A 59 -2.47 -18.85 8.21
N SER A 60 -2.06 -17.70 8.75
CA SER A 60 -2.52 -17.22 10.05
C SER A 60 -2.94 -15.75 9.99
N ARG A 61 -3.69 -15.31 11.01
CA ARG A 61 -4.17 -13.92 11.11
C ARG A 61 -3.02 -12.95 11.46
N ASP A 62 -2.01 -13.46 12.17
CA ASP A 62 -0.86 -12.65 12.59
C ASP A 62 0.17 -12.49 11.47
N GLU A 63 0.20 -13.45 10.52
CA GLU A 63 1.08 -13.38 9.36
C GLU A 63 0.43 -12.58 8.23
N TYR A 64 -0.85 -12.86 7.98
CA TYR A 64 -1.65 -12.15 6.96
C TYR A 64 -1.60 -10.61 7.18
N TYR A 65 -1.95 -10.17 8.40
CA TYR A 65 -1.90 -8.76 8.78
C TYR A 65 -0.47 -8.19 8.87
N HIS A 66 0.54 -9.09 8.93
CA HIS A 66 1.96 -8.68 9.04
C HIS A 66 2.57 -8.37 7.67
N LEU A 67 2.17 -9.15 6.66
CA LEU A 67 2.63 -8.96 5.27
C LEU A 67 2.15 -7.63 4.68
N LEU A 68 0.92 -7.24 5.03
CA LEU A 68 0.37 -5.91 4.67
C LEU A 68 1.00 -4.78 5.51
N ALA A 69 1.46 -5.12 6.73
CA ALA A 69 2.07 -4.15 7.65
C ALA A 69 3.55 -3.89 7.33
N GLU A 70 4.22 -4.91 6.75
CA GLU A 70 5.65 -4.79 6.39
C GLU A 70 5.87 -3.85 5.19
N LYS A 71 4.94 -3.85 4.22
CA LYS A 71 4.96 -2.87 3.10
C LYS A 71 4.71 -1.47 3.66
N ILE A 72 3.96 -1.41 4.77
CA ILE A 72 3.56 -0.15 5.40
C ILE A 72 4.78 0.55 6.05
N TYR A 73 5.67 -0.22 6.65
CA TYR A 73 6.91 0.30 7.24
C TYR A 73 8.00 0.45 6.17
N LYS A 74 7.92 -0.42 5.16
CA LYS A 74 8.90 -0.47 4.06
C LYS A 74 8.70 0.69 3.05
N ILE A 75 7.47 1.21 2.93
CA ILE A 75 7.18 2.37 2.08
C ILE A 75 7.52 3.68 2.83
N GLN A 76 7.43 3.61 4.16
CA GLN A 76 7.84 4.71 5.06
C GLN A 76 9.35 4.98 4.99
N LYS A 77 10.12 3.98 4.50
CA LYS A 77 11.58 4.10 4.36
C LYS A 77 11.97 5.01 3.18
N GLU A 78 11.26 4.86 2.05
CA GLU A 78 11.57 5.59 0.81
C GLU A 78 11.24 7.09 0.92
N LEU A 79 10.11 7.40 1.58
CA LEU A 79 9.74 8.79 1.91
C LEU A 79 10.75 9.47 2.85
N GLU A 80 11.52 8.64 3.59
CA GLU A 80 12.54 9.14 4.53
C GLU A 80 13.88 9.37 3.80
N GLU A 81 14.04 8.73 2.62
CA GLU A 81 15.24 8.89 1.80
C GLU A 81 15.23 10.24 1.06
N LYS A 82 14.03 10.78 0.82
CA LYS A 82 13.85 12.10 0.21
C LYS A 82 13.88 13.22 1.27
N ARG A 83 13.69 12.82 2.54
CA ARG A 83 13.58 13.78 3.65
C ARG A 83 14.96 14.19 4.19
N ARG A 84 15.84 13.19 4.43
CA ARG A 84 17.15 13.44 5.05
C ARG A 84 18.24 13.71 3.99
N SER A 85 18.30 12.83 2.97
CA SER A 85 19.32 12.93 1.93
C SER A 85 18.77 13.55 0.62
N ARG A 86 17.43 13.68 0.54
CA ARG A 86 16.72 14.26 -0.63
C ARG A 86 16.81 13.35 -1.88
N LEU A 87 17.47 12.19 -1.73
CA LEU A 87 17.58 11.20 -2.81
C LEU A 87 16.93 9.89 -2.41
N GLY B 1 11.04 -29.49 -1.13
CA GLY B 1 11.85 -28.57 -1.97
C GLY B 1 11.15 -27.25 -2.23
N SER B 2 11.84 -26.14 -1.90
CA SER B 2 11.33 -24.76 -2.08
C SER B 2 10.06 -24.49 -1.22
N PRO B 3 10.09 -23.51 -0.26
CA PRO B 3 8.93 -23.21 0.61
C PRO B 3 7.79 -22.46 -0.10
N GLY B 4 8.13 -21.77 -1.20
CA GLY B 4 7.15 -21.01 -1.95
C GLY B 4 7.73 -20.35 -3.19
N TYR B 5 8.84 -19.61 -3.02
CA TYR B 5 9.54 -18.89 -4.10
C TYR B 5 8.61 -17.84 -4.78
N PRO B 6 8.53 -16.58 -4.24
CA PRO B 6 7.69 -15.51 -4.83
C PRO B 6 8.23 -15.01 -6.17
N ASN B 7 7.32 -14.47 -7.00
CA ASN B 7 7.67 -13.94 -8.32
C ASN B 7 7.80 -12.41 -8.25
N GLY B 8 8.91 -11.89 -8.79
CA GLY B 8 9.16 -10.46 -8.80
C GLY B 8 10.45 -10.09 -8.07
N LEU B 9 11.50 -9.82 -8.85
CA LEU B 9 12.80 -9.45 -8.31
C LEU B 9 13.26 -8.12 -8.91
N LEU B 10 13.66 -7.19 -8.03
CA LEU B 10 14.12 -5.83 -8.39
C LEU B 10 13.02 -5.00 -9.10
N SER B 11 11.95 -5.69 -9.51
CA SER B 11 10.80 -5.05 -10.17
C SER B 11 9.48 -5.45 -9.47
N GLY B 12 9.60 -6.01 -8.26
CA GLY B 12 8.44 -6.47 -7.51
C GLY B 12 7.93 -5.44 -6.51
N ASP B 13 8.85 -4.88 -5.71
CA ASP B 13 8.51 -3.88 -4.69
C ASP B 13 9.32 -2.60 -4.91
N GLU B 14 10.17 -2.63 -5.94
CA GLU B 14 11.05 -1.51 -6.29
C GLU B 14 10.52 -0.71 -7.48
N ASP B 15 9.43 -1.19 -8.05
CA ASP B 15 8.84 -0.61 -9.27
C ASP B 15 7.82 0.50 -8.93
N PHE B 16 7.10 0.36 -7.81
CA PHE B 16 6.11 1.38 -7.42
C PHE B 16 6.75 2.48 -6.56
N SER B 17 7.99 2.23 -6.13
CA SER B 17 8.77 3.19 -5.33
C SER B 17 9.16 4.43 -6.16
N SER B 18 9.13 4.26 -7.49
CA SER B 18 9.36 5.37 -8.43
C SER B 18 8.07 6.16 -8.66
N ILE B 19 6.94 5.47 -8.50
CA ILE B 19 5.61 6.08 -8.66
C ILE B 19 5.13 6.72 -7.35
N ALA B 20 5.63 6.21 -6.21
CA ALA B 20 5.16 6.65 -4.89
C ALA B 20 5.83 7.97 -4.44
N ASP B 21 6.85 8.36 -5.17
CA ASP B 21 7.52 9.65 -4.98
C ASP B 21 7.06 10.63 -6.07
N MET B 22 6.37 10.09 -7.08
CA MET B 22 5.74 10.88 -8.15
C MET B 22 4.31 11.25 -7.76
N ASP B 23 3.68 10.39 -6.93
CA ASP B 23 2.29 10.57 -6.51
C ASP B 23 2.19 11.39 -5.21
N PHE B 24 3.29 11.42 -4.43
CA PHE B 24 3.33 12.16 -3.16
C PHE B 24 3.46 13.67 -3.40
N SER B 25 4.09 14.03 -4.53
CA SER B 25 4.26 15.44 -4.92
C SER B 25 3.01 16.00 -5.60
N ALA B 26 2.19 15.10 -6.19
CA ALA B 26 0.95 15.50 -6.88
C ALA B 26 -0.23 15.64 -5.90
N LEU B 27 -0.13 14.98 -4.74
CA LEU B 27 -1.17 15.03 -3.71
C LEU B 27 -1.07 16.30 -2.85
N LEU B 28 0.13 16.90 -2.80
CA LEU B 28 0.37 18.13 -2.03
C LEU B 28 0.04 19.37 -2.88
N SER B 29 0.27 19.25 -4.19
CA SER B 29 0.04 20.34 -5.15
C SER B 29 -1.46 20.54 -5.47
N GLN B 30 -2.29 19.53 -5.15
CA GLN B 30 -3.72 19.57 -5.46
C GLN B 30 -4.57 20.14 -4.31
N ILE B 31 -3.95 20.30 -3.14
CA ILE B 31 -4.63 20.82 -1.94
C ILE B 31 -4.28 22.30 -1.69
N SER B 32 -3.05 22.69 -2.04
CA SER B 32 -2.58 24.06 -1.84
C SER B 32 -2.67 24.87 -3.15
N SER B 33 -2.42 24.18 -4.29
CA SER B 33 -2.46 24.78 -5.64
C SER B 33 -1.47 25.95 -5.79
N GLY A 1 -15.08 -25.22 -2.89
CA GLY A 1 -13.63 -25.61 -2.90
C GLY A 1 -13.15 -26.07 -1.54
N VAL A 2 -12.09 -25.43 -1.04
CA VAL A 2 -11.50 -25.76 0.27
C VAL A 2 -12.18 -24.91 1.37
N ARG A 3 -12.42 -25.55 2.53
CA ARG A 3 -13.10 -24.90 3.65
C ARG A 3 -12.10 -24.26 4.60
N LYS A 4 -12.26 -22.97 4.85
CA LYS A 4 -11.34 -22.21 5.70
C LYS A 4 -12.08 -21.46 6.80
N GLY A 5 -11.58 -21.61 8.03
CA GLY A 5 -12.18 -20.96 9.19
C GLY A 5 -11.77 -19.50 9.36
N TRP A 6 -10.66 -19.11 8.72
CA TRP A 6 -10.13 -17.74 8.82
C TRP A 6 -10.79 -16.77 7.82
N HIS A 7 -11.43 -17.33 6.79
CA HIS A 7 -12.27 -16.55 5.87
C HIS A 7 -13.67 -16.30 6.45
N GLU A 8 -14.01 -17.02 7.53
CA GLU A 8 -15.34 -16.92 8.17
C GLU A 8 -15.48 -15.65 9.03
N HIS A 9 -14.40 -15.28 9.73
CA HIS A 9 -14.38 -14.05 10.54
C HIS A 9 -13.87 -12.86 9.72
N VAL A 10 -13.15 -13.13 8.63
CA VAL A 10 -12.68 -12.09 7.71
C VAL A 10 -13.77 -11.77 6.68
N THR A 11 -14.08 -10.46 6.56
CA THR A 11 -15.15 -10.00 5.69
C THR A 11 -14.62 -9.23 4.48
N GLN A 12 -15.55 -8.71 3.67
CA GLN A 12 -15.23 -7.77 2.59
C GLN A 12 -15.01 -6.36 3.16
N ASP A 13 -15.50 -6.15 4.40
CA ASP A 13 -15.36 -4.87 5.09
C ASP A 13 -13.98 -4.74 5.76
N LEU A 14 -13.35 -5.89 6.11
CA LEU A 14 -11.96 -5.90 6.61
C LEU A 14 -10.99 -5.45 5.53
N ARG A 15 -11.08 -6.06 4.33
CA ARG A 15 -10.12 -5.83 3.24
C ARG A 15 -10.05 -4.35 2.82
N SER A 16 -11.12 -3.60 3.12
CA SER A 16 -11.18 -2.16 2.83
C SER A 16 -10.50 -1.34 3.94
N HIS A 17 -10.57 -1.84 5.18
CA HIS A 17 -9.91 -1.21 6.34
C HIS A 17 -8.42 -1.58 6.38
N LEU A 18 -8.09 -2.70 5.73
CA LEU A 18 -6.72 -3.17 5.54
C LEU A 18 -6.01 -2.33 4.47
N VAL A 19 -6.82 -1.88 3.49
CA VAL A 19 -6.36 -1.01 2.41
C VAL A 19 -6.36 0.47 2.85
N HIS A 20 -7.29 0.83 3.76
CA HIS A 20 -7.34 2.18 4.34
C HIS A 20 -6.25 2.35 5.41
N LYS A 21 -5.70 1.21 5.86
CA LYS A 21 -4.59 1.17 6.83
C LYS A 21 -3.26 1.28 6.04
N LEU A 22 -3.36 0.84 4.81
CA LEU A 22 -2.25 0.75 3.86
C LEU A 22 -2.06 2.07 3.08
N VAL A 23 -3.17 2.70 2.69
CA VAL A 23 -3.18 3.99 1.98
C VAL A 23 -2.84 5.16 2.94
N GLN A 24 -3.03 4.96 4.24
CA GLN A 24 -2.76 6.01 5.24
C GLN A 24 -1.27 6.05 5.61
N ALA A 25 -0.60 4.90 5.50
CA ALA A 25 0.84 4.79 5.71
C ALA A 25 1.63 5.31 4.49
N ILE A 26 0.97 5.32 3.32
CA ILE A 26 1.57 5.84 2.09
C ILE A 26 1.31 7.35 1.99
N PHE A 27 0.02 7.74 1.98
CA PHE A 27 -0.37 9.14 2.07
C PHE A 27 -1.66 9.28 2.90
N PRO A 28 -1.58 9.80 4.17
CA PRO A 28 -2.78 10.07 4.98
C PRO A 28 -3.45 11.40 4.60
N THR A 29 -4.79 11.44 4.68
CA THR A 29 -5.55 12.63 4.31
C THR A 29 -6.78 12.84 5.21
N PRO A 30 -6.89 14.05 5.85
CA PRO A 30 -8.08 14.48 6.61
C PRO A 30 -9.41 14.29 5.85
N ASP A 31 -9.45 14.82 4.63
CA ASP A 31 -10.64 14.75 3.77
C ASP A 31 -10.68 13.45 2.96
N PRO A 32 -11.72 12.57 3.20
CA PRO A 32 -11.93 11.34 2.39
C PRO A 32 -12.24 11.60 0.90
N ALA A 33 -12.49 12.88 0.56
CA ALA A 33 -12.84 13.29 -0.81
C ALA A 33 -11.63 13.29 -1.76
N ALA A 34 -10.43 13.14 -1.18
CA ALA A 34 -9.18 13.08 -1.97
C ALA A 34 -8.92 11.67 -2.52
N LEU A 35 -9.61 10.68 -1.94
CA LEU A 35 -9.44 9.28 -2.30
C LEU A 35 -10.27 8.89 -3.54
N LYS A 36 -11.00 9.86 -4.09
CA LYS A 36 -11.85 9.65 -5.28
C LYS A 36 -11.20 10.23 -6.54
N ASP A 37 -9.91 10.55 -6.43
CA ASP A 37 -9.15 11.18 -7.52
C ASP A 37 -8.53 10.11 -8.45
N ARG A 38 -8.23 10.52 -9.68
CA ARG A 38 -7.71 9.62 -10.73
C ARG A 38 -6.22 9.36 -10.52
N ARG A 39 -5.52 10.41 -10.09
CA ARG A 39 -4.07 10.36 -9.81
C ARG A 39 -3.77 9.57 -8.53
N MET A 40 -4.76 9.48 -7.64
CA MET A 40 -4.65 8.72 -6.39
C MET A 40 -5.05 7.26 -6.58
N GLU A 41 -6.05 7.04 -7.45
CA GLU A 41 -6.58 5.70 -7.77
C GLU A 41 -5.46 4.73 -8.26
N ASN A 42 -4.34 5.29 -8.73
CA ASN A 42 -3.20 4.50 -9.23
C ASN A 42 -2.54 3.67 -8.12
N LEU A 43 -2.39 4.26 -6.92
CA LEU A 43 -1.76 3.56 -5.80
C LEU A 43 -2.78 2.74 -5.01
N VAL A 44 -4.06 3.19 -5.04
CA VAL A 44 -5.18 2.41 -4.50
C VAL A 44 -5.25 1.04 -5.21
N ALA A 45 -4.88 1.05 -6.49
CA ALA A 45 -4.81 -0.15 -7.31
C ALA A 45 -3.53 -0.96 -7.01
N TYR A 46 -2.55 -0.29 -6.38
CA TYR A 46 -1.33 -0.93 -5.86
C TYR A 46 -1.61 -1.62 -4.51
N ALA A 47 -2.50 -1.02 -3.72
CA ALA A 47 -2.84 -1.55 -2.40
C ALA A 47 -3.93 -2.62 -2.46
N LYS A 48 -4.89 -2.45 -3.40
CA LYS A 48 -6.02 -3.36 -3.56
C LYS A 48 -5.57 -4.76 -4.05
N LYS A 49 -4.43 -4.81 -4.74
CA LYS A 49 -3.88 -6.05 -5.27
C LYS A 49 -3.03 -6.82 -4.25
N VAL A 50 -2.39 -6.10 -3.32
CA VAL A 50 -1.52 -6.73 -2.31
C VAL A 50 -2.35 -7.46 -1.22
N GLU A 51 -3.50 -6.87 -0.87
CA GLU A 51 -4.41 -7.44 0.15
C GLU A 51 -5.01 -8.78 -0.32
N GLY A 52 -5.18 -8.92 -1.65
CA GLY A 52 -5.73 -10.15 -2.23
C GLY A 52 -4.69 -11.25 -2.41
N ASP A 53 -3.41 -10.85 -2.46
CA ASP A 53 -2.29 -11.80 -2.57
C ASP A 53 -1.89 -12.34 -1.18
N MET A 54 -2.31 -11.62 -0.13
CA MET A 54 -2.03 -11.99 1.26
C MET A 54 -2.80 -13.24 1.72
N TYR A 55 -3.94 -13.53 1.07
CA TYR A 55 -4.76 -14.70 1.40
C TYR A 55 -4.13 -15.99 0.85
N GLU A 56 -3.46 -15.89 -0.30
CA GLU A 56 -2.81 -17.03 -0.95
C GLU A 56 -1.37 -17.24 -0.44
N SER A 57 -0.78 -16.18 0.14
CA SER A 57 0.60 -16.22 0.62
C SER A 57 0.68 -16.54 2.12
N ALA A 58 -0.31 -16.09 2.89
CA ALA A 58 -0.33 -16.30 4.34
C ALA A 58 -1.18 -17.52 4.72
N ASN A 59 -0.71 -18.27 5.72
CA ASN A 59 -1.42 -19.47 6.20
C ASN A 59 -1.97 -19.27 7.63
N SER A 60 -1.58 -18.15 8.26
CA SER A 60 -2.02 -17.84 9.63
C SER A 60 -2.50 -16.39 9.73
N ARG A 61 -3.09 -16.03 10.88
CA ARG A 61 -3.65 -14.70 11.12
C ARG A 61 -2.58 -13.64 11.40
N ASP A 62 -1.48 -14.06 12.06
CA ASP A 62 -0.39 -13.15 12.41
C ASP A 62 0.56 -12.92 11.23
N GLU A 63 0.54 -13.83 10.24
CA GLU A 63 1.33 -13.68 9.02
C GLU A 63 0.55 -12.85 7.99
N TYR A 64 -0.77 -13.04 7.96
CA TYR A 64 -1.67 -12.28 7.09
C TYR A 64 -1.59 -10.77 7.36
N TYR A 65 -1.81 -10.37 8.63
CA TYR A 65 -1.79 -8.97 9.03
C TYR A 65 -0.38 -8.36 9.09
N HIS A 66 0.66 -9.21 9.11
CA HIS A 66 2.06 -8.73 9.20
C HIS A 66 2.64 -8.39 7.83
N LEU A 67 2.32 -9.21 6.81
CA LEU A 67 2.73 -8.99 5.42
C LEU A 67 2.31 -7.59 4.90
N LEU A 68 1.08 -7.19 5.23
CA LEU A 68 0.57 -5.84 4.92
C LEU A 68 1.29 -4.76 5.76
N ALA A 69 1.66 -5.13 6.99
CA ALA A 69 2.43 -4.24 7.87
C ALA A 69 3.89 -4.11 7.40
N GLU A 70 4.37 -5.16 6.69
CA GLU A 70 5.73 -5.17 6.13
C GLU A 70 5.92 -4.15 5.03
N LYS A 71 4.95 -4.06 4.10
CA LYS A 71 4.99 -3.05 3.03
C LYS A 71 4.78 -1.66 3.64
N ILE A 72 4.11 -1.62 4.80
CA ILE A 72 3.82 -0.37 5.51
C ILE A 72 5.11 0.19 6.14
N TYR A 73 6.03 -0.70 6.49
CA TYR A 73 7.30 -0.30 7.09
C TYR A 73 8.33 0.07 6.01
N LYS A 74 8.24 -0.61 4.85
CA LYS A 74 9.21 -0.44 3.74
C LYS A 74 8.93 0.84 2.93
N ILE A 75 7.65 1.22 2.83
CA ILE A 75 7.24 2.45 2.14
C ILE A 75 7.54 3.66 3.03
N GLN A 76 7.50 3.44 4.34
CA GLN A 76 7.91 4.43 5.34
C GLN A 76 9.42 4.68 5.34
N LYS A 77 10.18 3.72 4.77
CA LYS A 77 11.65 3.84 4.63
C LYS A 77 12.04 4.77 3.48
N GLU A 78 11.33 4.66 2.35
CA GLU A 78 11.59 5.46 1.15
C GLU A 78 11.14 6.92 1.33
N LEU A 79 9.96 7.09 1.94
CA LEU A 79 9.41 8.41 2.28
C LEU A 79 10.18 9.08 3.43
N GLU A 80 10.93 8.28 4.20
CA GLU A 80 11.75 8.78 5.33
C GLU A 80 12.89 9.70 4.84
N GLU A 81 13.23 9.58 3.54
CA GLU A 81 14.22 10.47 2.89
C GLU A 81 13.62 11.86 2.64
N LYS A 82 12.27 11.93 2.60
CA LYS A 82 11.54 13.20 2.48
C LYS A 82 11.32 13.86 3.84
N ARG A 83 11.45 13.05 4.91
CA ARG A 83 11.25 13.51 6.29
C ARG A 83 12.50 14.21 6.84
N ARG A 84 13.65 13.98 6.18
CA ARG A 84 14.94 14.55 6.60
C ARG A 84 15.20 15.90 5.93
N SER A 85 14.88 15.98 4.63
CA SER A 85 15.13 17.18 3.82
C SER A 85 14.06 18.28 4.02
N ARG A 86 12.87 17.87 4.46
CA ARG A 86 11.75 18.81 4.67
C ARG A 86 11.71 19.31 6.13
N LEU A 87 12.52 18.69 6.99
CA LEU A 87 12.62 19.05 8.40
C LEU A 87 14.03 19.51 8.74
N GLY B 1 13.72 -12.35 15.89
CA GLY B 1 15.17 -12.63 15.85
C GLY B 1 15.49 -13.95 15.16
N SER B 2 15.66 -13.89 13.83
CA SER B 2 15.97 -15.07 13.03
C SER B 2 17.38 -14.96 12.40
N PRO B 3 18.27 -15.99 12.55
CA PRO B 3 19.63 -15.97 11.97
C PRO B 3 19.63 -16.17 10.45
N GLY B 4 20.47 -15.39 9.75
CA GLY B 4 20.59 -15.48 8.31
C GLY B 4 20.13 -14.21 7.61
N TYR B 5 20.90 -13.77 6.61
CA TYR B 5 20.58 -12.56 5.85
C TYR B 5 20.21 -12.93 4.39
N PRO B 6 18.88 -12.99 4.04
CA PRO B 6 18.43 -13.30 2.66
C PRO B 6 18.82 -12.23 1.63
N ASN B 7 19.20 -12.68 0.44
CA ASN B 7 19.61 -11.77 -0.65
C ASN B 7 18.82 -12.07 -1.93
N GLY B 8 18.37 -11.00 -2.60
CA GLY B 8 17.62 -11.14 -3.85
C GLY B 8 16.31 -10.36 -3.85
N LEU B 9 16.30 -9.21 -3.16
CA LEU B 9 15.12 -8.36 -3.09
C LEU B 9 15.44 -6.93 -3.56
N LEU B 10 16.52 -6.79 -4.33
CA LEU B 10 17.01 -5.47 -4.78
C LEU B 10 16.04 -4.84 -5.80
N SER B 11 14.97 -5.58 -6.12
CA SER B 11 13.95 -5.15 -7.08
C SER B 11 12.59 -5.77 -6.72
N GLY B 12 11.85 -5.08 -5.86
CA GLY B 12 10.55 -5.57 -5.40
C GLY B 12 9.70 -4.49 -4.76
N ASP B 13 10.32 -3.65 -3.94
CA ASP B 13 9.64 -2.55 -3.25
C ASP B 13 10.20 -1.19 -3.69
N GLU B 14 11.16 -1.25 -4.62
CA GLU B 14 11.87 -0.07 -5.11
C GLU B 14 11.26 0.48 -6.40
N ASP B 15 10.27 -0.23 -6.91
CA ASP B 15 9.61 0.10 -8.18
C ASP B 15 8.49 1.13 -7.96
N PHE B 16 7.78 1.04 -6.83
CA PHE B 16 6.73 1.97 -6.47
C PHE B 16 7.30 3.17 -5.69
N SER B 17 8.56 3.05 -5.26
CA SER B 17 9.26 4.12 -4.52
C SER B 17 9.51 5.36 -5.39
N SER B 18 9.50 5.16 -6.73
CA SER B 18 9.65 6.24 -7.69
C SER B 18 8.30 6.86 -8.05
N ILE B 19 7.22 6.08 -7.88
CA ILE B 19 5.85 6.53 -8.19
C ILE B 19 5.24 7.26 -6.97
N ALA B 20 5.64 6.84 -5.76
CA ALA B 20 5.07 7.42 -4.53
C ALA B 20 5.73 8.74 -4.14
N ASP B 21 6.84 9.04 -4.80
CA ASP B 21 7.55 10.32 -4.62
C ASP B 21 7.17 11.29 -5.74
N MET B 22 6.53 10.74 -6.79
CA MET B 22 5.97 11.53 -7.89
C MET B 22 4.49 11.85 -7.61
N ASP B 23 3.84 10.98 -6.84
CA ASP B 23 2.42 11.11 -6.51
C ASP B 23 2.20 11.87 -5.20
N PHE B 24 3.25 11.95 -4.35
CA PHE B 24 3.16 12.65 -3.06
C PHE B 24 3.14 14.18 -3.25
N SER B 25 3.72 14.64 -4.37
CA SER B 25 3.76 16.06 -4.71
C SER B 25 2.45 16.52 -5.36
N ALA B 26 1.73 15.58 -5.99
CA ALA B 26 0.46 15.87 -6.66
C ALA B 26 -0.73 15.84 -5.68
N LEU B 27 -0.55 15.14 -4.55
CA LEU B 27 -1.59 15.00 -3.52
C LEU B 27 -1.61 16.20 -2.56
N LEU B 28 -0.53 17.00 -2.55
CA LEU B 28 -0.45 18.20 -1.70
C LEU B 28 -1.25 19.36 -2.32
N SER B 29 -1.09 19.51 -3.64
CA SER B 29 -1.83 20.50 -4.43
C SER B 29 -3.27 20.06 -4.70
N GLN B 30 -3.55 18.76 -4.50
CA GLN B 30 -4.86 18.15 -4.79
C GLN B 30 -5.91 18.53 -3.74
N ILE B 31 -5.45 18.81 -2.53
CA ILE B 31 -6.33 19.18 -1.41
C ILE B 31 -6.27 20.69 -1.09
N SER B 32 -5.20 21.35 -1.55
CA SER B 32 -5.00 22.78 -1.31
C SER B 32 -5.52 23.62 -2.48
N SER B 33 -5.32 23.13 -3.71
CA SER B 33 -5.77 23.82 -4.92
C SER B 33 -6.82 23.00 -5.66
N GLY A 1 -10.68 -21.00 0.32
CA GLY A 1 -10.96 -22.44 0.08
C GLY A 1 -11.69 -23.10 1.25
N VAL A 2 -10.91 -23.58 2.23
CA VAL A 2 -11.47 -24.23 3.42
C VAL A 2 -11.70 -23.19 4.52
N ARG A 3 -12.63 -23.49 5.45
CA ARG A 3 -13.05 -22.54 6.48
C ARG A 3 -12.22 -22.69 7.76
N LYS A 4 -11.60 -21.59 8.16
CA LYS A 4 -10.75 -21.55 9.36
C LYS A 4 -11.13 -20.37 10.26
N GLY A 5 -10.33 -20.11 11.32
CA GLY A 5 -10.63 -19.04 12.28
C GLY A 5 -10.62 -17.63 11.67
N TRP A 6 -9.67 -17.38 10.75
CA TRP A 6 -9.50 -16.05 10.13
C TRP A 6 -10.67 -15.68 9.21
N HIS A 7 -11.23 -16.68 8.52
CA HIS A 7 -12.38 -16.47 7.62
C HIS A 7 -13.68 -16.16 8.41
N GLU A 8 -13.64 -16.39 9.73
CA GLU A 8 -14.80 -16.16 10.61
C GLU A 8 -14.91 -14.68 11.03
N HIS A 9 -13.78 -13.96 11.04
CA HIS A 9 -13.76 -12.55 11.42
C HIS A 9 -13.44 -11.61 10.26
N VAL A 10 -12.76 -12.12 9.22
CA VAL A 10 -12.42 -11.29 8.05
C VAL A 10 -13.62 -11.16 7.12
N THR A 11 -13.99 -9.91 6.81
CA THR A 11 -15.12 -9.60 5.93
C THR A 11 -14.64 -8.98 4.62
N GLN A 12 -15.60 -8.59 3.78
CA GLN A 12 -15.35 -7.73 2.63
C GLN A 12 -15.06 -6.29 3.11
N ASP A 13 -15.45 -5.98 4.35
CA ASP A 13 -15.25 -4.65 4.95
C ASP A 13 -13.85 -4.47 5.53
N LEU A 14 -13.30 -5.51 6.17
CA LEU A 14 -11.93 -5.46 6.71
C LEU A 14 -10.89 -5.27 5.60
N ARG A 15 -11.00 -6.05 4.52
CA ARG A 15 -10.03 -6.03 3.40
C ARG A 15 -9.93 -4.62 2.79
N SER A 16 -11.02 -3.88 2.86
CA SER A 16 -11.09 -2.48 2.40
C SER A 16 -10.48 -1.53 3.43
N HIS A 17 -10.53 -1.94 4.71
CA HIS A 17 -9.95 -1.16 5.83
C HIS A 17 -8.45 -1.44 5.98
N LEU A 18 -8.01 -2.57 5.43
CA LEU A 18 -6.58 -2.96 5.39
C LEU A 18 -5.87 -2.19 4.27
N VAL A 19 -6.60 -2.00 3.16
CA VAL A 19 -6.20 -1.15 2.03
C VAL A 19 -6.28 0.34 2.42
N HIS A 20 -7.29 0.69 3.24
CA HIS A 20 -7.43 2.05 3.78
C HIS A 20 -6.39 2.31 4.88
N LYS A 21 -5.82 1.21 5.40
CA LYS A 21 -4.73 1.26 6.38
C LYS A 21 -3.40 1.44 5.65
N LEU A 22 -3.42 1.05 4.37
CA LEU A 22 -2.26 1.06 3.49
C LEU A 22 -2.09 2.42 2.81
N VAL A 23 -3.22 2.98 2.33
CA VAL A 23 -3.24 4.28 1.64
C VAL A 23 -2.97 5.45 2.62
N GLN A 24 -3.26 5.23 3.91
CA GLN A 24 -3.04 6.26 4.95
C GLN A 24 -1.59 6.23 5.46
N ALA A 25 -0.96 5.04 5.38
CA ALA A 25 0.45 4.87 5.72
C ALA A 25 1.37 5.44 4.62
N ILE A 26 0.87 5.42 3.38
CA ILE A 26 1.62 5.96 2.24
C ILE A 26 1.24 7.45 2.03
N PHE A 27 -0.05 7.78 2.18
CA PHE A 27 -0.54 9.15 2.14
C PHE A 27 -1.54 9.40 3.30
N PRO A 28 -1.11 10.05 4.44
CA PRO A 28 -2.03 10.43 5.53
C PRO A 28 -2.85 11.68 5.18
N THR A 29 -4.17 11.62 5.46
CA THR A 29 -5.07 12.73 5.18
C THR A 29 -6.25 12.78 6.17
N PRO A 30 -6.46 13.95 6.84
CA PRO A 30 -7.65 14.21 7.70
C PRO A 30 -9.00 13.94 7.01
N ASP A 31 -9.17 14.54 5.83
CA ASP A 31 -10.42 14.46 5.07
C ASP A 31 -10.45 13.22 4.14
N PRO A 32 -11.47 12.30 4.32
CA PRO A 32 -11.68 11.15 3.40
C PRO A 32 -12.04 11.55 1.95
N ALA A 33 -12.31 12.85 1.74
CA ALA A 33 -12.73 13.37 0.43
C ALA A 33 -11.56 13.53 -0.56
N ALA A 34 -10.33 13.33 -0.06
CA ALA A 34 -9.11 13.43 -0.87
C ALA A 34 -8.83 12.13 -1.66
N LEU A 35 -9.62 11.09 -1.37
CA LEU A 35 -9.43 9.76 -1.94
C LEU A 35 -10.07 9.61 -3.33
N LYS A 36 -10.62 10.71 -3.85
CA LYS A 36 -11.34 10.72 -5.14
C LYS A 36 -10.44 11.21 -6.29
N ASP A 37 -9.14 11.25 -6.01
CA ASP A 37 -8.14 11.75 -6.97
C ASP A 37 -7.76 10.68 -7.99
N ARG A 38 -7.31 11.13 -9.18
CA ARG A 38 -7.00 10.25 -10.32
C ARG A 38 -5.60 9.67 -10.20
N ARG A 39 -4.69 10.50 -9.69
CA ARG A 39 -3.29 10.10 -9.43
C ARG A 39 -3.20 9.05 -8.29
N MET A 40 -4.24 9.02 -7.45
CA MET A 40 -4.33 8.05 -6.34
C MET A 40 -4.80 6.67 -6.83
N GLU A 41 -5.75 6.65 -7.77
CA GLU A 41 -6.34 5.40 -8.29
C GLU A 41 -5.26 4.44 -8.85
N ASN A 42 -4.08 4.98 -9.20
CA ASN A 42 -2.93 4.18 -9.66
C ASN A 42 -2.18 3.55 -8.47
N LEU A 43 -2.23 4.22 -7.31
CA LEU A 43 -1.63 3.72 -6.06
C LEU A 43 -2.62 2.79 -5.34
N VAL A 44 -3.91 3.19 -5.30
CA VAL A 44 -5.00 2.37 -4.74
C VAL A 44 -5.08 1.01 -5.47
N ALA A 45 -4.67 1.00 -6.74
CA ALA A 45 -4.61 -0.23 -7.54
C ALA A 45 -3.37 -1.06 -7.19
N TYR A 46 -2.38 -0.41 -6.56
CA TYR A 46 -1.21 -1.10 -6.00
C TYR A 46 -1.58 -1.80 -4.68
N ALA A 47 -2.39 -1.12 -3.85
CA ALA A 47 -2.75 -1.64 -2.53
C ALA A 47 -3.94 -2.61 -2.63
N LYS A 48 -4.74 -2.50 -3.71
CA LYS A 48 -5.86 -3.40 -3.97
C LYS A 48 -5.37 -4.80 -4.36
N LYS A 49 -4.14 -4.86 -4.89
CA LYS A 49 -3.54 -6.09 -5.41
C LYS A 49 -2.86 -6.90 -4.29
N VAL A 50 -2.28 -6.19 -3.30
CA VAL A 50 -1.48 -6.83 -2.25
C VAL A 50 -2.34 -7.56 -1.21
N GLU A 51 -3.56 -7.04 -0.95
CA GLU A 51 -4.49 -7.63 0.03
C GLU A 51 -5.05 -8.97 -0.47
N GLY A 52 -5.16 -9.12 -1.80
CA GLY A 52 -5.67 -10.36 -2.40
C GLY A 52 -4.61 -11.46 -2.51
N ASP A 53 -3.34 -11.05 -2.50
CA ASP A 53 -2.21 -11.99 -2.52
C ASP A 53 -1.88 -12.46 -1.09
N MET A 54 -2.35 -11.70 -0.10
CA MET A 54 -2.14 -12.00 1.33
C MET A 54 -2.93 -13.23 1.79
N TYR A 55 -4.11 -13.46 1.21
CA TYR A 55 -4.99 -14.56 1.60
C TYR A 55 -4.51 -15.91 1.02
N GLU A 56 -3.78 -15.83 -0.10
CA GLU A 56 -3.20 -17.02 -0.74
C GLU A 56 -1.81 -17.34 -0.19
N SER A 57 -1.16 -16.33 0.39
CA SER A 57 0.21 -16.47 0.94
C SER A 57 0.20 -16.75 2.44
N ALA A 58 -0.82 -16.23 3.15
CA ALA A 58 -0.92 -16.38 4.61
C ALA A 58 -1.88 -17.50 5.01
N ASN A 59 -1.61 -18.09 6.18
CA ASN A 59 -2.44 -19.18 6.72
C ASN A 59 -3.02 -18.80 8.10
N SER A 60 -2.48 -17.72 8.70
CA SER A 60 -2.88 -17.30 10.04
C SER A 60 -3.18 -15.79 10.08
N ARG A 61 -3.69 -15.31 11.21
CA ARG A 61 -4.07 -13.89 11.39
C ARG A 61 -2.83 -13.00 11.58
N ASP A 62 -1.78 -13.54 12.20
CA ASP A 62 -0.55 -12.78 12.47
C ASP A 62 0.36 -12.72 11.23
N GLU A 63 0.17 -13.67 10.30
CA GLU A 63 0.90 -13.66 9.03
C GLU A 63 0.15 -12.80 7.99
N TYR A 64 -1.18 -12.94 7.96
CA TYR A 64 -2.04 -12.17 7.06
C TYR A 64 -1.88 -10.65 7.26
N TYR A 65 -1.99 -10.21 8.52
CA TYR A 65 -1.86 -8.80 8.87
C TYR A 65 -0.40 -8.27 8.86
N HIS A 66 0.58 -9.20 8.89
CA HIS A 66 2.00 -8.80 8.92
C HIS A 66 2.55 -8.55 7.51
N LEU A 67 2.09 -9.34 6.54
CA LEU A 67 2.45 -9.18 5.12
C LEU A 67 2.10 -7.79 4.57
N LEU A 68 0.95 -7.28 5.00
CA LEU A 68 0.51 -5.91 4.68
C LEU A 68 1.30 -4.85 5.47
N ALA A 69 1.65 -5.18 6.71
CA ALA A 69 2.36 -4.25 7.61
C ALA A 69 3.84 -4.10 7.22
N GLU A 70 4.41 -5.15 6.62
CA GLU A 70 5.83 -5.14 6.21
C GLU A 70 6.07 -4.28 4.97
N LYS A 71 5.08 -4.19 4.07
CA LYS A 71 5.13 -3.24 2.95
C LYS A 71 4.97 -1.81 3.47
N ILE A 72 4.23 -1.70 4.59
CA ILE A 72 3.93 -0.41 5.22
C ILE A 72 5.20 0.19 5.85
N TYR A 73 6.12 -0.68 6.29
CA TYR A 73 7.37 -0.25 6.91
C TYR A 73 8.44 0.04 5.86
N LYS A 74 8.43 -0.74 4.75
CA LYS A 74 9.45 -0.62 3.68
C LYS A 74 9.21 0.62 2.80
N ILE A 75 7.94 0.98 2.60
CA ILE A 75 7.57 2.19 1.86
C ILE A 75 7.90 3.44 2.70
N GLN A 76 7.77 3.29 4.02
CA GLN A 76 8.10 4.34 4.99
C GLN A 76 9.63 4.56 5.10
N LYS A 77 10.42 3.56 4.68
CA LYS A 77 11.89 3.63 4.71
C LYS A 77 12.43 4.54 3.59
N GLU A 78 11.80 4.47 2.41
CA GLU A 78 12.25 5.21 1.22
C GLU A 78 11.93 6.70 1.33
N LEU A 79 10.70 7.00 1.79
CA LEU A 79 10.25 8.39 1.98
C LEU A 79 10.92 9.05 3.19
N GLU A 80 11.48 8.22 4.10
CA GLU A 80 12.20 8.71 5.29
C GLU A 80 13.56 9.31 4.90
N GLU A 81 14.07 8.93 3.71
CA GLU A 81 15.31 9.50 3.15
C GLU A 81 15.07 10.91 2.60
N LYS A 82 13.80 11.19 2.24
CA LYS A 82 13.40 12.52 1.79
C LYS A 82 13.03 13.43 2.97
N ARG A 83 12.75 12.80 4.12
CA ARG A 83 12.38 13.52 5.35
C ARG A 83 13.63 13.91 6.16
N ARG A 84 14.76 13.23 5.90
CA ARG A 84 16.03 13.52 6.57
C ARG A 84 16.85 14.57 5.80
N SER A 85 16.40 14.91 4.58
CA SER A 85 17.08 15.89 3.73
C SER A 85 16.52 17.30 3.91
N ARG A 86 15.22 17.40 4.24
CA ARG A 86 14.55 18.68 4.43
C ARG A 86 14.68 19.17 5.87
N LEU A 87 14.05 18.45 6.78
CA LEU A 87 14.04 18.75 8.21
C LEU A 87 15.14 17.98 8.96
N GLY B 1 24.69 20.55 -9.54
CA GLY B 1 24.96 19.93 -8.21
C GLY B 1 26.17 19.02 -8.23
N SER B 2 25.96 17.75 -7.88
CA SER B 2 27.04 16.76 -7.86
C SER B 2 26.88 15.75 -9.01
N PRO B 3 27.95 15.51 -9.84
CA PRO B 3 27.87 14.56 -10.97
C PRO B 3 27.81 13.09 -10.54
N GLY B 4 26.97 12.32 -11.23
CA GLY B 4 26.80 10.90 -10.91
C GLY B 4 25.36 10.44 -11.03
N TYR B 5 25.18 9.17 -11.38
CA TYR B 5 23.85 8.58 -11.55
C TYR B 5 23.47 7.71 -10.33
N PRO B 6 22.18 7.72 -9.87
CA PRO B 6 21.77 7.01 -8.63
C PRO B 6 22.10 5.51 -8.62
N ASN B 7 21.44 4.74 -9.52
CA ASN B 7 21.63 3.27 -9.66
C ASN B 7 21.28 2.51 -8.37
N GLY B 8 20.36 1.56 -8.48
CA GLY B 8 19.95 0.76 -7.33
C GLY B 8 18.53 0.23 -7.46
N LEU B 9 18.36 -0.78 -8.30
CA LEU B 9 17.06 -1.43 -8.51
C LEU B 9 17.14 -2.94 -8.26
N LEU B 10 18.22 -3.36 -7.57
CA LEU B 10 18.51 -4.78 -7.39
C LEU B 10 17.62 -5.42 -6.31
N SER B 11 16.49 -4.76 -5.99
CA SER B 11 15.56 -5.26 -4.98
C SER B 11 14.10 -5.12 -5.44
N GLY B 12 13.75 -3.94 -5.98
CA GLY B 12 12.41 -3.70 -6.50
C GLY B 12 11.50 -2.97 -5.53
N ASP B 13 12.10 -2.26 -4.56
CA ASP B 13 11.33 -1.53 -3.53
C ASP B 13 11.78 -0.07 -3.46
N GLU B 14 12.73 0.30 -4.32
CA GLU B 14 13.29 1.64 -4.37
C GLU B 14 12.60 2.52 -5.40
N ASP B 15 11.67 1.92 -6.14
CA ASP B 15 10.92 2.58 -7.21
C ASP B 15 9.71 3.37 -6.65
N PHE B 16 9.41 3.19 -5.36
CA PHE B 16 8.28 3.87 -4.70
C PHE B 16 8.65 5.28 -4.24
N SER B 17 9.95 5.59 -4.27
CA SER B 17 10.45 6.93 -3.93
C SER B 17 10.13 7.94 -5.04
N SER B 18 9.99 7.44 -6.27
CA SER B 18 9.66 8.27 -7.44
C SER B 18 8.15 8.40 -7.65
N ILE B 19 7.43 7.29 -7.43
CA ILE B 19 5.98 7.23 -7.71
C ILE B 19 5.14 7.75 -6.52
N ALA B 20 5.55 7.41 -5.29
CA ALA B 20 4.76 7.79 -4.11
C ALA B 20 4.98 9.24 -3.70
N ASP B 21 6.05 9.83 -4.24
CA ASP B 21 6.37 11.25 -4.03
C ASP B 21 5.76 12.09 -5.15
N MET B 22 5.55 11.45 -6.31
CA MET B 22 4.76 12.02 -7.41
C MET B 22 3.27 11.95 -7.09
N ASP B 23 2.92 11.04 -6.19
CA ASP B 23 1.54 10.80 -5.77
C ASP B 23 1.08 11.86 -4.74
N PHE B 24 1.84 12.02 -3.62
CA PHE B 24 1.39 12.89 -2.53
C PHE B 24 1.55 14.39 -2.88
N SER B 25 2.38 14.67 -3.88
CA SER B 25 2.57 16.05 -4.38
C SER B 25 1.42 16.47 -5.31
N ALA B 26 0.73 15.47 -5.89
CA ALA B 26 -0.44 15.71 -6.74
C ALA B 26 -1.70 15.89 -5.90
N LEU B 27 -1.75 15.21 -4.74
CA LEU B 27 -2.81 15.36 -3.76
C LEU B 27 -2.54 16.56 -2.83
N LEU B 28 -1.30 17.06 -2.87
CA LEU B 28 -0.85 18.19 -2.04
C LEU B 28 -1.41 19.51 -2.59
N SER B 29 -1.44 19.63 -3.92
CA SER B 29 -1.94 20.82 -4.61
C SER B 29 -3.48 20.88 -4.60
N GLN B 30 -4.12 19.75 -4.30
CA GLN B 30 -5.59 19.64 -4.27
C GLN B 30 -6.22 20.23 -3.00
N ILE B 31 -5.37 20.52 -2.02
CA ILE B 31 -5.80 21.06 -0.72
C ILE B 31 -5.63 22.60 -0.69
N SER B 32 -4.61 23.10 -1.39
CA SER B 32 -4.33 24.54 -1.44
C SER B 32 -4.94 25.20 -2.67
N SER B 33 -4.88 24.50 -3.82
CA SER B 33 -5.42 25.01 -5.08
C SER B 33 -6.61 24.16 -5.52
N GLY A 1 -11.85 -25.37 0.83
CA GLY A 1 -10.61 -26.18 1.00
C GLY A 1 -10.34 -26.54 2.45
N VAL A 2 -9.36 -25.87 3.05
CA VAL A 2 -8.99 -26.10 4.45
C VAL A 2 -9.80 -25.19 5.37
N ARG A 3 -10.28 -25.74 6.50
CA ARG A 3 -11.15 -25.02 7.42
C ARG A 3 -10.34 -24.33 8.52
N LYS A 4 -10.52 -23.01 8.62
CA LYS A 4 -9.77 -22.16 9.56
C LYS A 4 -10.69 -21.11 10.20
N GLY A 5 -10.27 -20.63 11.38
CA GLY A 5 -11.07 -19.67 12.14
C GLY A 5 -10.93 -18.23 11.66
N TRP A 6 -9.88 -17.93 10.88
CA TRP A 6 -9.65 -16.59 10.32
C TRP A 6 -10.43 -16.38 9.01
N HIS A 7 -10.58 -17.47 8.25
CA HIS A 7 -11.28 -17.46 6.94
C HIS A 7 -12.77 -17.10 7.09
N GLU A 8 -13.42 -17.66 8.13
CA GLU A 8 -14.85 -17.38 8.40
C GLU A 8 -15.02 -16.10 9.21
N HIS A 9 -13.91 -15.58 9.73
CA HIS A 9 -13.89 -14.36 10.54
C HIS A 9 -13.59 -13.12 9.68
N VAL A 10 -12.87 -13.30 8.56
CA VAL A 10 -12.51 -12.19 7.67
C VAL A 10 -13.68 -11.85 6.73
N THR A 11 -14.00 -10.56 6.66
CA THR A 11 -15.10 -10.06 5.82
C THR A 11 -14.58 -9.39 4.55
N GLN A 12 -15.52 -8.97 3.69
CA GLN A 12 -15.22 -8.13 2.54
C GLN A 12 -15.02 -6.67 2.98
N ASP A 13 -15.51 -6.37 4.20
CA ASP A 13 -15.36 -5.03 4.79
C ASP A 13 -13.98 -4.87 5.44
N LEU A 14 -13.33 -5.99 5.82
CA LEU A 14 -11.95 -5.97 6.31
C LEU A 14 -10.97 -5.59 5.21
N ARG A 15 -11.08 -6.25 4.05
CA ARG A 15 -10.13 -6.05 2.93
C ARG A 15 -10.11 -4.60 2.43
N SER A 16 -11.20 -3.86 2.70
CA SER A 16 -11.30 -2.43 2.36
C SER A 16 -10.65 -1.56 3.44
N HIS A 17 -10.66 -2.06 4.69
CA HIS A 17 -10.05 -1.37 5.84
C HIS A 17 -8.55 -1.67 5.93
N LEU A 18 -8.13 -2.77 5.28
CA LEU A 18 -6.71 -3.16 5.17
C LEU A 18 -6.01 -2.29 4.11
N VAL A 19 -6.77 -1.96 3.06
CA VAL A 19 -6.38 -1.00 2.01
C VAL A 19 -6.41 0.44 2.56
N HIS A 20 -7.42 0.75 3.38
CA HIS A 20 -7.53 2.06 4.05
C HIS A 20 -6.48 2.22 5.15
N LYS A 21 -5.91 1.07 5.57
CA LYS A 21 -4.82 1.02 6.54
C LYS A 21 -3.48 1.20 5.80
N LEU A 22 -3.52 0.89 4.51
CA LEU A 22 -2.37 0.94 3.62
C LEU A 22 -2.18 2.33 3.01
N VAL A 23 -3.30 2.97 2.63
CA VAL A 23 -3.31 4.31 2.01
C VAL A 23 -2.95 5.42 3.04
N GLN A 24 -3.21 5.16 4.33
CA GLN A 24 -2.92 6.13 5.39
C GLN A 24 -1.45 6.11 5.80
N ALA A 25 -0.80 4.95 5.60
CA ALA A 25 0.63 4.80 5.86
C ALA A 25 1.47 5.38 4.73
N ILE A 26 0.97 5.25 3.49
CA ILE A 26 1.67 5.78 2.30
C ILE A 26 1.46 7.30 2.20
N PHE A 27 0.21 7.74 2.32
CA PHE A 27 -0.12 9.17 2.40
C PHE A 27 -1.26 9.40 3.43
N PRO A 28 -0.94 9.91 4.67
CA PRO A 28 -1.98 10.27 5.65
C PRO A 28 -2.68 11.59 5.32
N THR A 29 -4.01 11.62 5.44
CA THR A 29 -4.80 12.82 5.14
C THR A 29 -6.07 12.91 6.02
N PRO A 30 -6.26 14.07 6.72
CA PRO A 30 -7.49 14.39 7.48
C PRO A 30 -8.79 14.21 6.68
N ASP A 31 -8.84 14.86 5.51
CA ASP A 31 -10.03 14.86 4.64
C ASP A 31 -10.13 13.58 3.80
N PRO A 32 -11.23 12.76 3.99
CA PRO A 32 -11.51 11.58 3.13
C PRO A 32 -11.87 11.95 1.67
N ALA A 33 -12.07 13.25 1.42
CA ALA A 33 -12.46 13.75 0.08
C ALA A 33 -11.29 13.74 -0.92
N ALA A 34 -10.08 13.47 -0.42
CA ALA A 34 -8.88 13.39 -1.26
C ALA A 34 -8.75 12.05 -1.98
N LEU A 35 -9.56 11.07 -1.56
CA LEU A 35 -9.51 9.71 -2.09
C LEU A 35 -10.33 9.55 -3.38
N LYS A 36 -10.91 10.65 -3.87
CA LYS A 36 -11.77 10.64 -5.06
C LYS A 36 -11.01 11.21 -6.28
N ASP A 37 -9.68 11.33 -6.13
CA ASP A 37 -8.82 11.89 -7.16
C ASP A 37 -8.36 10.80 -8.15
N ARG A 38 -8.05 11.22 -9.39
CA ARG A 38 -7.69 10.32 -10.48
C ARG A 38 -6.24 9.87 -10.37
N ARG A 39 -5.40 10.80 -9.92
CA ARG A 39 -3.96 10.56 -9.73
C ARG A 39 -3.67 9.68 -8.50
N MET A 40 -4.63 9.63 -7.56
CA MET A 40 -4.50 8.83 -6.34
C MET A 40 -4.97 7.38 -6.56
N GLU A 41 -6.03 7.23 -7.37
CA GLU A 41 -6.60 5.91 -7.69
C GLU A 41 -5.58 4.90 -8.24
N ASN A 42 -4.44 5.42 -8.75
CA ASN A 42 -3.37 4.58 -9.30
C ASN A 42 -2.65 3.76 -8.21
N LEU A 43 -2.44 4.36 -7.03
CA LEU A 43 -1.79 3.68 -5.90
C LEU A 43 -2.83 2.91 -5.07
N VAL A 44 -4.07 3.44 -5.02
CA VAL A 44 -5.23 2.75 -4.43
C VAL A 44 -5.40 1.36 -5.08
N ALA A 45 -5.08 1.32 -6.39
CA ALA A 45 -5.15 0.09 -7.18
C ALA A 45 -3.91 -0.78 -6.96
N TYR A 46 -2.84 -0.18 -6.42
CA TYR A 46 -1.64 -0.90 -5.99
C TYR A 46 -1.90 -1.66 -4.67
N ALA A 47 -2.63 -1.03 -3.76
CA ALA A 47 -2.92 -1.62 -2.45
C ALA A 47 -4.13 -2.56 -2.49
N LYS A 48 -5.06 -2.29 -3.42
CA LYS A 48 -6.25 -3.12 -3.63
C LYS A 48 -5.90 -4.55 -4.04
N LYS A 49 -4.79 -4.71 -4.77
CA LYS A 49 -4.34 -5.99 -5.28
C LYS A 49 -3.47 -6.80 -4.30
N VAL A 50 -2.76 -6.13 -3.39
CA VAL A 50 -1.75 -6.81 -2.55
C VAL A 50 -2.38 -7.78 -1.52
N GLU A 51 -3.32 -7.28 -0.69
CA GLU A 51 -3.94 -8.09 0.39
C GLU A 51 -4.65 -9.36 -0.12
N GLY A 52 -5.00 -9.37 -1.42
CA GLY A 52 -5.59 -10.57 -2.03
C GLY A 52 -4.58 -11.70 -2.23
N ASP A 53 -3.29 -11.33 -2.27
CA ASP A 53 -2.18 -12.30 -2.35
C ASP A 53 -1.74 -12.76 -0.96
N MET A 54 -2.10 -11.97 0.07
CA MET A 54 -1.80 -12.30 1.48
C MET A 54 -2.66 -13.45 2.00
N TYR A 55 -3.80 -13.68 1.33
CA TYR A 55 -4.79 -14.70 1.72
C TYR A 55 -4.29 -16.11 1.37
N GLU A 56 -3.57 -16.23 0.24
CA GLU A 56 -3.04 -17.51 -0.23
C GLU A 56 -1.64 -17.81 0.35
N SER A 57 -0.90 -16.75 0.73
CA SER A 57 0.48 -16.88 1.21
C SER A 57 0.52 -17.14 2.72
N ALA A 58 -0.25 -16.38 3.49
CA ALA A 58 -0.30 -16.53 4.95
C ALA A 58 -1.27 -17.63 5.39
N ASN A 59 -0.93 -18.30 6.49
CA ASN A 59 -1.75 -19.38 7.05
C ASN A 59 -2.46 -18.94 8.34
N SER A 60 -2.03 -17.81 8.90
CA SER A 60 -2.57 -17.31 10.17
C SER A 60 -2.94 -15.83 10.07
N ARG A 61 -3.82 -15.38 10.98
CA ARG A 61 -4.36 -14.00 10.96
C ARG A 61 -3.32 -12.98 11.45
N ASP A 62 -2.37 -13.42 12.27
CA ASP A 62 -1.27 -12.57 12.75
C ASP A 62 -0.16 -12.46 11.71
N GLU A 63 -0.08 -13.47 10.81
CA GLU A 63 0.88 -13.47 9.70
C GLU A 63 0.30 -12.71 8.51
N TYR A 64 -0.98 -12.98 8.21
CA TYR A 64 -1.72 -12.31 7.11
C TYR A 64 -1.66 -10.78 7.23
N TYR A 65 -1.98 -10.27 8.42
CA TYR A 65 -1.86 -8.85 8.75
C TYR A 65 -0.40 -8.36 8.78
N HIS A 66 0.56 -9.29 8.85
CA HIS A 66 1.98 -8.95 8.97
C HIS A 66 2.64 -8.67 7.61
N LEU A 67 2.14 -9.31 6.54
CA LEU A 67 2.64 -9.04 5.18
C LEU A 67 2.29 -7.61 4.70
N LEU A 68 1.18 -7.07 5.22
CA LEU A 68 0.72 -5.71 4.86
C LEU A 68 1.35 -4.65 5.76
N ALA A 69 1.66 -5.04 7.02
CA ALA A 69 2.28 -4.12 7.98
C ALA A 69 3.78 -3.93 7.69
N GLU A 70 4.39 -4.92 7.03
CA GLU A 70 5.81 -4.85 6.65
C GLU A 70 6.03 -3.98 5.39
N LYS A 71 5.04 -3.96 4.48
CA LYS A 71 5.04 -3.01 3.34
C LYS A 71 4.81 -1.59 3.87
N ILE A 72 4.08 -1.51 5.00
CA ILE A 72 3.70 -0.23 5.62
C ILE A 72 4.92 0.47 6.23
N TYR A 73 5.82 -0.31 6.85
CA TYR A 73 7.05 0.22 7.43
C TYR A 73 8.13 0.38 6.34
N LYS A 74 8.04 -0.49 5.32
CA LYS A 74 9.00 -0.55 4.22
C LYS A 74 8.82 0.60 3.20
N ILE A 75 7.56 1.03 2.98
CA ILE A 75 7.27 2.17 2.09
C ILE A 75 7.64 3.50 2.79
N GLN A 76 7.52 3.49 4.12
CA GLN A 76 7.91 4.61 4.99
C GLN A 76 9.42 4.91 4.93
N LYS A 77 10.21 3.92 4.47
CA LYS A 77 11.67 4.06 4.35
C LYS A 77 12.06 4.88 3.11
N GLU A 78 11.39 4.58 1.99
CA GLU A 78 11.66 5.19 0.67
C GLU A 78 11.42 6.71 0.68
N LEU A 79 10.30 7.11 1.31
CA LEU A 79 9.97 8.54 1.46
C LEU A 79 10.96 9.29 2.38
N GLU A 80 11.72 8.53 3.19
CA GLU A 80 12.77 9.11 4.04
C GLU A 80 14.10 9.22 3.29
N GLU A 81 14.21 8.49 2.16
CA GLU A 81 15.40 8.55 1.29
C GLU A 81 15.44 9.84 0.47
N LYS A 82 14.25 10.44 0.26
CA LYS A 82 14.12 11.73 -0.44
C LYS A 82 14.32 12.90 0.54
N ARG A 83 14.20 12.61 1.85
CA ARG A 83 14.32 13.63 2.90
C ARG A 83 15.80 13.95 3.21
N ARG A 84 16.70 13.00 2.92
CA ARG A 84 18.13 13.14 3.22
C ARG A 84 18.89 13.74 2.03
N SER A 85 18.63 13.23 0.82
CA SER A 85 19.36 13.65 -0.39
C SER A 85 18.55 14.66 -1.22
N ARG A 86 17.21 14.43 -1.29
CA ARG A 86 16.24 15.30 -2.02
C ARG A 86 16.41 15.23 -3.54
N LEU A 87 17.44 14.49 -4.00
CA LEU A 87 17.69 14.31 -5.43
C LEU A 87 17.49 12.84 -5.82
N GLY B 1 21.72 22.52 -11.59
CA GLY B 1 21.88 21.03 -11.50
C GLY B 1 20.59 20.29 -11.78
N SER B 2 20.49 19.72 -12.99
CA SER B 2 19.30 18.97 -13.41
C SER B 2 19.56 17.46 -13.38
N PRO B 3 18.66 16.63 -12.75
CA PRO B 3 18.84 15.17 -12.65
C PRO B 3 18.64 14.44 -13.99
N GLY B 4 19.55 13.51 -14.29
CA GLY B 4 19.47 12.74 -15.53
C GLY B 4 19.28 11.25 -15.27
N TYR B 5 18.33 10.92 -14.38
CA TYR B 5 17.99 9.52 -14.00
C TYR B 5 19.20 8.79 -13.36
N PRO B 6 19.10 8.33 -12.07
CA PRO B 6 20.21 7.63 -11.39
C PRO B 6 20.40 6.19 -11.89
N ASN B 7 21.68 5.77 -12.00
CA ASN B 7 22.01 4.43 -12.47
C ASN B 7 22.76 3.63 -11.38
N GLY B 8 22.44 2.34 -11.28
CA GLY B 8 23.09 1.46 -10.32
C GLY B 8 22.12 0.78 -9.38
N LEU B 9 21.19 1.55 -8.81
CA LEU B 9 20.21 1.05 -7.85
C LEU B 9 18.77 1.18 -8.39
N LEU B 10 18.61 0.96 -9.71
CA LEU B 10 17.32 1.12 -10.38
C LEU B 10 16.41 -0.12 -10.18
N SER B 11 16.91 -1.10 -9.40
CA SER B 11 16.16 -2.34 -9.13
C SER B 11 16.09 -2.63 -7.61
N GLY B 12 16.34 -1.60 -6.80
CA GLY B 12 16.32 -1.76 -5.36
C GLY B 12 15.06 -1.19 -4.72
N ASP B 13 15.03 0.15 -4.58
CA ASP B 13 13.90 0.85 -3.96
C ASP B 13 13.52 2.09 -4.78
N GLU B 14 13.68 1.96 -6.10
CA GLU B 14 13.49 3.07 -7.03
C GLU B 14 12.11 3.05 -7.69
N ASP B 15 11.33 2.02 -7.38
CA ASP B 15 10.00 1.82 -7.97
C ASP B 15 8.96 2.77 -7.35
N PHE B 16 9.01 2.95 -6.02
CA PHE B 16 8.09 3.86 -5.32
C PHE B 16 8.67 5.28 -5.25
N SER B 17 9.95 5.41 -5.57
CA SER B 17 10.63 6.71 -5.60
C SER B 17 10.32 7.47 -6.89
N SER B 18 9.79 6.74 -7.88
CA SER B 18 9.37 7.34 -9.15
C SER B 18 7.89 7.76 -9.09
N ILE B 19 7.02 6.83 -8.66
CA ILE B 19 5.56 7.07 -8.66
C ILE B 19 5.08 7.77 -7.38
N ALA B 20 5.50 7.27 -6.22
CA ALA B 20 5.04 7.81 -4.93
C ALA B 20 5.70 9.14 -4.59
N ASP B 21 6.72 9.49 -5.37
CA ASP B 21 7.39 10.79 -5.27
C ASP B 21 6.82 11.77 -6.32
N MET B 22 6.08 11.21 -7.30
CA MET B 22 5.33 12.02 -8.28
C MET B 22 3.92 12.33 -7.77
N ASP B 23 3.39 11.44 -6.93
CA ASP B 23 2.04 11.57 -6.41
C ASP B 23 2.01 12.29 -5.05
N PHE B 24 3.14 12.29 -4.32
CA PHE B 24 3.21 12.89 -2.97
C PHE B 24 3.16 14.42 -3.03
N SER B 25 3.70 14.99 -4.14
CA SER B 25 3.66 16.43 -4.38
C SER B 25 2.31 16.86 -4.97
N ALA B 26 1.67 15.94 -5.69
CA ALA B 26 0.36 16.17 -6.31
C ALA B 26 -0.77 16.03 -5.27
N LEU B 27 -0.53 15.20 -4.25
CA LEU B 27 -1.44 15.05 -3.11
C LEU B 27 -1.20 16.15 -2.06
N LEU B 28 0.00 16.76 -2.13
CA LEU B 28 0.39 17.87 -1.26
C LEU B 28 -0.28 19.18 -1.70
N SER B 29 -0.50 19.30 -3.01
CA SER B 29 -1.22 20.44 -3.60
C SER B 29 -2.74 20.34 -3.38
N GLN B 30 -3.23 19.14 -3.03
CA GLN B 30 -4.67 18.89 -2.85
C GLN B 30 -5.20 19.46 -1.53
N ILE B 31 -4.29 19.78 -0.62
CA ILE B 31 -4.65 20.33 0.71
C ILE B 31 -4.37 21.84 0.79
N SER B 32 -3.54 22.35 -0.14
CA SER B 32 -3.18 23.77 -0.17
C SER B 32 -3.99 24.52 -1.24
N SER B 33 -4.37 23.81 -2.32
CA SER B 33 -5.13 24.37 -3.46
C SER B 33 -4.37 25.51 -4.17
N GLY A 1 -11.81 -29.91 4.77
CA GLY A 1 -10.49 -30.53 5.09
C GLY A 1 -9.71 -29.72 6.12
N VAL A 2 -9.08 -28.64 5.66
CA VAL A 2 -8.27 -27.78 6.54
C VAL A 2 -9.13 -26.65 7.16
N ARG A 3 -8.97 -26.45 8.47
CA ARG A 3 -9.71 -25.42 9.21
C ARG A 3 -8.93 -24.11 9.27
N LYS A 4 -9.61 -23.01 8.91
CA LYS A 4 -9.00 -21.69 8.93
C LYS A 4 -9.74 -20.75 9.89
N GLY A 5 -8.98 -20.18 10.83
CA GLY A 5 -9.51 -19.18 11.76
C GLY A 5 -9.57 -17.78 11.17
N TRP A 6 -8.66 -17.51 10.22
CA TRP A 6 -8.54 -16.19 9.58
C TRP A 6 -9.53 -16.02 8.41
N HIS A 7 -9.82 -17.10 7.69
CA HIS A 7 -10.71 -17.07 6.52
C HIS A 7 -12.18 -16.78 6.93
N GLU A 8 -12.58 -17.30 8.09
CA GLU A 8 -13.94 -17.06 8.62
C GLU A 8 -14.01 -15.76 9.43
N HIS A 9 -12.82 -15.21 9.75
CA HIS A 9 -12.70 -13.96 10.51
C HIS A 9 -12.50 -12.75 9.57
N VAL A 10 -11.92 -12.99 8.38
CA VAL A 10 -11.70 -11.91 7.41
C VAL A 10 -12.95 -11.74 6.53
N THR A 11 -13.43 -10.50 6.46
CA THR A 11 -14.63 -10.16 5.68
C THR A 11 -14.29 -9.38 4.42
N GLN A 12 -15.31 -9.03 3.64
CA GLN A 12 -15.17 -8.10 2.52
C GLN A 12 -15.07 -6.65 3.02
N ASP A 13 -15.51 -6.44 4.29
CA ASP A 13 -15.48 -5.13 4.92
C ASP A 13 -14.11 -4.85 5.57
N LEU A 14 -13.43 -5.91 6.05
CA LEU A 14 -12.08 -5.78 6.60
C LEU A 14 -11.07 -5.37 5.54
N ARG A 15 -11.11 -6.04 4.38
CA ARG A 15 -10.14 -5.80 3.27
C ARG A 15 -10.15 -4.34 2.81
N SER A 16 -11.33 -3.72 2.90
CA SER A 16 -11.51 -2.30 2.55
C SER A 16 -10.90 -1.39 3.63
N HIS A 17 -10.85 -1.88 4.87
CA HIS A 17 -10.25 -1.15 6.00
C HIS A 17 -8.73 -1.43 6.08
N LEU A 18 -8.30 -2.54 5.47
CA LEU A 18 -6.88 -2.91 5.37
C LEU A 18 -6.20 -2.07 4.28
N VAL A 19 -6.95 -1.82 3.20
CA VAL A 19 -6.57 -0.91 2.11
C VAL A 19 -6.63 0.56 2.58
N HIS A 20 -7.63 0.88 3.42
CA HIS A 20 -7.76 2.21 4.03
C HIS A 20 -6.70 2.41 5.13
N LYS A 21 -6.12 1.30 5.59
CA LYS A 21 -5.03 1.30 6.57
C LYS A 21 -3.70 1.45 5.83
N LEU A 22 -3.73 1.08 4.55
CA LEU A 22 -2.59 1.10 3.67
C LEU A 22 -2.40 2.48 3.02
N VAL A 23 -3.52 3.12 2.65
CA VAL A 23 -3.51 4.44 1.99
C VAL A 23 -3.16 5.57 3.00
N GLN A 24 -3.47 5.34 4.29
CA GLN A 24 -3.21 6.34 5.34
C GLN A 24 -1.75 6.31 5.80
N ALA A 25 -1.12 5.13 5.66
CA ALA A 25 0.30 4.95 5.99
C ALA A 25 1.20 5.46 4.85
N ILE A 26 0.72 5.32 3.61
CA ILE A 26 1.46 5.79 2.42
C ILE A 26 1.33 7.32 2.29
N PHE A 27 0.08 7.82 2.30
CA PHE A 27 -0.18 9.26 2.31
C PHE A 27 -1.34 9.57 3.28
N PRO A 28 -1.06 10.17 4.49
CA PRO A 28 -2.12 10.63 5.41
C PRO A 28 -2.92 11.79 4.83
N THR A 29 -4.26 11.74 4.97
CA THR A 29 -5.15 12.73 4.39
C THR A 29 -5.72 13.70 5.44
N PRO A 30 -5.35 15.01 5.33
CA PRO A 30 -6.02 16.11 6.06
C PRO A 30 -7.50 16.23 5.68
N ASP A 31 -7.74 16.30 4.37
CA ASP A 31 -9.09 16.39 3.81
C ASP A 31 -9.54 15.04 3.22
N PRO A 32 -10.71 14.49 3.69
CA PRO A 32 -11.31 13.24 3.12
C PRO A 32 -11.71 13.37 1.63
N ALA A 33 -11.67 14.61 1.10
CA ALA A 33 -12.06 14.89 -0.29
C ALA A 33 -10.98 14.48 -1.30
N ALA A 34 -9.79 14.09 -0.79
CA ALA A 34 -8.67 13.66 -1.63
C ALA A 34 -8.80 12.19 -2.07
N LEU A 35 -9.80 11.49 -1.50
CA LEU A 35 -10.01 10.07 -1.74
C LEU A 35 -10.77 9.81 -3.05
N LYS A 36 -11.30 10.89 -3.66
CA LYS A 36 -12.05 10.81 -4.91
C LYS A 36 -11.19 11.35 -6.08
N ASP A 37 -9.88 11.48 -5.83
CA ASP A 37 -8.94 12.04 -6.80
C ASP A 37 -8.42 10.93 -7.75
N ARG A 38 -7.83 11.36 -8.88
CA ARG A 38 -7.30 10.45 -9.90
C ARG A 38 -5.94 9.85 -9.50
N ARG A 39 -4.99 10.72 -9.13
CA ARG A 39 -3.64 10.32 -8.72
C ARG A 39 -3.64 9.46 -7.44
N MET A 40 -4.66 9.66 -6.59
CA MET A 40 -4.82 8.89 -5.35
C MET A 40 -5.36 7.48 -5.66
N GLU A 41 -6.29 7.41 -6.63
CA GLU A 41 -6.92 6.15 -7.05
C GLU A 41 -5.90 5.16 -7.66
N ASN A 42 -4.75 5.68 -8.12
CA ASN A 42 -3.72 4.88 -8.79
C ASN A 42 -3.01 3.92 -7.81
N LEU A 43 -2.68 4.41 -6.60
CA LEU A 43 -2.03 3.58 -5.58
C LEU A 43 -3.06 2.80 -4.75
N VAL A 44 -4.32 3.31 -4.75
CA VAL A 44 -5.48 2.54 -4.24
C VAL A 44 -5.56 1.19 -4.99
N ALA A 45 -5.15 1.24 -6.25
CA ALA A 45 -5.10 0.07 -7.12
C ALA A 45 -3.85 -0.77 -6.85
N TYR A 46 -2.84 -0.17 -6.20
CA TYR A 46 -1.67 -0.89 -5.69
C TYR A 46 -2.05 -1.68 -4.41
N ALA A 47 -2.83 -1.04 -3.53
CA ALA A 47 -3.18 -1.63 -2.23
C ALA A 47 -4.39 -2.56 -2.33
N LYS A 48 -5.24 -2.34 -3.36
CA LYS A 48 -6.35 -3.23 -3.70
C LYS A 48 -5.80 -4.55 -4.30
N LYS A 49 -4.55 -4.46 -4.77
CA LYS A 49 -3.84 -5.56 -5.42
C LYS A 49 -3.28 -6.55 -4.39
N VAL A 50 -2.62 -6.02 -3.36
CA VAL A 50 -1.66 -6.77 -2.54
C VAL A 50 -2.32 -7.80 -1.60
N GLU A 51 -3.48 -7.47 -1.01
CA GLU A 51 -4.17 -8.36 -0.05
C GLU A 51 -4.41 -9.78 -0.62
N GLY A 52 -4.60 -9.86 -1.94
CA GLY A 52 -4.82 -11.15 -2.61
C GLY A 52 -3.58 -12.03 -2.65
N ASP A 53 -2.40 -11.40 -2.48
CA ASP A 53 -1.13 -12.12 -2.42
C ASP A 53 -0.84 -12.59 -0.98
N MET A 54 -1.52 -11.96 0.00
CA MET A 54 -1.40 -12.34 1.41
C MET A 54 -2.24 -13.57 1.76
N TYR A 55 -3.27 -13.83 0.94
CA TYR A 55 -4.20 -14.94 1.16
C TYR A 55 -3.59 -16.29 0.73
N GLU A 56 -2.69 -16.23 -0.26
CA GLU A 56 -2.00 -17.42 -0.77
C GLU A 56 -0.71 -17.72 0.00
N SER A 57 -0.10 -16.67 0.59
CA SER A 57 1.20 -16.78 1.26
C SER A 57 1.07 -17.10 2.76
N ALA A 58 0.17 -16.39 3.44
CA ALA A 58 -0.03 -16.57 4.89
C ALA A 58 -0.92 -17.77 5.21
N ASN A 59 -0.70 -18.35 6.41
CA ASN A 59 -1.47 -19.52 6.85
C ASN A 59 -2.32 -19.22 8.10
N SER A 60 -2.06 -18.07 8.75
CA SER A 60 -2.75 -17.69 9.98
C SER A 60 -3.25 -16.23 9.92
N ARG A 61 -3.89 -15.77 11.01
CA ARG A 61 -4.46 -14.41 11.06
C ARG A 61 -3.37 -13.36 11.38
N ASP A 62 -2.42 -13.74 12.24
CA ASP A 62 -1.34 -12.84 12.68
C ASP A 62 -0.24 -12.73 11.60
N GLU A 63 -0.17 -13.74 10.71
CA GLU A 63 0.79 -13.74 9.60
C GLU A 63 0.20 -12.99 8.40
N TYR A 64 -1.10 -13.19 8.15
CA TYR A 64 -1.82 -12.53 7.05
C TYR A 64 -1.72 -10.99 7.14
N TYR A 65 -2.06 -10.45 8.32
CA TYR A 65 -1.96 -9.01 8.59
C TYR A 65 -0.50 -8.51 8.62
N HIS A 66 0.46 -9.43 8.73
CA HIS A 66 1.89 -9.09 8.88
C HIS A 66 2.53 -8.71 7.54
N LEU A 67 2.12 -9.40 6.44
CA LEU A 67 2.63 -9.09 5.10
C LEU A 67 2.18 -7.71 4.61
N LEU A 68 1.05 -7.22 5.13
CA LEU A 68 0.51 -5.89 4.78
C LEU A 68 1.14 -4.78 5.61
N ALA A 69 1.52 -5.12 6.86
CA ALA A 69 2.15 -4.16 7.78
C ALA A 69 3.63 -3.92 7.43
N GLU A 70 4.30 -4.98 6.92
CA GLU A 70 5.70 -4.87 6.49
C GLU A 70 5.83 -4.11 5.16
N LYS A 71 4.77 -4.14 4.33
CA LYS A 71 4.67 -3.31 3.13
C LYS A 71 4.44 -1.86 3.52
N ILE A 72 3.83 -1.67 4.70
CA ILE A 72 3.52 -0.36 5.25
C ILE A 72 4.80 0.32 5.78
N TYR A 73 5.76 -0.49 6.22
CA TYR A 73 7.02 0.02 6.78
C TYR A 73 8.05 0.33 5.68
N LYS A 74 8.03 -0.46 4.59
CA LYS A 74 8.99 -0.32 3.49
C LYS A 74 8.74 0.94 2.65
N ILE A 75 7.47 1.33 2.56
CA ILE A 75 7.07 2.55 1.83
C ILE A 75 7.40 3.80 2.68
N GLN A 76 7.31 3.62 4.01
CA GLN A 76 7.73 4.64 4.99
C GLN A 76 9.24 4.89 4.96
N LYS A 77 10.00 3.92 4.43
CA LYS A 77 11.47 4.02 4.32
C LYS A 77 11.92 4.93 3.18
N GLU A 78 11.22 4.85 2.03
CA GLU A 78 11.57 5.62 0.84
C GLU A 78 11.24 7.12 1.00
N LEU A 79 10.12 7.41 1.68
CA LEU A 79 9.75 8.78 2.06
C LEU A 79 10.74 9.42 3.05
N GLU A 80 11.53 8.57 3.74
CA GLU A 80 12.56 9.04 4.69
C GLU A 80 13.73 9.75 3.98
N GLU A 81 13.84 9.52 2.66
CA GLU A 81 14.84 10.22 1.83
C GLU A 81 14.42 11.68 1.58
N LYS A 82 13.10 11.93 1.61
CA LYS A 82 12.55 13.28 1.46
C LYS A 82 12.51 14.04 2.79
N ARG A 83 12.47 13.26 3.90
CA ARG A 83 12.36 13.83 5.25
C ARG A 83 13.74 14.24 5.82
N ARG A 84 14.79 13.56 5.34
CA ARG A 84 16.17 13.87 5.78
C ARG A 84 16.84 14.91 4.87
N SER A 85 16.23 15.17 3.70
CA SER A 85 16.75 16.13 2.73
C SER A 85 16.05 17.49 2.84
N ARG A 86 14.83 17.49 3.40
CA ARG A 86 14.03 18.71 3.55
C ARG A 86 14.17 19.29 4.96
N LEU A 87 14.40 18.40 5.93
CA LEU A 87 14.53 18.78 7.33
C LEU A 87 15.97 18.58 7.81
N GLY B 1 -18.57 -11.62 -15.71
CA GLY B 1 -17.78 -10.38 -16.00
C GLY B 1 -16.34 -10.70 -16.35
N SER B 2 -15.41 -10.13 -15.55
CA SER B 2 -13.95 -10.32 -15.73
C SER B 2 -13.47 -9.86 -17.14
N PRO B 3 -12.98 -8.60 -17.30
CA PRO B 3 -12.46 -8.08 -18.60
C PRO B 3 -11.18 -8.80 -19.06
N GLY B 4 -10.38 -9.27 -18.08
CA GLY B 4 -9.13 -9.95 -18.39
C GLY B 4 -8.06 -9.65 -17.37
N TYR B 5 -7.40 -10.70 -16.87
CA TYR B 5 -6.34 -10.56 -15.87
C TYR B 5 -4.99 -11.06 -16.43
N PRO B 6 -4.23 -10.20 -17.18
CA PRO B 6 -2.90 -10.58 -17.72
C PRO B 6 -1.78 -10.53 -16.68
N ASN B 7 -2.07 -9.87 -15.53
CA ASN B 7 -1.11 -9.69 -14.41
C ASN B 7 0.10 -8.82 -14.84
N GLY B 8 1.06 -9.43 -15.55
CA GLY B 8 2.23 -8.71 -16.04
C GLY B 8 3.24 -8.37 -14.95
N LEU B 9 4.50 -8.79 -15.15
CA LEU B 9 5.58 -8.51 -14.18
C LEU B 9 6.44 -7.32 -14.62
N LEU B 10 5.88 -6.46 -15.47
CA LEU B 10 6.53 -5.21 -15.88
C LEU B 10 6.44 -4.17 -14.74
N SER B 11 5.72 -4.57 -13.68
CA SER B 11 5.50 -3.74 -12.49
C SER B 11 5.07 -4.63 -11.32
N GLY B 12 6.03 -4.97 -10.45
CA GLY B 12 5.77 -5.89 -9.36
C GLY B 12 5.64 -5.22 -8.01
N ASP B 13 6.74 -5.14 -7.26
CA ASP B 13 6.75 -4.57 -5.91
C ASP B 13 7.91 -3.59 -5.71
N GLU B 14 8.77 -3.48 -6.72
CA GLU B 14 9.91 -2.58 -6.70
C GLU B 14 9.77 -1.46 -7.72
N ASP B 15 8.71 -1.54 -8.51
CA ASP B 15 8.44 -0.60 -9.61
C ASP B 15 7.54 0.55 -9.15
N PHE B 16 6.77 0.34 -8.07
CA PHE B 16 5.84 1.38 -7.57
C PHE B 16 6.57 2.43 -6.72
N SER B 17 7.82 2.12 -6.36
CA SER B 17 8.68 3.02 -5.55
C SER B 17 9.09 4.27 -6.35
N SER B 18 8.95 4.20 -7.68
CA SER B 18 9.20 5.33 -8.57
C SER B 18 7.93 6.17 -8.76
N ILE B 19 6.78 5.52 -8.57
CA ILE B 19 5.47 6.15 -8.72
C ILE B 19 5.04 6.83 -7.41
N ALA B 20 5.54 6.34 -6.27
CA ALA B 20 5.09 6.84 -4.96
C ALA B 20 5.77 8.13 -4.54
N ASP B 21 6.88 8.44 -5.17
CA ASP B 21 7.59 9.69 -4.96
C ASP B 21 7.13 10.74 -6.01
N MET B 22 6.52 10.23 -7.08
CA MET B 22 5.94 11.05 -8.14
C MET B 22 4.51 11.48 -7.75
N ASP B 23 3.82 10.59 -7.02
CA ASP B 23 2.44 10.81 -6.61
C ASP B 23 2.36 11.61 -5.30
N PHE B 24 3.45 11.62 -4.51
CA PHE B 24 3.49 12.36 -3.24
C PHE B 24 3.60 13.88 -3.48
N SER B 25 4.25 14.25 -4.60
CA SER B 25 4.38 15.65 -5.01
C SER B 25 3.13 16.16 -5.73
N ALA B 26 2.35 15.23 -6.30
CA ALA B 26 1.11 15.55 -7.02
C ALA B 26 -0.08 15.70 -6.09
N LEU B 27 -0.01 15.06 -4.91
CA LEU B 27 -1.06 15.13 -3.89
C LEU B 27 -1.04 16.44 -3.10
N LEU B 28 0.12 17.14 -3.14
CA LEU B 28 0.27 18.43 -2.47
C LEU B 28 -0.22 19.57 -3.37
N SER B 29 -0.11 19.34 -4.68
CA SER B 29 -0.58 20.29 -5.71
C SER B 29 -2.11 20.28 -5.85
N GLN B 30 -2.75 19.22 -5.32
CA GLN B 30 -4.21 19.06 -5.40
C GLN B 30 -4.97 19.96 -4.43
N ILE B 31 -4.28 20.31 -3.34
CA ILE B 31 -4.86 21.15 -2.28
C ILE B 31 -4.45 22.63 -2.40
N SER B 32 -3.27 22.86 -2.99
CA SER B 32 -2.73 24.22 -3.15
C SER B 32 -3.05 24.81 -4.52
N SER B 33 -3.09 23.93 -5.55
CA SER B 33 -3.38 24.32 -6.96
C SER B 33 -2.35 25.33 -7.50
N GLY A 1 -13.32 -30.69 0.35
CA GLY A 1 -13.36 -29.23 0.65
C GLY A 1 -12.62 -28.88 1.93
N VAL A 2 -11.75 -27.86 1.85
CA VAL A 2 -10.97 -27.42 3.01
C VAL A 2 -11.72 -26.33 3.78
N ARG A 3 -11.73 -26.46 5.11
CA ARG A 3 -12.44 -25.53 6.00
C ARG A 3 -11.51 -24.39 6.46
N LYS A 4 -12.02 -23.16 6.38
CA LYS A 4 -11.25 -21.98 6.80
C LYS A 4 -11.91 -21.28 7.99
N GLY A 5 -11.13 -21.11 9.06
CA GLY A 5 -11.56 -20.34 10.23
C GLY A 5 -11.36 -18.84 10.05
N TRP A 6 -10.38 -18.48 9.22
CA TRP A 6 -10.01 -17.08 8.99
C TRP A 6 -10.87 -16.41 7.91
N HIS A 7 -11.38 -17.21 6.97
CA HIS A 7 -12.31 -16.73 5.94
C HIS A 7 -13.71 -16.44 6.53
N GLU A 8 -13.95 -16.93 7.76
CA GLU A 8 -15.23 -16.74 8.44
C GLU A 8 -15.33 -15.37 9.12
N HIS A 9 -14.19 -14.85 9.60
CA HIS A 9 -14.15 -13.52 10.22
C HIS A 9 -13.66 -12.44 9.26
N VAL A 10 -12.90 -12.82 8.22
CA VAL A 10 -12.46 -11.85 7.22
C VAL A 10 -13.60 -11.58 6.22
N THR A 11 -13.94 -10.31 6.07
CA THR A 11 -15.05 -9.89 5.20
C THR A 11 -14.54 -9.10 3.99
N GLN A 12 -15.49 -8.60 3.19
CA GLN A 12 -15.19 -7.63 2.15
C GLN A 12 -14.97 -6.23 2.77
N ASP A 13 -15.45 -6.07 4.02
CA ASP A 13 -15.31 -4.81 4.76
C ASP A 13 -13.93 -4.68 5.43
N LEU A 14 -13.36 -5.81 5.91
CA LEU A 14 -12.00 -5.80 6.47
C LEU A 14 -10.96 -5.46 5.40
N ARG A 15 -11.06 -6.11 4.22
CA ARG A 15 -10.07 -5.93 3.14
C ARG A 15 -9.97 -4.46 2.65
N SER A 16 -11.05 -3.70 2.89
CA SER A 16 -11.10 -2.27 2.54
C SER A 16 -10.47 -1.41 3.64
N HIS A 17 -10.52 -1.91 4.88
CA HIS A 17 -9.91 -1.23 6.04
C HIS A 17 -8.42 -1.59 6.16
N LEU A 18 -8.05 -2.74 5.57
CA LEU A 18 -6.65 -3.18 5.46
C LEU A 18 -5.94 -2.34 4.40
N VAL A 19 -6.70 -1.99 3.34
CA VAL A 19 -6.28 -1.07 2.29
C VAL A 19 -6.33 0.39 2.78
N HIS A 20 -7.29 0.71 3.65
CA HIS A 20 -7.39 2.03 4.29
C HIS A 20 -6.26 2.21 5.32
N LYS A 21 -5.66 1.07 5.70
CA LYS A 21 -4.49 1.03 6.59
C LYS A 21 -3.22 1.27 5.77
N LEU A 22 -3.34 0.96 4.48
CA LEU A 22 -2.25 1.04 3.51
C LEU A 22 -2.14 2.44 2.90
N VAL A 23 -3.29 2.98 2.47
CA VAL A 23 -3.39 4.33 1.86
C VAL A 23 -3.02 5.45 2.87
N GLN A 24 -3.16 5.15 4.18
CA GLN A 24 -2.84 6.13 5.24
C GLN A 24 -1.34 6.08 5.59
N ALA A 25 -0.73 4.90 5.42
CA ALA A 25 0.71 4.73 5.61
C ALA A 25 1.51 5.26 4.40
N ILE A 26 0.84 5.31 3.24
CA ILE A 26 1.44 5.85 2.01
C ILE A 26 1.26 7.38 1.98
N PHE A 27 0.02 7.85 2.09
CA PHE A 27 -0.28 9.27 2.16
C PHE A 27 -1.38 9.54 3.23
N PRO A 28 -1.02 10.04 4.46
CA PRO A 28 -2.00 10.45 5.48
C PRO A 28 -2.64 11.81 5.17
N THR A 29 -3.97 11.89 5.32
CA THR A 29 -4.70 13.14 5.04
C THR A 29 -5.98 13.25 5.90
N PRO A 30 -6.16 14.40 6.62
CA PRO A 30 -7.40 14.73 7.37
C PRO A 30 -8.69 14.60 6.54
N ASP A 31 -8.69 15.25 5.37
CA ASP A 31 -9.85 15.30 4.47
C ASP A 31 -10.07 13.97 3.73
N PRO A 32 -11.23 13.27 3.97
CA PRO A 32 -11.63 12.06 3.20
C PRO A 32 -11.92 12.35 1.71
N ALA A 33 -12.01 13.65 1.36
CA ALA A 33 -12.34 14.08 -0.01
C ALA A 33 -11.17 13.87 -0.99
N ALA A 34 -10.00 13.51 -0.45
CA ALA A 34 -8.81 13.25 -1.27
C ALA A 34 -8.81 11.83 -1.85
N LEU A 35 -9.65 10.96 -1.28
CA LEU A 35 -9.75 9.56 -1.69
C LEU A 35 -10.66 9.37 -2.92
N LYS A 36 -11.27 10.48 -3.38
CA LYS A 36 -12.17 10.45 -4.54
C LYS A 36 -11.48 11.06 -5.77
N ASP A 37 -10.16 11.22 -5.67
CA ASP A 37 -9.35 11.84 -6.73
C ASP A 37 -8.96 10.80 -7.79
N ARG A 38 -8.72 11.29 -9.02
CA ARG A 38 -8.42 10.44 -10.19
C ARG A 38 -6.98 9.97 -10.17
N ARG A 39 -6.10 10.90 -9.76
CA ARG A 39 -4.64 10.63 -9.66
C ARG A 39 -4.29 9.74 -8.46
N MET A 40 -5.19 9.68 -7.47
CA MET A 40 -4.99 8.87 -6.26
C MET A 40 -5.54 7.45 -6.45
N GLU A 41 -6.67 7.35 -7.18
CA GLU A 41 -7.35 6.07 -7.45
C GLU A 41 -6.40 5.03 -8.12
N ASN A 42 -5.32 5.52 -8.74
CA ASN A 42 -4.32 4.64 -9.40
C ASN A 42 -3.55 3.80 -8.37
N LEU A 43 -3.22 4.40 -7.21
CA LEU A 43 -2.48 3.68 -6.16
C LEU A 43 -3.45 2.93 -5.23
N VAL A 44 -4.68 3.42 -5.10
CA VAL A 44 -5.77 2.69 -4.41
C VAL A 44 -5.99 1.33 -5.10
N ALA A 45 -5.90 1.36 -6.43
CA ALA A 45 -6.00 0.16 -7.27
C ALA A 45 -4.71 -0.67 -7.21
N TYR A 46 -3.63 -0.02 -6.75
CA TYR A 46 -2.33 -0.67 -6.53
C TYR A 46 -2.35 -1.45 -5.19
N ALA A 47 -3.03 -0.88 -4.20
CA ALA A 47 -3.14 -1.48 -2.87
C ALA A 47 -4.28 -2.51 -2.79
N LYS A 48 -5.26 -2.39 -3.73
CA LYS A 48 -6.42 -3.29 -3.80
C LYS A 48 -5.99 -4.75 -4.03
N LYS A 49 -4.86 -4.93 -4.74
CA LYS A 49 -4.37 -6.24 -5.16
C LYS A 49 -3.54 -6.91 -4.05
N VAL A 50 -2.71 -6.10 -3.37
CA VAL A 50 -1.71 -6.61 -2.41
C VAL A 50 -2.37 -7.24 -1.17
N GLU A 51 -3.60 -6.79 -0.85
CA GLU A 51 -4.39 -7.35 0.25
C GLU A 51 -4.84 -8.79 -0.06
N GLY A 52 -5.14 -9.03 -1.35
CA GLY A 52 -5.57 -10.36 -1.81
C GLY A 52 -4.40 -11.29 -2.12
N ASP A 53 -3.22 -10.71 -2.39
CA ASP A 53 -2.00 -11.48 -2.65
C ASP A 53 -1.40 -12.02 -1.33
N MET A 54 -1.80 -11.39 -0.22
CA MET A 54 -1.38 -11.82 1.13
C MET A 54 -2.16 -13.04 1.62
N TYR A 55 -3.33 -13.28 1.00
CA TYR A 55 -4.22 -14.39 1.36
C TYR A 55 -3.67 -15.74 0.87
N GLU A 56 -2.96 -15.70 -0.27
CA GLU A 56 -2.36 -16.91 -0.86
C GLU A 56 -0.94 -17.16 -0.32
N SER A 57 -0.31 -16.10 0.21
CA SER A 57 1.07 -16.19 0.73
C SER A 57 1.10 -16.49 2.23
N ALA A 58 0.08 -16.03 2.95
CA ALA A 58 0.00 -16.24 4.40
C ALA A 58 -0.92 -17.41 4.76
N ASN A 59 -0.54 -18.16 5.79
CA ASN A 59 -1.32 -19.31 6.26
C ASN A 59 -1.96 -19.05 7.63
N SER A 60 -1.55 -17.95 8.28
CA SER A 60 -2.03 -17.59 9.62
C SER A 60 -2.45 -16.13 9.67
N ARG A 61 -3.29 -15.79 10.66
CA ARG A 61 -3.84 -14.43 10.82
C ARG A 61 -2.81 -13.42 11.30
N ASP A 62 -1.77 -13.91 12.01
CA ASP A 62 -0.69 -13.04 12.49
C ASP A 62 0.34 -12.78 11.37
N GLU A 63 0.40 -13.69 10.39
CA GLU A 63 1.27 -13.52 9.21
C GLU A 63 0.55 -12.72 8.12
N TYR A 64 -0.75 -12.98 7.96
CA TYR A 64 -1.62 -12.26 7.01
C TYR A 64 -1.63 -10.74 7.28
N TYR A 65 -1.88 -10.38 8.54
CA TYR A 65 -1.91 -8.97 8.94
C TYR A 65 -0.51 -8.35 9.09
N HIS A 66 0.53 -9.19 9.16
CA HIS A 66 1.91 -8.71 9.37
C HIS A 66 2.56 -8.27 8.05
N LEU A 67 2.39 -9.07 6.99
CA LEU A 67 2.91 -8.78 5.64
C LEU A 67 2.48 -7.40 5.13
N LEU A 68 1.23 -7.04 5.43
CA LEU A 68 0.69 -5.70 5.12
C LEU A 68 1.29 -4.62 6.03
N ALA A 69 1.55 -4.98 7.29
CA ALA A 69 2.24 -4.10 8.25
C ALA A 69 3.73 -3.97 7.90
N GLU A 70 4.25 -4.99 7.18
CA GLU A 70 5.64 -4.99 6.70
C GLU A 70 5.85 -4.01 5.55
N LYS A 71 4.85 -3.91 4.65
CA LYS A 71 4.86 -2.89 3.58
C LYS A 71 4.72 -1.49 4.19
N ILE A 72 4.05 -1.45 5.35
CA ILE A 72 3.75 -0.19 6.04
C ILE A 72 5.02 0.40 6.67
N TYR A 73 5.96 -0.47 7.02
CA TYR A 73 7.23 -0.05 7.61
C TYR A 73 8.24 0.33 6.50
N LYS A 74 8.21 -0.42 5.39
CA LYS A 74 9.15 -0.21 4.26
C LYS A 74 8.78 1.02 3.42
N ILE A 75 7.48 1.33 3.36
CA ILE A 75 6.99 2.55 2.71
C ILE A 75 7.36 3.78 3.56
N GLN A 76 7.45 3.56 4.88
CA GLN A 76 7.86 4.59 5.84
C GLN A 76 9.38 4.81 5.84
N LYS A 77 10.13 3.82 5.32
CA LYS A 77 11.60 3.91 5.21
C LYS A 77 12.02 4.73 3.98
N GLU A 78 11.35 4.48 2.85
CA GLU A 78 11.69 5.09 1.56
C GLU A 78 11.42 6.61 1.52
N LEU A 79 10.27 7.03 2.08
CA LEU A 79 9.95 8.46 2.27
C LEU A 79 10.97 9.18 3.16
N GLU A 80 11.69 8.40 3.99
CA GLU A 80 12.74 8.92 4.87
C GLU A 80 14.09 9.00 4.14
N GLU A 81 14.22 8.26 3.03
CA GLU A 81 15.44 8.26 2.21
C GLU A 81 15.51 9.51 1.32
N LYS A 82 14.35 10.10 1.02
CA LYS A 82 14.26 11.35 0.26
C LYS A 82 14.44 12.57 1.18
N ARG A 83 14.26 12.35 2.49
CA ARG A 83 14.38 13.40 3.51
C ARG A 83 15.84 13.78 3.77
N ARG A 84 16.75 12.80 3.58
CA ARG A 84 18.19 13.01 3.79
C ARG A 84 18.91 13.46 2.50
N SER A 85 18.17 13.45 1.38
CA SER A 85 18.75 13.77 0.07
C SER A 85 18.71 15.27 -0.25
N ARG A 86 17.62 15.95 0.14
CA ARG A 86 17.46 17.37 -0.15
C ARG A 86 17.38 18.21 1.13
N LEU A 87 16.19 18.25 1.74
CA LEU A 87 15.96 18.99 2.99
C LEU A 87 16.52 18.25 4.21
N GLY B 1 14.16 -28.58 -6.76
CA GLY B 1 15.05 -27.44 -6.41
C GLY B 1 16.33 -27.44 -7.22
N SER B 2 16.46 -26.44 -8.10
CA SER B 2 17.65 -26.31 -8.96
C SER B 2 18.59 -25.19 -8.44
N PRO B 3 19.94 -25.45 -8.35
CA PRO B 3 20.90 -24.43 -7.85
C PRO B 3 21.14 -23.28 -8.83
N GLY B 4 21.05 -22.05 -8.32
CA GLY B 4 21.25 -20.86 -9.13
C GLY B 4 20.00 -20.03 -9.29
N TYR B 5 19.97 -18.87 -8.61
CA TYR B 5 18.81 -17.94 -8.62
C TYR B 5 17.49 -18.63 -8.17
N PRO B 6 17.13 -18.55 -6.84
CA PRO B 6 15.88 -19.16 -6.31
C PRO B 6 14.61 -18.52 -6.89
N ASN B 7 14.57 -17.17 -6.90
CA ASN B 7 13.42 -16.43 -7.44
C ASN B 7 13.87 -15.11 -8.09
N GLY B 8 14.81 -14.41 -7.44
CA GLY B 8 15.30 -13.14 -7.96
C GLY B 8 14.82 -11.95 -7.14
N LEU B 9 15.59 -10.86 -7.18
CA LEU B 9 15.23 -9.63 -6.46
C LEU B 9 15.07 -8.44 -7.43
N LEU B 10 14.93 -8.76 -8.72
CA LEU B 10 14.81 -7.73 -9.76
C LEU B 10 13.46 -6.99 -9.64
N SER B 11 12.63 -7.46 -8.69
CA SER B 11 11.29 -6.92 -8.45
C SER B 11 10.83 -7.29 -7.03
N GLY B 12 10.80 -6.29 -6.15
CA GLY B 12 10.42 -6.52 -4.77
C GLY B 12 9.99 -5.26 -4.04
N ASP B 13 10.92 -4.32 -3.87
CA ASP B 13 10.66 -3.07 -3.16
C ASP B 13 11.15 -1.86 -3.96
N GLU B 14 11.73 -2.13 -5.14
CA GLU B 14 12.30 -1.11 -6.01
C GLU B 14 11.32 -0.64 -7.08
N ASP B 15 10.16 -1.30 -7.11
CA ASP B 15 9.11 -1.02 -8.08
C ASP B 15 8.10 0.02 -7.55
N PHE B 16 7.95 0.06 -6.22
CA PHE B 16 7.03 0.98 -5.56
C PHE B 16 7.73 2.32 -5.23
N SER B 17 9.07 2.28 -5.19
CA SER B 17 9.89 3.43 -4.78
C SER B 17 9.95 4.53 -5.84
N SER B 18 9.65 4.18 -7.09
CA SER B 18 9.70 5.13 -8.20
C SER B 18 8.35 5.86 -8.40
N ILE B 19 7.25 5.14 -8.18
CA ILE B 19 5.90 5.69 -8.40
C ILE B 19 5.37 6.43 -7.16
N ALA B 20 5.78 6.00 -5.96
CA ALA B 20 5.26 6.56 -4.72
C ALA B 20 5.91 7.90 -4.34
N ASP B 21 6.98 8.21 -5.06
CA ASP B 21 7.64 9.52 -4.94
C ASP B 21 7.25 10.40 -6.14
N MET B 22 6.39 9.84 -7.00
CA MET B 22 5.79 10.57 -8.13
C MET B 22 4.37 11.04 -7.78
N ASP B 23 3.69 10.25 -6.92
CA ASP B 23 2.32 10.54 -6.51
C ASP B 23 2.27 11.42 -5.25
N PHE B 24 3.37 11.46 -4.49
CA PHE B 24 3.43 12.25 -3.25
C PHE B 24 3.50 13.75 -3.54
N SER B 25 3.99 14.10 -4.74
CA SER B 25 4.07 15.50 -5.19
C SER B 25 2.72 15.98 -5.76
N ALA B 26 1.94 15.04 -6.32
CA ALA B 26 0.61 15.34 -6.87
C ALA B 26 -0.44 15.46 -5.77
N LEU B 27 -0.21 14.74 -4.67
CA LEU B 27 -1.06 14.80 -3.48
C LEU B 27 -0.62 15.95 -2.56
N LEU B 28 0.59 16.49 -2.83
CA LEU B 28 1.16 17.60 -2.05
C LEU B 28 0.60 18.95 -2.54
N SER B 29 0.27 19.02 -3.84
CA SER B 29 -0.33 20.21 -4.45
C SER B 29 -1.81 20.38 -4.08
N GLN B 30 -2.42 19.29 -3.57
CA GLN B 30 -3.85 19.29 -3.19
C GLN B 30 -4.11 20.05 -1.90
N ILE B 31 -3.05 20.20 -1.10
CA ILE B 31 -3.11 20.89 0.19
C ILE B 31 -2.81 22.40 0.02
N SER B 32 -2.00 22.73 -0.99
CA SER B 32 -1.60 24.11 -1.25
C SER B 32 -2.56 24.81 -2.23
N SER B 33 -2.96 24.10 -3.29
CA SER B 33 -3.87 24.63 -4.30
C SER B 33 -5.12 23.75 -4.44
N GLY A 1 -10.61 -27.21 0.61
CA GLY A 1 -10.81 -26.05 1.53
C GLY A 1 -10.49 -26.39 2.97
N VAL A 2 -9.50 -25.69 3.52
CA VAL A 2 -9.07 -25.90 4.92
C VAL A 2 -9.85 -24.96 5.86
N ARG A 3 -10.23 -25.48 7.03
CA ARG A 3 -11.06 -24.74 7.99
C ARG A 3 -10.18 -24.00 8.99
N LYS A 4 -10.38 -22.67 9.05
CA LYS A 4 -9.60 -21.79 9.92
C LYS A 4 -10.49 -20.74 10.58
N GLY A 5 -10.02 -20.23 11.73
CA GLY A 5 -10.77 -19.26 12.52
C GLY A 5 -10.69 -17.83 12.00
N TRP A 6 -9.67 -17.54 11.18
CA TRP A 6 -9.47 -16.21 10.58
C TRP A 6 -10.31 -16.05 9.30
N HIS A 7 -10.43 -17.15 8.54
CA HIS A 7 -11.15 -17.17 7.25
C HIS A 7 -12.65 -16.87 7.42
N GLU A 8 -13.26 -17.38 8.50
CA GLU A 8 -14.69 -17.14 8.79
C GLU A 8 -14.88 -15.86 9.62
N HIS A 9 -13.77 -15.28 10.08
CA HIS A 9 -13.78 -14.06 10.88
C HIS A 9 -13.51 -12.82 10.02
N VAL A 10 -12.82 -13.00 8.89
CA VAL A 10 -12.48 -11.88 7.99
C VAL A 10 -13.67 -11.54 7.07
N THR A 11 -13.93 -10.23 6.93
CA THR A 11 -15.03 -9.74 6.11
C THR A 11 -14.53 -9.09 4.82
N GLN A 12 -15.48 -8.60 4.01
CA GLN A 12 -15.17 -7.76 2.85
C GLN A 12 -14.87 -6.33 3.31
N ASP A 13 -15.31 -6.00 4.55
CA ASP A 13 -15.11 -4.67 5.13
C ASP A 13 -13.72 -4.54 5.76
N LEU A 14 -13.11 -5.68 6.17
CA LEU A 14 -11.73 -5.68 6.68
C LEU A 14 -10.74 -5.32 5.57
N ARG A 15 -10.84 -6.01 4.42
CA ARG A 15 -9.89 -5.85 3.29
C ARG A 15 -9.81 -4.39 2.82
N SER A 16 -10.93 -3.67 2.95
CA SER A 16 -11.01 -2.25 2.60
C SER A 16 -10.38 -1.37 3.68
N HIS A 17 -10.40 -1.87 4.93
CA HIS A 17 -9.78 -1.17 6.08
C HIS A 17 -8.28 -1.49 6.17
N LEU A 18 -7.88 -2.61 5.54
CA LEU A 18 -6.48 -3.03 5.43
C LEU A 18 -5.78 -2.21 4.33
N VAL A 19 -6.55 -1.92 3.27
CA VAL A 19 -6.15 -1.00 2.19
C VAL A 19 -6.18 0.46 2.68
N HIS A 20 -7.17 0.79 3.52
CA HIS A 20 -7.26 2.13 4.14
C HIS A 20 -6.17 2.30 5.22
N LYS A 21 -5.60 1.17 5.65
CA LYS A 21 -4.47 1.15 6.59
C LYS A 21 -3.16 1.31 5.81
N LEU A 22 -3.24 0.98 4.52
CA LEU A 22 -2.12 1.02 3.59
C LEU A 22 -1.96 2.41 2.96
N VAL A 23 -3.10 2.99 2.53
CA VAL A 23 -3.14 4.31 1.85
C VAL A 23 -2.79 5.46 2.83
N GLN A 24 -3.04 5.26 4.13
CA GLN A 24 -2.72 6.26 5.17
C GLN A 24 -1.24 6.18 5.55
N ALA A 25 -0.74 4.94 5.59
CA ALA A 25 0.69 4.68 5.84
C ALA A 25 1.58 5.23 4.72
N ILE A 26 1.04 5.25 3.49
CA ILE A 26 1.73 5.81 2.31
C ILE A 26 1.49 7.33 2.27
N PHE A 27 0.22 7.74 2.39
CA PHE A 27 -0.15 9.15 2.47
C PHE A 27 -1.30 9.36 3.48
N PRO A 28 -1.03 9.93 4.70
CA PRO A 28 -2.09 10.29 5.66
C PRO A 28 -2.86 11.55 5.26
N THR A 29 -4.18 11.53 5.44
CA THR A 29 -5.04 12.68 5.10
C THR A 29 -6.32 12.71 5.96
N PRO A 30 -6.64 13.89 6.60
CA PRO A 30 -7.90 14.10 7.34
C PRO A 30 -9.17 13.69 6.57
N ASP A 31 -9.36 14.30 5.40
CA ASP A 31 -10.54 14.04 4.56
C ASP A 31 -10.31 12.88 3.59
N PRO A 32 -11.09 11.75 3.72
CA PRO A 32 -11.04 10.61 2.76
C PRO A 32 -11.50 10.96 1.32
N ALA A 33 -12.09 12.17 1.17
CA ALA A 33 -12.64 12.62 -0.12
C ALA A 33 -11.53 13.06 -1.11
N ALA A 34 -10.30 13.18 -0.62
CA ALA A 34 -9.15 13.57 -1.44
C ALA A 34 -8.53 12.36 -2.15
N LEU A 35 -8.89 11.15 -1.69
CA LEU A 35 -8.33 9.90 -2.20
C LEU A 35 -9.08 9.41 -3.46
N LYS A 36 -10.03 10.21 -3.94
CA LYS A 36 -10.88 9.83 -5.08
C LYS A 36 -10.34 10.44 -6.38
N ASP A 37 -9.09 10.89 -6.33
CA ASP A 37 -8.45 11.61 -7.45
C ASP A 37 -8.00 10.63 -8.56
N ARG A 38 -7.68 11.19 -9.75
CA ARG A 38 -7.33 10.38 -10.92
C ARG A 38 -5.95 9.71 -10.78
N ARG A 39 -4.92 10.52 -10.51
CA ARG A 39 -3.52 10.06 -10.40
C ARG A 39 -3.29 9.22 -9.12
N MET A 40 -4.19 9.38 -8.13
CA MET A 40 -4.11 8.64 -6.87
C MET A 40 -4.65 7.20 -7.02
N GLU A 41 -5.70 7.05 -7.83
CA GLU A 41 -6.34 5.75 -8.09
C GLU A 41 -5.36 4.66 -8.59
N ASN A 42 -4.20 5.10 -9.12
CA ASN A 42 -3.14 4.17 -9.57
C ASN A 42 -2.41 3.54 -8.38
N LEU A 43 -2.30 4.28 -7.27
CA LEU A 43 -1.69 3.78 -6.03
C LEU A 43 -2.74 3.05 -5.17
N VAL A 44 -4.00 3.52 -5.24
CA VAL A 44 -5.16 2.82 -4.64
C VAL A 44 -5.28 1.40 -5.23
N ALA A 45 -4.96 1.29 -6.53
CA ALA A 45 -5.03 0.03 -7.27
C ALA A 45 -3.80 -0.84 -7.00
N TYR A 46 -2.71 -0.21 -6.51
CA TYR A 46 -1.53 -0.92 -6.03
C TYR A 46 -1.84 -1.63 -4.69
N ALA A 47 -2.56 -0.93 -3.82
CA ALA A 47 -2.88 -1.45 -2.48
C ALA A 47 -4.11 -2.36 -2.50
N LYS A 48 -4.98 -2.15 -3.52
CA LYS A 48 -6.15 -3.02 -3.74
C LYS A 48 -5.73 -4.38 -4.31
N LYS A 49 -4.53 -4.40 -4.93
CA LYS A 49 -3.97 -5.59 -5.58
C LYS A 49 -3.20 -6.46 -4.57
N VAL A 50 -2.53 -5.83 -3.60
CA VAL A 50 -1.66 -6.55 -2.66
C VAL A 50 -2.46 -7.33 -1.61
N GLU A 51 -3.52 -6.70 -1.07
CA GLU A 51 -4.37 -7.26 0.00
C GLU A 51 -4.95 -8.65 -0.38
N GLY A 52 -5.21 -8.85 -1.67
CA GLY A 52 -5.74 -10.11 -2.17
C GLY A 52 -4.69 -11.22 -2.25
N ASP A 53 -3.41 -10.82 -2.27
CA ASP A 53 -2.28 -11.75 -2.32
C ASP A 53 -1.91 -12.26 -0.91
N MET A 54 -2.34 -11.52 0.13
CA MET A 54 -2.10 -11.90 1.53
C MET A 54 -3.01 -13.06 1.97
N TYR A 55 -4.13 -13.25 1.26
CA TYR A 55 -5.12 -14.28 1.59
C TYR A 55 -4.66 -15.66 1.11
N GLU A 56 -3.92 -15.69 -0.01
CA GLU A 56 -3.40 -16.93 -0.60
C GLU A 56 -2.02 -17.31 -0.04
N SER A 57 -1.26 -16.31 0.43
CA SER A 57 0.12 -16.51 0.88
C SER A 57 0.19 -16.87 2.37
N ALA A 58 -0.54 -16.12 3.21
CA ALA A 58 -0.53 -16.32 4.66
C ALA A 58 -1.51 -17.43 5.09
N ASN A 59 -1.19 -18.07 6.23
CA ASN A 59 -2.02 -19.15 6.79
C ASN A 59 -2.66 -18.75 8.14
N SER A 60 -2.16 -17.65 8.73
CA SER A 60 -2.65 -17.18 10.03
C SER A 60 -2.92 -15.67 9.97
N ARG A 61 -3.72 -15.18 10.93
CA ARG A 61 -4.18 -13.78 10.95
C ARG A 61 -3.06 -12.81 11.37
N ASP A 62 -2.06 -13.32 12.10
CA ASP A 62 -0.89 -12.53 12.51
C ASP A 62 0.14 -12.43 11.39
N GLU A 63 0.14 -13.43 10.50
CA GLU A 63 1.02 -13.45 9.32
C GLU A 63 0.36 -12.67 8.16
N TYR A 64 -0.95 -12.87 7.99
CA TYR A 64 -1.76 -12.18 6.97
C TYR A 64 -1.66 -10.65 7.11
N TYR A 65 -1.88 -10.17 8.34
CA TYR A 65 -1.70 -8.75 8.69
C TYR A 65 -0.23 -8.29 8.61
N HIS A 66 0.72 -9.25 8.56
CA HIS A 66 2.16 -8.95 8.58
C HIS A 66 2.69 -8.58 7.19
N LEU A 67 2.28 -9.32 6.14
CA LEU A 67 2.69 -9.02 4.75
C LEU A 67 2.26 -7.61 4.31
N LEU A 68 1.24 -7.07 4.98
CA LEU A 68 0.74 -5.71 4.73
C LEU A 68 1.51 -4.68 5.56
N ALA A 69 1.86 -5.07 6.79
CA ALA A 69 2.64 -4.22 7.70
C ALA A 69 4.11 -4.13 7.27
N GLU A 70 4.56 -5.12 6.48
CA GLU A 70 5.93 -5.16 5.96
C GLU A 70 6.13 -4.16 4.80
N LYS A 71 5.12 -4.01 3.93
CA LYS A 71 5.13 -2.97 2.89
C LYS A 71 5.01 -1.59 3.53
N ILE A 72 4.35 -1.56 4.70
CA ILE A 72 4.08 -0.31 5.43
C ILE A 72 5.36 0.25 6.07
N TYR A 73 6.18 -0.65 6.63
CA TYR A 73 7.47 -0.25 7.21
C TYR A 73 8.52 -0.04 6.11
N LYS A 74 8.30 -0.74 4.98
CA LYS A 74 9.20 -0.71 3.83
C LYS A 74 9.03 0.58 2.98
N ILE A 75 7.79 1.08 2.87
CA ILE A 75 7.51 2.34 2.14
C ILE A 75 7.85 3.56 3.01
N GLN A 76 7.68 3.40 4.33
CA GLN A 76 8.06 4.41 5.32
C GLN A 76 9.57 4.69 5.33
N LYS A 77 10.35 3.74 4.78
CA LYS A 77 11.81 3.88 4.65
C LYS A 77 12.20 5.02 3.70
N GLU A 78 11.46 5.13 2.57
CA GLU A 78 11.73 6.15 1.55
C GLU A 78 11.32 7.55 2.04
N LEU A 79 10.18 7.62 2.75
CA LEU A 79 9.72 8.85 3.39
C LEU A 79 10.64 9.29 4.56
N GLU A 80 11.41 8.32 5.10
CA GLU A 80 12.28 8.57 6.26
C GLU A 80 13.49 9.45 5.89
N GLU A 81 13.89 9.41 4.60
CA GLU A 81 14.93 10.29 4.08
C GLU A 81 14.38 11.69 3.81
N LYS A 82 13.07 11.75 3.53
CA LYS A 82 12.35 13.00 3.31
C LYS A 82 11.86 13.62 4.65
N ARG A 83 11.82 12.79 5.70
CA ARG A 83 11.37 13.21 7.03
C ARG A 83 12.46 14.01 7.77
N ARG A 84 13.73 13.74 7.44
CA ARG A 84 14.87 14.42 8.04
C ARG A 84 15.29 15.67 7.22
N SER A 85 14.71 15.80 6.02
CA SER A 85 15.03 16.92 5.12
C SER A 85 14.15 18.15 5.37
N ARG A 86 12.86 17.91 5.70
CA ARG A 86 11.90 18.98 5.96
C ARG A 86 11.97 19.48 7.40
N LEU A 87 12.50 18.63 8.27
CA LEU A 87 12.53 18.89 9.71
C LEU A 87 13.97 19.10 10.19
N GLY B 1 10.31 3.11 -33.50
CA GLY B 1 10.45 4.19 -32.50
C GLY B 1 9.23 4.33 -31.61
N SER B 2 9.26 3.63 -30.47
CA SER B 2 8.15 3.65 -29.52
C SER B 2 8.60 4.21 -28.16
N PRO B 3 7.85 5.19 -27.56
CA PRO B 3 8.21 5.79 -26.25
C PRO B 3 7.97 4.83 -25.06
N GLY B 4 8.90 4.87 -24.10
CA GLY B 4 8.79 4.01 -22.91
C GLY B 4 10.14 3.48 -22.46
N TYR B 5 10.36 3.49 -21.14
CA TYR B 5 11.62 3.02 -20.56
C TYR B 5 11.35 1.93 -19.48
N PRO B 6 11.88 0.69 -19.65
CA PRO B 6 11.67 -0.40 -18.67
C PRO B 6 12.53 -0.25 -17.40
N ASN B 7 11.98 -0.70 -16.27
CA ASN B 7 12.67 -0.62 -14.97
C ASN B 7 13.21 -1.99 -14.53
N GLY B 8 12.47 -3.06 -14.86
CA GLY B 8 12.91 -4.41 -14.53
C GLY B 8 12.08 -5.06 -13.43
N LEU B 9 12.49 -6.28 -13.04
CA LEU B 9 11.83 -7.04 -11.99
C LEU B 9 12.86 -7.54 -10.95
N LEU B 10 12.43 -8.51 -10.10
CA LEU B 10 13.24 -9.09 -9.00
C LEU B 10 13.54 -8.06 -7.89
N SER B 11 13.40 -6.78 -8.23
CA SER B 11 13.58 -5.68 -7.30
C SER B 11 12.43 -4.67 -7.46
N GLY B 12 11.23 -5.12 -7.10
CA GLY B 12 10.03 -4.30 -7.26
C GLY B 12 9.63 -3.57 -5.99
N ASP B 13 10.63 -3.06 -5.26
CA ASP B 13 10.40 -2.32 -4.02
C ASP B 13 11.16 -0.98 -4.04
N GLU B 14 11.91 -0.75 -5.12
CA GLU B 14 12.68 0.47 -5.31
C GLU B 14 11.90 1.51 -6.11
N ASP B 15 10.73 1.11 -6.57
CA ASP B 15 9.84 1.94 -7.36
C ASP B 15 8.91 2.80 -6.50
N PHE B 16 8.89 2.52 -5.17
CA PHE B 16 8.07 3.26 -4.22
C PHE B 16 8.75 4.54 -3.77
N SER B 17 10.02 4.64 -4.11
CA SER B 17 10.84 5.82 -3.83
C SER B 17 10.65 6.86 -4.94
N SER B 18 10.45 6.37 -6.18
CA SER B 18 10.22 7.22 -7.34
C SER B 18 8.73 7.49 -7.59
N ILE B 19 7.89 6.44 -7.49
CA ILE B 19 6.46 6.53 -7.84
C ILE B 19 5.60 7.02 -6.67
N ALA B 20 5.83 6.46 -5.47
CA ALA B 20 4.95 6.71 -4.33
C ALA B 20 5.16 8.08 -3.68
N ASP B 21 6.23 8.74 -4.09
CA ASP B 21 6.52 10.11 -3.66
C ASP B 21 6.14 11.09 -4.78
N MET B 22 5.98 10.56 -6.00
CA MET B 22 5.43 11.30 -7.13
C MET B 22 3.90 11.28 -7.11
N ASP B 23 3.35 10.27 -6.41
CA ASP B 23 1.90 10.05 -6.35
C ASP B 23 1.23 10.89 -5.26
N PHE B 24 1.93 11.16 -4.14
CA PHE B 24 1.31 11.91 -3.04
C PHE B 24 1.42 13.43 -3.23
N SER B 25 2.35 13.85 -4.09
CA SER B 25 2.58 15.27 -4.42
C SER B 25 1.37 15.91 -5.11
N ALA B 26 0.52 15.08 -5.73
CA ALA B 26 -0.67 15.55 -6.44
C ALA B 26 -1.86 15.80 -5.48
N LEU B 27 -1.82 15.13 -4.32
CA LEU B 27 -2.88 15.26 -3.31
C LEU B 27 -2.71 16.49 -2.43
N LEU B 28 -1.51 17.11 -2.47
CA LEU B 28 -1.23 18.34 -1.71
C LEU B 28 -1.72 19.57 -2.48
N SER B 29 -1.63 19.47 -3.81
CA SER B 29 -2.07 20.54 -4.73
C SER B 29 -3.61 20.58 -4.85
N GLN B 30 -4.28 19.50 -4.43
CA GLN B 30 -5.75 19.40 -4.50
C GLN B 30 -6.43 20.09 -3.30
N ILE B 31 -5.63 20.41 -2.29
CA ILE B 31 -6.13 21.04 -1.05
C ILE B 31 -5.78 22.53 -1.03
N SER B 32 -4.63 22.88 -1.63
CA SER B 32 -4.14 24.26 -1.66
C SER B 32 -4.53 24.98 -2.95
N SER B 33 -4.46 24.26 -4.10
CA SER B 33 -4.79 24.78 -5.43
C SER B 33 -3.90 25.98 -5.82
N GLY A 1 -10.55 -25.80 -1.99
CA GLY A 1 -10.21 -24.80 -0.95
C GLY A 1 -10.76 -25.16 0.42
N VAL A 2 -9.87 -25.31 1.40
CA VAL A 2 -10.26 -25.66 2.77
C VAL A 2 -10.53 -24.40 3.59
N ARG A 3 -11.68 -24.38 4.28
CA ARG A 3 -12.08 -23.23 5.10
C ARG A 3 -11.60 -23.38 6.55
N LYS A 4 -10.97 -22.33 7.08
CA LYS A 4 -10.47 -22.32 8.45
C LYS A 4 -11.20 -21.27 9.30
N GLY A 5 -10.75 -21.07 10.55
CA GLY A 5 -11.41 -20.14 11.48
C GLY A 5 -11.31 -18.67 11.05
N TRP A 6 -10.15 -18.30 10.47
CA TRP A 6 -9.89 -16.91 10.05
C TRP A 6 -10.74 -16.48 8.86
N HIS A 7 -11.07 -17.43 7.99
CA HIS A 7 -11.92 -17.19 6.82
C HIS A 7 -13.41 -17.04 7.22
N GLU A 8 -13.73 -17.42 8.47
CA GLU A 8 -15.10 -17.37 8.97
C GLU A 8 -15.48 -16.00 9.53
N HIS A 9 -14.49 -15.23 10.01
CA HIS A 9 -14.74 -13.91 10.58
C HIS A 9 -14.29 -12.76 9.67
N VAL A 10 -13.32 -13.02 8.76
CA VAL A 10 -12.83 -11.99 7.85
C VAL A 10 -13.84 -11.76 6.71
N THR A 11 -14.21 -10.49 6.52
CA THR A 11 -15.22 -10.10 5.53
C THR A 11 -14.60 -9.31 4.40
N GLN A 12 -15.46 -8.82 3.49
CA GLN A 12 -15.05 -7.84 2.47
C GLN A 12 -14.82 -6.47 3.12
N ASP A 13 -15.37 -6.29 4.33
CA ASP A 13 -15.25 -5.05 5.09
C ASP A 13 -13.88 -4.92 5.77
N LEU A 14 -13.30 -6.04 6.26
CA LEU A 14 -11.93 -6.04 6.79
C LEU A 14 -10.92 -5.66 5.71
N ARG A 15 -11.01 -6.31 4.54
CA ARG A 15 -10.05 -6.13 3.43
C ARG A 15 -9.93 -4.67 3.00
N SER A 16 -11.04 -3.93 3.17
CA SER A 16 -11.09 -2.49 2.83
C SER A 16 -10.43 -1.64 3.92
N HIS A 17 -10.50 -2.10 5.17
CA HIS A 17 -9.83 -1.44 6.31
C HIS A 17 -8.34 -1.80 6.36
N LEU A 18 -8.01 -2.92 5.71
CA LEU A 18 -6.63 -3.39 5.52
C LEU A 18 -5.94 -2.56 4.43
N VAL A 19 -6.75 -2.13 3.45
CA VAL A 19 -6.33 -1.27 2.36
C VAL A 19 -6.35 0.22 2.79
N HIS A 20 -7.27 0.55 3.70
CA HIS A 20 -7.34 1.91 4.28
C HIS A 20 -6.23 2.11 5.33
N LYS A 21 -5.66 0.98 5.78
CA LYS A 21 -4.53 0.97 6.72
C LYS A 21 -3.22 1.10 5.91
N LEU A 22 -3.33 0.68 4.67
CA LEU A 22 -2.25 0.64 3.69
C LEU A 22 -2.09 1.97 2.95
N VAL A 23 -3.24 2.59 2.60
CA VAL A 23 -3.29 3.90 1.91
C VAL A 23 -2.96 5.05 2.89
N GLN A 24 -3.16 4.83 4.19
CA GLN A 24 -2.91 5.87 5.21
C GLN A 24 -1.42 5.94 5.59
N ALA A 25 -0.71 4.81 5.42
CA ALA A 25 0.73 4.74 5.65
C ALA A 25 1.51 5.31 4.46
N ILE A 26 0.90 5.23 3.26
CA ILE A 26 1.48 5.79 2.05
C ILE A 26 1.19 7.31 1.99
N PHE A 27 -0.09 7.66 2.15
CA PHE A 27 -0.50 9.06 2.32
C PHE A 27 -1.71 9.14 3.29
N PRO A 28 -1.54 9.76 4.51
CA PRO A 28 -2.69 10.02 5.42
C PRO A 28 -3.69 11.02 4.83
N THR A 29 -4.97 10.70 4.94
CA THR A 29 -6.02 11.53 4.34
C THR A 29 -6.86 12.28 5.37
N PRO A 30 -6.79 13.65 5.36
CA PRO A 30 -7.74 14.52 6.10
C PRO A 30 -9.18 14.36 5.63
N ASP A 31 -9.35 14.48 4.30
CA ASP A 31 -10.66 14.36 3.66
C ASP A 31 -10.78 13.05 2.87
N PRO A 32 -11.82 12.20 3.16
CA PRO A 32 -12.10 10.96 2.39
C PRO A 32 -12.43 11.21 0.90
N ALA A 33 -12.63 12.48 0.53
CA ALA A 33 -13.00 12.86 -0.84
C ALA A 33 -11.81 12.84 -1.81
N ALA A 34 -10.59 12.65 -1.26
CA ALA A 34 -9.35 12.61 -2.05
C ALA A 34 -9.10 11.23 -2.68
N LEU A 35 -9.92 10.25 -2.27
CA LEU A 35 -9.73 8.85 -2.68
C LEU A 35 -10.37 8.56 -4.05
N LYS A 36 -11.07 9.55 -4.61
CA LYS A 36 -11.78 9.41 -5.89
C LYS A 36 -11.06 10.18 -7.02
N ASP A 37 -9.81 10.58 -6.75
CA ASP A 37 -9.03 11.39 -7.68
C ASP A 37 -8.34 10.52 -8.75
N ARG A 38 -7.84 11.16 -9.81
CA ARG A 38 -7.19 10.47 -10.94
C ARG A 38 -5.80 9.92 -10.53
N ARG A 39 -4.94 10.81 -10.01
CA ARG A 39 -3.56 10.46 -9.63
C ARG A 39 -3.50 9.53 -8.40
N MET A 40 -4.50 9.64 -7.50
CA MET A 40 -4.54 8.86 -6.27
C MET A 40 -5.00 7.41 -6.53
N GLU A 41 -5.97 7.25 -7.43
CA GLU A 41 -6.52 5.93 -7.81
C GLU A 41 -5.41 4.97 -8.32
N ASN A 42 -4.28 5.55 -8.75
CA ASN A 42 -3.14 4.77 -9.27
C ASN A 42 -2.44 3.93 -8.19
N LEU A 43 -2.33 4.47 -6.96
CA LEU A 43 -1.71 3.72 -5.85
C LEU A 43 -2.75 2.84 -5.14
N VAL A 44 -4.02 3.31 -5.13
CA VAL A 44 -5.16 2.50 -4.65
C VAL A 44 -5.22 1.18 -5.45
N ALA A 45 -4.84 1.28 -6.72
CA ALA A 45 -4.76 0.13 -7.62
C ALA A 45 -3.50 -0.71 -7.35
N TYR A 46 -2.51 -0.10 -6.67
CA TYR A 46 -1.35 -0.83 -6.14
C TYR A 46 -1.76 -1.64 -4.88
N ALA A 47 -2.58 -1.03 -4.03
CA ALA A 47 -2.95 -1.62 -2.73
C ALA A 47 -4.09 -2.64 -2.87
N LYS A 48 -4.91 -2.48 -3.92
CA LYS A 48 -6.09 -3.34 -4.13
C LYS A 48 -5.71 -4.78 -4.51
N LYS A 49 -4.54 -4.94 -5.13
CA LYS A 49 -4.06 -6.25 -5.60
C LYS A 49 -3.43 -7.05 -4.48
N VAL A 50 -2.73 -6.34 -3.58
CA VAL A 50 -1.86 -6.97 -2.58
C VAL A 50 -2.65 -7.73 -1.50
N GLU A 51 -3.72 -7.12 -0.97
CA GLU A 51 -4.53 -7.69 0.14
C GLU A 51 -5.06 -9.10 -0.21
N GLY A 52 -5.33 -9.33 -1.51
CA GLY A 52 -5.81 -10.62 -1.99
C GLY A 52 -4.70 -11.65 -2.14
N ASP A 53 -3.45 -11.18 -2.22
CA ASP A 53 -2.27 -12.05 -2.33
C ASP A 53 -1.80 -12.50 -0.93
N MET A 54 -2.20 -11.76 0.10
CA MET A 54 -1.87 -12.10 1.50
C MET A 54 -2.67 -13.31 2.00
N TYR A 55 -3.80 -13.59 1.34
CA TYR A 55 -4.72 -14.66 1.75
C TYR A 55 -4.21 -16.05 1.33
N GLU A 56 -3.50 -16.09 0.19
CA GLU A 56 -2.94 -17.34 -0.34
C GLU A 56 -1.54 -17.64 0.22
N SER A 57 -0.85 -16.58 0.69
CA SER A 57 0.53 -16.70 1.18
C SER A 57 0.58 -16.98 2.69
N ALA A 58 -0.24 -16.26 3.46
CA ALA A 58 -0.30 -16.41 4.92
C ALA A 58 -1.34 -17.45 5.35
N ASN A 59 -1.17 -17.96 6.58
CA ASN A 59 -2.06 -18.98 7.14
C ASN A 59 -2.77 -18.50 8.42
N SER A 60 -2.20 -17.46 9.06
CA SER A 60 -2.72 -16.94 10.32
C SER A 60 -2.85 -15.41 10.27
N ARG A 61 -3.70 -14.85 11.16
CA ARG A 61 -4.02 -13.41 11.17
C ARG A 61 -2.82 -12.54 11.62
N ASP A 62 -1.84 -13.16 12.29
CA ASP A 62 -0.63 -12.46 12.71
C ASP A 62 0.38 -12.36 11.55
N GLU A 63 0.35 -13.36 10.65
CA GLU A 63 1.19 -13.38 9.45
C GLU A 63 0.51 -12.62 8.31
N TYR A 64 -0.80 -12.89 8.11
CA TYR A 64 -1.62 -12.24 7.08
C TYR A 64 -1.59 -10.70 7.21
N TYR A 65 -1.89 -10.21 8.42
CA TYR A 65 -1.77 -8.79 8.76
C TYR A 65 -0.32 -8.27 8.69
N HIS A 66 0.66 -9.19 8.67
CA HIS A 66 2.08 -8.82 8.69
C HIS A 66 2.60 -8.48 7.28
N LEU A 67 2.24 -9.26 6.25
CA LEU A 67 2.67 -8.99 4.86
C LEU A 67 2.21 -7.59 4.37
N LEU A 68 1.14 -7.06 4.99
CA LEU A 68 0.63 -5.72 4.68
C LEU A 68 1.35 -4.66 5.52
N ALA A 69 1.69 -5.03 6.76
CA ALA A 69 2.45 -4.16 7.67
C ALA A 69 3.91 -4.04 7.23
N GLU A 70 4.38 -5.04 6.46
CA GLU A 70 5.75 -5.06 5.93
C GLU A 70 5.94 -4.11 4.76
N LYS A 71 4.91 -3.98 3.90
CA LYS A 71 4.93 -2.97 2.82
C LYS A 71 4.76 -1.58 3.43
N ILE A 72 4.11 -1.54 4.60
CA ILE A 72 3.82 -0.29 5.32
C ILE A 72 5.11 0.28 5.94
N TYR A 73 6.05 -0.61 6.27
CA TYR A 73 7.31 -0.22 6.88
C TYR A 73 8.34 0.20 5.82
N LYS A 74 8.28 -0.47 4.65
CA LYS A 74 9.23 -0.24 3.55
C LYS A 74 8.92 1.04 2.77
N ILE A 75 7.63 1.40 2.71
CA ILE A 75 7.19 2.65 2.05
C ILE A 75 7.48 3.86 2.97
N GLN A 76 7.46 3.60 4.28
CA GLN A 76 7.85 4.58 5.29
C GLN A 76 9.37 4.83 5.29
N LYS A 77 10.13 3.88 4.71
CA LYS A 77 11.59 3.99 4.59
C LYS A 77 12.01 4.91 3.43
N GLU A 78 11.30 4.78 2.30
CA GLU A 78 11.64 5.51 1.06
C GLU A 78 11.40 7.02 1.18
N LEU A 79 10.26 7.40 1.81
CA LEU A 79 9.95 8.81 2.13
C LEU A 79 11.02 9.44 3.06
N GLU A 80 11.77 8.60 3.78
CA GLU A 80 12.86 9.06 4.65
C GLU A 80 14.17 9.22 3.88
N GLU A 81 14.25 8.59 2.70
CA GLU A 81 15.43 8.68 1.82
C GLU A 81 15.47 10.03 1.09
N LYS A 82 14.29 10.65 0.92
CA LYS A 82 14.18 11.99 0.32
C LYS A 82 14.37 13.09 1.38
N ARG A 83 14.12 12.73 2.65
CA ARG A 83 14.24 13.65 3.78
C ARG A 83 15.67 13.69 4.34
N ARG A 84 16.43 12.60 4.13
CA ARG A 84 17.80 12.49 4.64
C ARG A 84 18.83 12.97 3.60
N SER A 85 18.41 13.05 2.33
CA SER A 85 19.32 13.39 1.23
C SER A 85 19.36 14.89 0.93
N ARG A 86 18.19 15.55 0.99
CA ARG A 86 18.08 16.97 0.66
C ARG A 86 17.76 17.84 1.89
N LEU A 87 16.51 17.79 2.32
CA LEU A 87 16.02 18.57 3.45
C LEU A 87 15.76 17.69 4.67
N GLY B 1 -21.41 0.35 -17.06
CA GLY B 1 -20.73 0.75 -15.80
C GLY B 1 -19.53 1.64 -16.06
N SER B 2 -18.38 1.24 -15.50
CA SER B 2 -17.13 1.99 -15.66
C SER B 2 -16.04 1.14 -16.34
N PRO B 3 -15.31 1.68 -17.36
CA PRO B 3 -14.25 0.92 -18.07
C PRO B 3 -12.98 0.71 -17.22
N GLY B 4 -12.42 -0.51 -17.30
CA GLY B 4 -11.22 -0.84 -16.55
C GLY B 4 -10.47 -2.01 -17.14
N TYR B 5 -9.14 -2.01 -16.98
CA TYR B 5 -8.28 -3.07 -17.49
C TYR B 5 -7.72 -3.92 -16.32
N PRO B 6 -8.34 -5.10 -15.99
CA PRO B 6 -7.85 -6.00 -14.92
C PRO B 6 -6.49 -6.66 -15.25
N ASN B 7 -5.82 -7.18 -14.20
CA ASN B 7 -4.51 -7.87 -14.31
C ASN B 7 -3.40 -6.91 -14.78
N GLY B 8 -2.37 -6.76 -13.94
CA GLY B 8 -1.24 -5.91 -14.27
C GLY B 8 -0.14 -5.95 -13.21
N LEU B 9 0.25 -7.17 -12.83
CA LEU B 9 1.29 -7.37 -11.81
C LEU B 9 2.46 -8.21 -12.35
N LEU B 10 2.72 -8.10 -13.66
CA LEU B 10 3.81 -8.84 -14.30
C LEU B 10 5.16 -8.21 -13.93
N SER B 11 5.67 -8.58 -12.73
CA SER B 11 6.93 -8.05 -12.15
C SER B 11 6.84 -6.55 -11.89
N GLY B 12 6.47 -6.19 -10.65
CA GLY B 12 6.33 -4.80 -10.27
C GLY B 12 5.88 -4.64 -8.84
N ASP B 13 6.86 -4.64 -7.95
CA ASP B 13 6.64 -4.49 -6.51
C ASP B 13 7.64 -3.50 -5.89
N GLU B 14 8.65 -3.15 -6.69
CA GLU B 14 9.70 -2.23 -6.29
C GLU B 14 9.74 -0.98 -7.17
N ASP B 15 8.90 -1.00 -8.20
CA ASP B 15 8.86 0.06 -9.22
C ASP B 15 7.85 1.18 -8.86
N PHE B 16 7.04 0.95 -7.81
CA PHE B 16 6.03 1.93 -7.39
C PHE B 16 6.64 3.04 -6.51
N SER B 17 7.88 2.80 -6.06
CA SER B 17 8.63 3.75 -5.21
C SER B 17 8.97 5.04 -5.97
N SER B 18 8.97 4.94 -7.31
CA SER B 18 9.19 6.09 -8.20
C SER B 18 7.87 6.83 -8.45
N ILE B 19 6.76 6.09 -8.31
CA ILE B 19 5.42 6.64 -8.51
C ILE B 19 4.88 7.29 -7.22
N ALA B 20 5.28 6.73 -6.06
CA ALA B 20 4.79 7.21 -4.76
C ALA B 20 5.52 8.45 -4.26
N ASP B 21 6.62 8.77 -4.93
CA ASP B 21 7.38 9.99 -4.65
C ASP B 21 7.02 11.09 -5.68
N MET B 22 6.30 10.67 -6.73
CA MET B 22 5.74 11.59 -7.71
C MET B 22 4.29 11.94 -7.36
N ASP B 23 3.62 11.01 -6.67
CA ASP B 23 2.22 11.16 -6.27
C ASP B 23 2.09 11.86 -4.90
N PHE B 24 3.18 11.84 -4.11
CA PHE B 24 3.18 12.46 -2.77
C PHE B 24 3.19 14.00 -2.88
N SER B 25 3.76 14.51 -3.98
CA SER B 25 3.82 15.96 -4.23
C SER B 25 2.52 16.49 -4.84
N ALA B 26 1.76 15.59 -5.49
CA ALA B 26 0.49 15.94 -6.14
C ALA B 26 -0.69 15.94 -5.15
N LEU B 27 -0.53 15.19 -4.04
CA LEU B 27 -1.57 15.08 -3.00
C LEU B 27 -1.53 16.25 -2.01
N LEU B 28 -0.39 16.96 -1.97
CA LEU B 28 -0.23 18.15 -1.10
C LEU B 28 -0.79 19.40 -1.77
N SER B 29 -0.75 19.40 -3.11
CA SER B 29 -1.29 20.50 -3.92
C SER B 29 -2.82 20.48 -3.99
N GLN B 30 -3.43 19.34 -3.61
CA GLN B 30 -4.90 19.14 -3.70
C GLN B 30 -5.68 20.02 -2.71
N ILE B 31 -4.97 20.59 -1.74
CA ILE B 31 -5.59 21.42 -0.69
C ILE B 31 -5.33 22.91 -0.90
N SER B 32 -4.24 23.24 -1.61
CA SER B 32 -3.86 24.64 -1.86
C SER B 32 -4.38 25.12 -3.23
N SER B 33 -4.27 24.27 -4.25
CA SER B 33 -4.73 24.60 -5.60
C SER B 33 -5.88 23.69 -6.03
N GLY A 1 -7.15 -22.49 -2.91
CA GLY A 1 -7.38 -21.63 -1.72
C GLY A 1 -8.23 -22.33 -0.67
N VAL A 2 -7.58 -22.73 0.44
CA VAL A 2 -8.26 -23.42 1.54
C VAL A 2 -8.79 -22.44 2.59
N ARG A 3 -9.98 -22.72 3.11
CA ARG A 3 -10.62 -21.87 4.13
C ARG A 3 -10.28 -22.37 5.53
N LYS A 4 -9.72 -21.48 6.35
CA LYS A 4 -9.33 -21.82 7.72
C LYS A 4 -10.01 -20.85 8.71
N GLY A 5 -9.60 -20.87 10.00
CA GLY A 5 -10.16 -19.96 11.00
C GLY A 5 -10.10 -18.47 10.63
N TRP A 6 -9.20 -18.11 9.70
CA TRP A 6 -9.05 -16.72 9.20
C TRP A 6 -10.26 -16.26 8.38
N HIS A 7 -10.89 -17.20 7.66
CA HIS A 7 -12.07 -16.89 6.84
C HIS A 7 -13.33 -16.72 7.72
N GLU A 8 -13.22 -17.12 8.99
CA GLU A 8 -14.31 -17.01 9.95
C GLU A 8 -14.40 -15.60 10.56
N HIS A 9 -13.29 -14.85 10.51
CA HIS A 9 -13.26 -13.47 11.03
C HIS A 9 -13.02 -12.43 9.93
N VAL A 10 -12.39 -12.83 8.81
CA VAL A 10 -12.15 -11.90 7.69
C VAL A 10 -13.43 -11.74 6.85
N THR A 11 -13.85 -10.49 6.70
CA THR A 11 -15.05 -10.15 5.92
C THR A 11 -14.69 -9.38 4.66
N GLN A 12 -15.73 -8.94 3.93
CA GLN A 12 -15.55 -7.98 2.83
C GLN A 12 -15.31 -6.57 3.39
N ASP A 13 -15.67 -6.37 4.67
CA ASP A 13 -15.53 -5.08 5.34
C ASP A 13 -14.12 -4.87 5.92
N LEU A 14 -13.48 -5.95 6.42
CA LEU A 14 -12.09 -5.87 6.91
C LEU A 14 -11.13 -5.47 5.80
N ARG A 15 -11.25 -6.12 4.63
CA ARG A 15 -10.35 -5.90 3.48
C ARG A 15 -10.30 -4.42 3.07
N SER A 16 -11.41 -3.72 3.30
CA SER A 16 -11.53 -2.29 2.98
C SER A 16 -10.82 -1.41 4.03
N HIS A 17 -10.81 -1.87 5.30
CA HIS A 17 -10.12 -1.16 6.40
C HIS A 17 -8.62 -1.51 6.41
N LEU A 18 -8.29 -2.66 5.80
CA LEU A 18 -6.90 -3.10 5.59
C LEU A 18 -6.22 -2.23 4.52
N VAL A 19 -7.05 -1.76 3.56
CA VAL A 19 -6.62 -0.87 2.49
C VAL A 19 -6.63 0.60 2.97
N HIS A 20 -7.57 0.94 3.86
CA HIS A 20 -7.65 2.27 4.47
C HIS A 20 -6.55 2.46 5.52
N LYS A 21 -5.97 1.34 5.97
CA LYS A 21 -4.85 1.32 6.91
C LYS A 21 -3.54 1.47 6.13
N LEU A 22 -3.62 1.01 4.88
CA LEU A 22 -2.52 0.92 3.96
C LEU A 22 -2.34 2.23 3.17
N VAL A 23 -3.47 2.86 2.80
CA VAL A 23 -3.48 4.17 2.09
C VAL A 23 -3.14 5.33 3.04
N GLN A 24 -3.40 5.15 4.35
CA GLN A 24 -3.13 6.20 5.35
C GLN A 24 -1.67 6.19 5.80
N ALA A 25 -1.03 5.00 5.70
CA ALA A 25 0.40 4.85 5.97
C ALA A 25 1.25 5.40 4.83
N ILE A 26 0.73 5.30 3.60
CA ILE A 26 1.41 5.81 2.41
C ILE A 26 1.20 7.34 2.32
N PHE A 27 -0.08 7.77 2.32
CA PHE A 27 -0.42 9.19 2.40
C PHE A 27 -1.69 9.39 3.26
N PRO A 28 -1.59 10.00 4.49
CA PRO A 28 -2.78 10.34 5.30
C PRO A 28 -3.60 11.47 4.66
N THR A 29 -4.92 11.29 4.63
CA THR A 29 -5.82 12.26 4.00
C THR A 29 -6.58 13.11 5.03
N PRO A 30 -6.29 14.44 5.09
CA PRO A 30 -7.12 15.42 5.84
C PRO A 30 -8.56 15.49 5.33
N ASP A 31 -8.69 15.66 4.02
CA ASP A 31 -9.98 15.73 3.34
C ASP A 31 -10.25 14.45 2.53
N PRO A 32 -11.39 13.74 2.80
CA PRO A 32 -11.80 12.53 2.02
C PRO A 32 -12.05 12.81 0.52
N ALA A 33 -12.08 14.09 0.14
CA ALA A 33 -12.32 14.52 -1.25
C ALA A 33 -11.07 14.32 -2.13
N ALA A 34 -9.93 13.98 -1.49
CA ALA A 34 -8.67 13.74 -2.20
C ALA A 34 -8.60 12.33 -2.80
N LEU A 35 -9.47 11.44 -2.30
CA LEU A 35 -9.50 10.04 -2.72
C LEU A 35 -10.26 9.86 -4.05
N LYS A 36 -10.73 10.97 -4.63
CA LYS A 36 -11.48 10.95 -5.89
C LYS A 36 -10.58 11.37 -7.06
N ASP A 37 -9.27 11.38 -6.81
CA ASP A 37 -8.27 11.80 -7.79
C ASP A 37 -7.81 10.62 -8.66
N ARG A 38 -7.36 10.95 -9.88
CA ARG A 38 -6.97 9.95 -10.89
C ARG A 38 -5.56 9.43 -10.60
N ARG A 39 -4.71 10.35 -10.15
CA ARG A 39 -3.30 10.05 -9.81
C ARG A 39 -3.19 9.25 -8.51
N MET A 40 -4.16 9.42 -7.60
CA MET A 40 -4.20 8.70 -6.32
C MET A 40 -4.76 7.28 -6.49
N GLU A 41 -5.75 7.15 -7.38
CA GLU A 41 -6.39 5.86 -7.70
C GLU A 41 -5.38 4.79 -8.17
N ASN A 42 -4.20 5.25 -8.63
CA ASN A 42 -3.14 4.36 -9.13
C ASN A 42 -2.46 3.55 -8.02
N LEU A 43 -2.31 4.16 -6.81
CA LEU A 43 -1.72 3.46 -5.67
C LEU A 43 -2.79 2.69 -4.90
N VAL A 44 -4.04 3.21 -4.93
CA VAL A 44 -5.22 2.49 -4.41
C VAL A 44 -5.34 1.12 -5.09
N ALA A 45 -4.92 1.07 -6.35
CA ALA A 45 -4.90 -0.15 -7.15
C ALA A 45 -3.68 -1.02 -6.82
N TYR A 46 -2.65 -0.40 -6.20
CA TYR A 46 -1.51 -1.12 -5.62
C TYR A 46 -1.93 -1.81 -4.31
N ALA A 47 -2.71 -1.09 -3.49
CA ALA A 47 -3.11 -1.55 -2.16
C ALA A 47 -4.25 -2.57 -2.24
N LYS A 48 -5.20 -2.33 -3.16
CA LYS A 48 -6.34 -3.23 -3.40
C LYS A 48 -5.86 -4.59 -3.96
N LYS A 49 -4.66 -4.57 -4.55
CA LYS A 49 -4.05 -5.74 -5.19
C LYS A 49 -3.28 -6.62 -4.19
N VAL A 50 -2.60 -5.99 -3.21
CA VAL A 50 -1.64 -6.70 -2.34
C VAL A 50 -2.30 -7.73 -1.41
N GLU A 51 -3.38 -7.33 -0.71
CA GLU A 51 -4.08 -8.23 0.24
C GLU A 51 -4.71 -9.46 -0.45
N GLY A 52 -4.95 -9.35 -1.76
CA GLY A 52 -5.48 -10.46 -2.54
C GLY A 52 -4.43 -11.56 -2.78
N ASP A 53 -3.16 -11.16 -2.76
CA ASP A 53 -2.02 -12.09 -2.88
C ASP A 53 -1.62 -12.64 -1.50
N MET A 54 -2.03 -11.93 -0.44
CA MET A 54 -1.73 -12.32 0.95
C MET A 54 -2.49 -13.57 1.40
N TYR A 55 -3.65 -13.82 0.77
CA TYR A 55 -4.51 -14.96 1.12
C TYR A 55 -3.96 -16.28 0.54
N GLU A 56 -3.19 -16.16 -0.55
CA GLU A 56 -2.55 -17.32 -1.17
C GLU A 56 -1.16 -17.60 -0.58
N SER A 57 -0.55 -16.57 0.02
CA SER A 57 0.82 -16.65 0.57
C SER A 57 0.81 -16.95 2.07
N ALA A 58 -0.12 -16.32 2.81
CA ALA A 58 -0.20 -16.48 4.27
C ALA A 58 -1.10 -17.65 4.66
N ASN A 59 -0.82 -18.22 5.85
CA ASN A 59 -1.59 -19.36 6.37
C ASN A 59 -2.23 -19.02 7.74
N SER A 60 -1.77 -17.93 8.36
CA SER A 60 -2.24 -17.54 9.69
C SER A 60 -2.62 -16.05 9.73
N ARG A 61 -3.33 -15.65 10.80
CA ARG A 61 -3.79 -14.26 10.98
C ARG A 61 -2.61 -13.30 11.26
N ASP A 62 -1.56 -13.81 11.92
CA ASP A 62 -0.38 -12.99 12.27
C ASP A 62 0.58 -12.84 11.09
N GLU A 63 0.53 -13.79 10.13
CA GLU A 63 1.33 -13.71 8.91
C GLU A 63 0.58 -12.89 7.85
N TYR A 64 -0.74 -13.07 7.79
CA TYR A 64 -1.62 -12.34 6.87
C TYR A 64 -1.52 -10.81 7.09
N TYR A 65 -1.75 -10.37 8.34
CA TYR A 65 -1.70 -8.95 8.71
C TYR A 65 -0.27 -8.37 8.73
N HIS A 66 0.75 -9.22 8.88
CA HIS A 66 2.15 -8.76 8.97
C HIS A 66 2.75 -8.45 7.60
N LEU A 67 2.34 -9.23 6.58
CA LEU A 67 2.74 -9.01 5.18
C LEU A 67 2.28 -7.66 4.65
N LEU A 68 1.07 -7.25 5.04
CA LEU A 68 0.53 -5.92 4.74
C LEU A 68 1.18 -4.81 5.58
N ALA A 69 1.60 -5.16 6.81
CA ALA A 69 2.20 -4.20 7.75
C ALA A 69 3.68 -3.93 7.41
N GLU A 70 4.35 -4.90 6.77
CA GLU A 70 5.75 -4.76 6.38
C GLU A 70 5.94 -3.86 5.16
N LYS A 71 4.94 -3.85 4.24
CA LYS A 71 4.94 -2.88 3.13
C LYS A 71 4.67 -1.48 3.67
N ILE A 72 3.94 -1.43 4.80
CA ILE A 72 3.57 -0.19 5.47
C ILE A 72 4.81 0.50 6.06
N TYR A 73 5.79 -0.31 6.49
CA TYR A 73 7.03 0.21 7.06
C TYR A 73 8.06 0.55 5.97
N LYS A 74 8.07 -0.25 4.88
CA LYS A 74 9.04 -0.07 3.77
C LYS A 74 8.75 1.17 2.93
N ILE A 75 7.46 1.51 2.79
CA ILE A 75 7.04 2.71 2.06
C ILE A 75 7.34 3.97 2.92
N GLN A 76 7.31 3.78 4.24
CA GLN A 76 7.73 4.79 5.21
C GLN A 76 9.27 5.02 5.18
N LYS A 77 9.99 4.03 4.64
CA LYS A 77 11.46 4.09 4.50
C LYS A 77 11.89 4.91 3.27
N GLU A 78 11.15 4.77 2.16
CA GLU A 78 11.46 5.44 0.90
C GLU A 78 11.24 6.95 0.96
N LEU A 79 10.13 7.36 1.61
CA LEU A 79 9.85 8.78 1.91
C LEU A 79 10.90 9.40 2.85
N GLU A 80 11.61 8.54 3.60
CA GLU A 80 12.67 8.96 4.52
C GLU A 80 13.93 9.42 3.75
N GLU A 81 14.01 9.03 2.47
CA GLU A 81 15.09 9.47 1.56
C GLU A 81 14.95 10.95 1.20
N LYS A 82 13.71 11.48 1.32
CA LYS A 82 13.43 12.90 1.13
C LYS A 82 13.73 13.71 2.41
N ARG A 83 13.63 13.02 3.55
CA ARG A 83 13.86 13.61 4.87
C ARG A 83 15.35 13.56 5.27
N ARG A 84 16.11 12.66 4.63
CA ARG A 84 17.54 12.48 4.92
C ARG A 84 18.41 13.35 4.00
N SER A 85 17.88 13.67 2.80
CA SER A 85 18.63 14.45 1.80
C SER A 85 18.35 15.95 1.94
N ARG A 86 17.08 16.32 2.24
CA ARG A 86 16.64 17.72 2.43
C ARG A 86 17.04 18.62 1.23
N LEU A 87 16.09 18.77 0.28
CA LEU A 87 16.27 19.57 -0.96
C LEU A 87 17.65 19.36 -1.64
N GLY B 1 7.13 -19.13 -15.42
CA GLY B 1 7.38 -17.74 -15.86
C GLY B 1 8.78 -17.27 -15.51
N SER B 2 9.52 -16.80 -16.52
CA SER B 2 10.89 -16.32 -16.33
C SER B 2 10.95 -14.78 -16.46
N PRO B 3 11.48 -14.05 -15.43
CA PRO B 3 11.56 -12.57 -15.46
C PRO B 3 12.64 -12.02 -16.41
N GLY B 4 13.68 -12.84 -16.66
CA GLY B 4 14.77 -12.44 -17.53
C GLY B 4 16.08 -12.27 -16.78
N TYR B 5 16.15 -11.22 -15.94
CA TYR B 5 17.35 -10.93 -15.15
C TYR B 5 17.06 -11.02 -13.63
N PRO B 6 17.40 -12.17 -12.96
CA PRO B 6 17.23 -12.32 -11.49
C PRO B 6 18.23 -11.49 -10.66
N ASN B 7 19.24 -10.92 -11.33
CA ASN B 7 20.30 -10.15 -10.66
C ASN B 7 19.90 -8.69 -10.43
N GLY B 8 18.90 -8.22 -11.17
CA GLY B 8 18.43 -6.84 -11.04
C GLY B 8 17.20 -6.71 -10.15
N LEU B 9 17.02 -5.53 -9.56
CA LEU B 9 15.90 -5.26 -8.66
C LEU B 9 14.96 -4.17 -9.21
N LEU B 10 14.89 -4.08 -10.55
CA LEU B 10 14.04 -3.10 -11.23
C LEU B 10 12.55 -3.51 -11.12
N SER B 11 12.32 -4.71 -10.59
CA SER B 11 10.99 -5.27 -10.42
C SER B 11 10.91 -6.06 -9.11
N GLY B 12 10.52 -5.37 -8.04
CA GLY B 12 10.43 -5.97 -6.72
C GLY B 12 9.61 -5.15 -5.74
N ASP B 13 10.28 -4.18 -5.08
CA ASP B 13 9.62 -3.30 -4.13
C ASP B 13 9.98 -1.83 -4.41
N GLU B 14 10.87 -1.62 -5.38
CA GLU B 14 11.37 -0.30 -5.76
C GLU B 14 10.67 0.25 -7.00
N ASP B 15 9.80 -0.58 -7.58
CA ASP B 15 9.12 -0.28 -8.85
C ASP B 15 7.99 0.75 -8.65
N PHE B 16 7.22 0.61 -7.54
CA PHE B 16 6.13 1.54 -7.24
C PHE B 16 6.63 2.75 -6.43
N SER B 17 7.88 2.65 -5.94
CA SER B 17 8.54 3.72 -5.18
C SER B 17 8.83 4.94 -6.07
N SER B 18 8.85 4.71 -7.39
CA SER B 18 9.01 5.78 -8.38
C SER B 18 7.68 6.50 -8.63
N ILE B 19 6.58 5.76 -8.42
CA ILE B 19 5.23 6.29 -8.56
C ILE B 19 4.75 6.95 -7.26
N ALA B 20 5.21 6.42 -6.11
CA ALA B 20 4.77 6.92 -4.80
C ALA B 20 5.54 8.17 -4.36
N ASP B 21 6.62 8.45 -5.07
CA ASP B 21 7.42 9.67 -4.86
C ASP B 21 7.07 10.70 -5.95
N MET B 22 6.28 10.26 -6.93
CA MET B 22 5.76 11.11 -7.99
C MET B 22 4.34 11.59 -7.61
N ASP B 23 3.62 10.74 -6.88
CA ASP B 23 2.25 11.00 -6.47
C ASP B 23 2.19 11.76 -5.13
N PHE B 24 3.27 11.72 -4.34
CA PHE B 24 3.33 12.41 -3.04
C PHE B 24 3.42 13.94 -3.23
N SER B 25 3.97 14.36 -4.38
CA SER B 25 4.10 15.78 -4.72
C SER B 25 2.78 16.34 -5.30
N ALA B 26 1.98 15.45 -5.91
CA ALA B 26 0.69 15.82 -6.51
C ALA B 26 -0.43 15.85 -5.48
N LEU B 27 -0.24 15.11 -4.37
CA LEU B 27 -1.21 15.04 -3.28
C LEU B 27 -1.14 16.26 -2.35
N LEU B 28 -0.03 17.02 -2.43
CA LEU B 28 0.13 18.27 -1.65
C LEU B 28 -0.60 19.42 -2.33
N SER B 29 -0.75 19.30 -3.66
CA SER B 29 -1.47 20.28 -4.48
C SER B 29 -2.99 20.16 -4.34
N GLN B 30 -3.45 19.02 -3.77
CA GLN B 30 -4.89 18.73 -3.63
C GLN B 30 -5.58 19.61 -2.58
N ILE B 31 -4.79 20.31 -1.77
CA ILE B 31 -5.32 21.20 -0.72
C ILE B 31 -5.22 22.68 -1.09
N SER B 32 -4.38 22.99 -2.08
CA SER B 32 -4.18 24.38 -2.55
C SER B 32 -5.00 24.67 -3.80
N SER B 33 -5.05 23.69 -4.73
CA SER B 33 -5.79 23.84 -5.98
C SER B 33 -6.97 22.86 -6.03
N GLY A 1 -13.19 -22.07 -0.78
CA GLY A 1 -13.72 -23.45 -0.68
C GLY A 1 -14.02 -23.86 0.76
N VAL A 2 -12.97 -24.24 1.50
CA VAL A 2 -13.10 -24.65 2.90
C VAL A 2 -12.92 -23.44 3.82
N ARG A 3 -13.82 -23.32 4.81
CA ARG A 3 -13.79 -22.20 5.76
C ARG A 3 -12.95 -22.54 7.00
N LYS A 4 -12.03 -21.63 7.34
CA LYS A 4 -11.15 -21.80 8.50
C LYS A 4 -11.45 -20.72 9.56
N GLY A 5 -10.63 -20.68 10.64
CA GLY A 5 -10.86 -19.74 11.75
C GLY A 5 -10.75 -18.26 11.35
N TRP A 6 -9.75 -17.94 10.52
CA TRP A 6 -9.50 -16.56 10.07
C TRP A 6 -10.61 -16.03 9.14
N HIS A 7 -11.20 -16.94 8.35
CA HIS A 7 -12.30 -16.58 7.43
C HIS A 7 -13.61 -16.34 8.20
N GLU A 8 -13.69 -16.84 9.44
CA GLU A 8 -14.86 -16.68 10.29
C GLU A 8 -15.00 -15.27 10.87
N HIS A 9 -13.87 -14.58 11.07
CA HIS A 9 -13.87 -13.22 11.63
C HIS A 9 -13.54 -12.15 10.60
N VAL A 10 -12.80 -12.51 9.52
CA VAL A 10 -12.48 -11.54 8.46
C VAL A 10 -13.69 -11.36 7.53
N THR A 11 -14.08 -10.10 7.35
CA THR A 11 -15.28 -9.75 6.59
C THR A 11 -14.94 -9.05 5.28
N GLN A 12 -15.98 -8.61 4.56
CA GLN A 12 -15.84 -7.73 3.40
C GLN A 12 -15.47 -6.31 3.86
N ASP A 13 -15.69 -6.04 5.15
CA ASP A 13 -15.39 -4.72 5.74
C ASP A 13 -13.93 -4.61 6.17
N LEU A 14 -13.30 -5.74 6.58
CA LEU A 14 -11.86 -5.74 6.87
C LEU A 14 -11.03 -5.51 5.61
N ARG A 15 -11.33 -6.25 4.53
CA ARG A 15 -10.56 -6.17 3.27
C ARG A 15 -10.48 -4.72 2.72
N SER A 16 -11.47 -3.90 3.10
CA SER A 16 -11.50 -2.49 2.71
C SER A 16 -10.69 -1.61 3.68
N HIS A 17 -10.70 -1.98 4.98
CA HIS A 17 -10.00 -1.23 6.03
C HIS A 17 -8.49 -1.51 6.01
N LEU A 18 -8.12 -2.69 5.48
CA LEU A 18 -6.73 -3.08 5.26
C LEU A 18 -6.10 -2.25 4.11
N VAL A 19 -6.96 -1.88 3.15
CA VAL A 19 -6.61 -1.01 2.02
C VAL A 19 -6.68 0.48 2.45
N HIS A 20 -7.54 0.75 3.45
CA HIS A 20 -7.60 2.08 4.10
C HIS A 20 -6.44 2.21 5.10
N LYS A 21 -5.85 1.07 5.46
CA LYS A 21 -4.66 1.00 6.32
C LYS A 21 -3.42 1.26 5.47
N LEU A 22 -3.56 0.94 4.19
CA LEU A 22 -2.53 1.09 3.18
C LEU A 22 -2.41 2.56 2.73
N VAL A 23 -3.54 3.10 2.23
CA VAL A 23 -3.62 4.48 1.72
C VAL A 23 -3.31 5.51 2.83
N GLN A 24 -3.52 5.12 4.10
CA GLN A 24 -3.26 5.98 5.26
C GLN A 24 -1.78 5.92 5.65
N ALA A 25 -1.18 4.73 5.52
CA ALA A 25 0.25 4.52 5.77
C ALA A 25 1.12 5.09 4.64
N ILE A 26 0.52 5.21 3.45
CA ILE A 26 1.19 5.76 2.27
C ILE A 26 1.05 7.30 2.25
N PHE A 27 -0.20 7.79 2.32
CA PHE A 27 -0.48 9.22 2.38
C PHE A 27 -1.62 9.51 3.38
N PRO A 28 -1.36 10.26 4.51
CA PRO A 28 -2.43 10.70 5.44
C PRO A 28 -3.45 11.62 4.76
N THR A 29 -4.74 11.41 5.05
CA THR A 29 -5.82 12.13 4.38
C THR A 29 -6.24 13.40 5.13
N PRO A 30 -6.02 14.60 4.51
CA PRO A 30 -6.61 15.88 4.96
C PRO A 30 -8.13 15.90 4.86
N ASP A 31 -8.62 15.64 3.64
CA ASP A 31 -10.06 15.66 3.35
C ASP A 31 -10.51 14.35 2.68
N PRO A 32 -11.73 13.84 3.06
CA PRO A 32 -12.37 12.66 2.43
C PRO A 32 -12.65 12.82 0.93
N ALA A 33 -12.57 14.06 0.42
CA ALA A 33 -12.86 14.37 -0.98
C ALA A 33 -11.63 14.17 -1.89
N ALA A 34 -10.43 14.16 -1.28
CA ALA A 34 -9.17 13.91 -2.01
C ALA A 34 -9.07 12.47 -2.56
N LEU A 35 -10.01 11.61 -2.15
CA LEU A 35 -9.99 10.20 -2.51
C LEU A 35 -10.68 9.92 -3.86
N LYS A 36 -11.18 10.99 -4.50
CA LYS A 36 -11.92 10.89 -5.76
C LYS A 36 -11.02 11.30 -6.95
N ASP A 37 -9.71 11.40 -6.67
CA ASP A 37 -8.73 11.84 -7.65
C ASP A 37 -8.29 10.68 -8.56
N ARG A 38 -7.93 11.04 -9.80
CA ARG A 38 -7.51 10.08 -10.84
C ARG A 38 -6.09 9.54 -10.59
N ARG A 39 -5.16 10.46 -10.29
CA ARG A 39 -3.75 10.11 -10.01
C ARG A 39 -3.59 9.27 -8.73
N MET A 40 -4.60 9.30 -7.85
CA MET A 40 -4.55 8.58 -6.57
C MET A 40 -5.02 7.13 -6.72
N GLU A 41 -6.10 6.93 -7.49
CA GLU A 41 -6.68 5.59 -7.71
C GLU A 41 -5.68 4.57 -8.29
N ASN A 42 -4.60 5.08 -8.90
CA ASN A 42 -3.55 4.23 -9.49
C ASN A 42 -2.73 3.49 -8.41
N LEU A 43 -2.53 4.15 -7.24
CA LEU A 43 -1.83 3.52 -6.12
C LEU A 43 -2.81 2.71 -5.25
N VAL A 44 -4.08 3.17 -5.21
CA VAL A 44 -5.17 2.41 -4.57
C VAL A 44 -5.23 0.99 -5.15
N ALA A 45 -5.04 0.92 -6.48
CA ALA A 45 -4.98 -0.34 -7.22
C ALA A 45 -3.69 -1.12 -6.91
N TYR A 46 -2.68 -0.40 -6.39
CA TYR A 46 -1.44 -1.02 -5.88
C TYR A 46 -1.69 -1.65 -4.49
N ALA A 47 -2.62 -1.06 -3.72
CA ALA A 47 -3.00 -1.58 -2.40
C ALA A 47 -4.06 -2.68 -2.52
N LYS A 48 -4.94 -2.57 -3.53
CA LYS A 48 -6.00 -3.56 -3.77
C LYS A 48 -5.42 -4.94 -4.14
N LYS A 49 -4.19 -4.91 -4.69
CA LYS A 49 -3.50 -6.11 -5.17
C LYS A 49 -2.73 -6.82 -4.04
N VAL A 50 -2.15 -6.03 -3.11
CA VAL A 50 -1.31 -6.60 -2.04
C VAL A 50 -2.14 -7.25 -0.93
N GLU A 51 -3.39 -6.80 -0.77
CA GLU A 51 -4.30 -7.31 0.26
C GLU A 51 -4.97 -8.62 -0.19
N GLY A 52 -5.28 -8.71 -1.49
CA GLY A 52 -5.97 -9.88 -2.03
C GLY A 52 -5.03 -11.05 -2.37
N ASP A 53 -3.73 -10.74 -2.52
CA ASP A 53 -2.72 -11.75 -2.86
C ASP A 53 -2.15 -12.40 -1.59
N MET A 54 -2.33 -11.73 -0.43
CA MET A 54 -1.78 -12.20 0.86
C MET A 54 -2.62 -13.34 1.47
N TYR A 55 -3.89 -13.43 1.04
CA TYR A 55 -4.81 -14.45 1.55
C TYR A 55 -4.47 -15.84 0.97
N GLU A 56 -3.83 -15.84 -0.21
CA GLU A 56 -3.40 -17.08 -0.88
C GLU A 56 -1.99 -17.52 -0.42
N SER A 57 -1.20 -16.55 0.06
CA SER A 57 0.19 -16.80 0.47
C SER A 57 0.30 -17.06 1.98
N ALA A 58 -0.55 -16.39 2.77
CA ALA A 58 -0.53 -16.53 4.23
C ALA A 58 -1.48 -17.64 4.70
N ASN A 59 -1.09 -18.33 5.78
CA ASN A 59 -1.89 -19.42 6.35
C ASN A 59 -2.56 -19.01 7.67
N SER A 60 -2.05 -17.92 8.27
CA SER A 60 -2.53 -17.45 9.57
C SER A 60 -2.79 -15.94 9.54
N ARG A 61 -3.59 -15.46 10.51
CA ARG A 61 -3.98 -14.05 10.59
C ARG A 61 -2.81 -13.16 11.06
N ASP A 62 -1.83 -13.77 11.72
CA ASP A 62 -0.66 -13.04 12.23
C ASP A 62 0.39 -12.83 11.12
N GLU A 63 0.41 -13.74 10.13
CA GLU A 63 1.29 -13.62 8.97
C GLU A 63 0.63 -12.74 7.88
N TYR A 64 -0.67 -12.96 7.68
CA TYR A 64 -1.49 -12.17 6.75
C TYR A 64 -1.41 -10.66 7.06
N TYR A 65 -1.62 -10.32 8.35
CA TYR A 65 -1.53 -8.93 8.82
C TYR A 65 -0.07 -8.42 8.92
N HIS A 66 0.91 -9.34 8.91
CA HIS A 66 2.34 -8.97 9.00
C HIS A 66 2.91 -8.62 7.63
N LEU A 67 2.48 -9.36 6.60
CA LEU A 67 2.87 -9.14 5.20
C LEU A 67 2.46 -7.73 4.71
N LEU A 68 1.25 -7.29 5.08
CA LEU A 68 0.77 -5.94 4.78
C LEU A 68 1.47 -4.86 5.62
N ALA A 69 1.84 -5.21 6.87
CA ALA A 69 2.50 -4.28 7.79
C ALA A 69 3.98 -4.06 7.45
N GLU A 70 4.61 -5.08 6.87
CA GLU A 70 6.03 -5.00 6.48
C GLU A 70 6.23 -4.19 5.18
N LYS A 71 5.19 -4.13 4.33
CA LYS A 71 5.20 -3.20 3.18
C LYS A 71 5.02 -1.78 3.68
N ILE A 72 4.28 -1.67 4.79
CA ILE A 72 3.94 -0.39 5.41
C ILE A 72 5.18 0.31 5.98
N TYR A 73 6.12 -0.47 6.52
CA TYR A 73 7.35 0.05 7.12
C TYR A 73 8.40 0.36 6.03
N LYS A 74 8.35 -0.38 4.92
CA LYS A 74 9.25 -0.15 3.76
C LYS A 74 8.81 1.08 2.96
N ILE A 75 7.53 1.44 3.10
CA ILE A 75 6.99 2.66 2.51
C ILE A 75 7.34 3.84 3.43
N GLN A 76 7.59 3.52 4.69
CA GLN A 76 8.01 4.50 5.70
C GLN A 76 9.46 4.96 5.49
N LYS A 77 10.32 4.01 5.09
CA LYS A 77 11.75 4.26 4.83
C LYS A 77 11.97 5.23 3.66
N GLU A 78 11.18 5.07 2.60
CA GLU A 78 11.32 5.85 1.36
C GLU A 78 10.93 7.33 1.55
N LEU A 79 9.85 7.56 2.30
CA LEU A 79 9.43 8.93 2.68
C LEU A 79 10.45 9.64 3.60
N GLU A 80 11.35 8.86 4.23
CA GLU A 80 12.33 9.41 5.18
C GLU A 80 13.47 10.18 4.50
N GLU A 81 13.66 9.99 3.18
CA GLU A 81 14.72 10.69 2.43
C GLU A 81 14.40 12.19 2.25
N LYS A 82 13.10 12.53 2.27
CA LYS A 82 12.66 13.93 2.19
C LYS A 82 12.67 14.60 3.58
N ARG A 83 12.70 13.76 4.63
CA ARG A 83 12.70 14.22 6.03
C ARG A 83 14.11 14.67 6.47
N ARG A 84 15.14 14.17 5.77
CA ARG A 84 16.54 14.51 6.07
C ARG A 84 17.01 15.72 5.27
N SER A 85 16.22 16.13 4.27
CA SER A 85 16.57 17.25 3.38
C SER A 85 15.96 18.57 3.85
N ARG A 86 14.82 18.49 4.56
CA ARG A 86 14.12 19.68 5.06
C ARG A 86 14.46 19.96 6.54
N LEU A 87 15.08 18.98 7.18
CA LEU A 87 15.48 19.08 8.59
C LEU A 87 17.01 19.13 8.71
N GLY B 1 29.12 5.63 -16.30
CA GLY B 1 29.38 4.17 -16.17
C GLY B 1 29.60 3.75 -14.73
N SER B 2 28.52 3.25 -14.09
CA SER B 2 28.58 2.81 -12.70
C SER B 2 28.23 1.30 -12.59
N PRO B 3 29.24 0.40 -12.37
CA PRO B 3 29.00 -1.05 -12.19
C PRO B 3 28.14 -1.38 -10.97
N GLY B 4 27.29 -2.40 -11.11
CA GLY B 4 26.41 -2.82 -10.02
C GLY B 4 25.88 -4.23 -10.20
N TYR B 5 25.32 -4.79 -9.11
CA TYR B 5 24.78 -6.15 -9.12
C TYR B 5 23.24 -6.13 -8.97
N PRO B 6 22.45 -6.45 -10.05
CA PRO B 6 20.97 -6.54 -9.95
C PRO B 6 20.49 -7.73 -9.13
N ASN B 7 19.79 -7.45 -8.03
CA ASN B 7 19.25 -8.49 -7.15
C ASN B 7 17.77 -8.22 -6.84
N GLY B 8 17.44 -6.94 -6.60
CA GLY B 8 16.08 -6.54 -6.32
C GLY B 8 15.92 -5.03 -6.28
N LEU B 9 15.99 -4.40 -7.46
CA LEU B 9 15.93 -2.95 -7.59
C LEU B 9 14.63 -2.51 -8.23
N LEU B 10 14.36 -3.09 -9.38
CA LEU B 10 13.18 -2.77 -10.19
C LEU B 10 12.03 -3.74 -9.90
N SER B 11 12.34 -4.79 -9.14
CA SER B 11 11.35 -5.83 -8.80
C SER B 11 11.38 -6.15 -7.29
N GLY B 12 11.83 -5.18 -6.48
CA GLY B 12 11.92 -5.39 -5.04
C GLY B 12 10.98 -4.48 -4.27
N ASP B 13 11.51 -3.37 -3.77
CA ASP B 13 10.75 -2.40 -2.97
C ASP B 13 11.08 -0.96 -3.36
N GLU B 14 12.01 -0.81 -4.31
CA GLU B 14 12.48 0.50 -4.75
C GLU B 14 11.78 0.98 -6.02
N ASP B 15 10.93 0.11 -6.55
CA ASP B 15 10.17 0.38 -7.77
C ASP B 15 8.98 1.33 -7.51
N PHE B 16 8.36 1.19 -6.33
CA PHE B 16 7.27 2.07 -5.91
C PHE B 16 7.82 3.30 -5.16
N SER B 17 9.11 3.25 -4.80
CA SER B 17 9.80 4.36 -4.13
C SER B 17 9.99 5.56 -5.06
N SER B 18 9.89 5.31 -6.38
CA SER B 18 9.98 6.35 -7.40
C SER B 18 8.61 6.95 -7.71
N ILE B 19 7.56 6.14 -7.54
CA ILE B 19 6.18 6.54 -7.83
C ILE B 19 5.53 7.25 -6.62
N ALA B 20 5.95 6.89 -5.41
CA ALA B 20 5.34 7.43 -4.19
C ALA B 20 5.89 8.81 -3.82
N ASP B 21 6.97 9.20 -4.48
CA ASP B 21 7.56 10.54 -4.30
C ASP B 21 7.14 11.45 -5.46
N MET B 22 6.53 10.84 -6.49
CA MET B 22 5.95 11.55 -7.62
C MET B 22 4.45 11.81 -7.38
N ASP B 23 3.83 10.91 -6.61
CA ASP B 23 2.40 10.98 -6.31
C ASP B 23 2.14 11.78 -5.01
N PHE B 24 3.16 11.92 -4.15
CA PHE B 24 3.02 12.65 -2.87
C PHE B 24 2.96 14.17 -3.11
N SER B 25 3.58 14.63 -4.21
CA SER B 25 3.58 16.05 -4.59
C SER B 25 2.29 16.43 -5.33
N ALA B 26 1.63 15.43 -5.95
CA ALA B 26 0.35 15.62 -6.64
C ALA B 26 -0.82 15.66 -5.65
N LEU B 27 -0.65 14.97 -4.52
CA LEU B 27 -1.62 14.98 -3.42
C LEU B 27 -1.37 16.19 -2.49
N LEU B 28 -0.15 16.74 -2.57
CA LEU B 28 0.23 17.93 -1.79
C LEU B 28 -0.35 19.20 -2.42
N SER B 29 -0.54 19.15 -3.76
CA SER B 29 -1.17 20.23 -4.51
C SER B 29 -2.70 20.25 -4.34
N GLN B 30 -3.26 19.14 -3.82
CA GLN B 30 -4.72 18.98 -3.66
C GLN B 30 -5.30 19.85 -2.53
N ILE B 31 -4.42 20.39 -1.68
CA ILE B 31 -4.82 21.22 -0.54
C ILE B 31 -4.56 22.71 -0.77
N SER B 32 -3.55 23.01 -1.60
CA SER B 32 -3.17 24.40 -1.92
C SER B 32 -3.81 24.87 -3.22
N SER B 33 -3.93 23.96 -4.19
CA SER B 33 -4.53 24.28 -5.50
C SER B 33 -5.87 23.56 -5.67
N GLY A 1 -8.71 -29.87 0.13
CA GLY A 1 -8.95 -28.44 0.46
C GLY A 1 -9.49 -28.26 1.87
N VAL A 2 -8.58 -27.98 2.82
CA VAL A 2 -8.94 -27.79 4.23
C VAL A 2 -9.24 -26.30 4.52
N ARG A 3 -10.32 -26.06 5.27
CA ARG A 3 -10.78 -24.72 5.62
C ARG A 3 -10.20 -24.26 6.95
N LYS A 4 -9.92 -22.95 7.05
CA LYS A 4 -9.36 -22.36 8.27
C LYS A 4 -10.33 -21.33 8.87
N GLY A 5 -10.01 -20.86 10.08
CA GLY A 5 -10.90 -19.96 10.83
C GLY A 5 -10.88 -18.51 10.36
N TRP A 6 -9.85 -18.13 9.60
CA TRP A 6 -9.68 -16.74 9.13
C TRP A 6 -10.81 -16.27 8.19
N HIS A 7 -11.32 -17.19 7.37
CA HIS A 7 -12.41 -16.87 6.41
C HIS A 7 -13.75 -16.64 7.13
N GLU A 8 -13.82 -17.03 8.41
CA GLU A 8 -15.03 -16.86 9.23
C GLU A 8 -15.13 -15.45 9.83
N HIS A 9 -13.99 -14.77 9.99
CA HIS A 9 -13.97 -13.41 10.54
C HIS A 9 -13.56 -12.35 9.51
N VAL A 10 -12.80 -12.75 8.46
CA VAL A 10 -12.39 -11.80 7.42
C VAL A 10 -13.55 -11.56 6.45
N THR A 11 -13.90 -10.29 6.30
CA THR A 11 -15.03 -9.87 5.45
C THR A 11 -14.56 -9.07 4.25
N GLN A 12 -15.52 -8.55 3.49
CA GLN A 12 -15.27 -7.58 2.44
C GLN A 12 -14.97 -6.20 3.05
N ASP A 13 -15.36 -6.04 4.33
CA ASP A 13 -15.16 -4.79 5.06
C ASP A 13 -13.75 -4.70 5.66
N LEU A 14 -13.20 -5.85 6.14
CA LEU A 14 -11.82 -5.88 6.65
C LEU A 14 -10.80 -5.58 5.56
N ARG A 15 -11.01 -6.12 4.35
CA ARG A 15 -10.07 -5.94 3.23
C ARG A 15 -9.97 -4.47 2.79
N SER A 16 -11.02 -3.69 3.07
CA SER A 16 -11.08 -2.27 2.72
C SER A 16 -10.39 -1.39 3.77
N HIS A 17 -10.51 -1.79 5.06
CA HIS A 17 -9.89 -1.05 6.18
C HIS A 17 -8.37 -1.30 6.24
N LEU A 18 -7.96 -2.51 5.86
CA LEU A 18 -6.57 -2.86 5.68
C LEU A 18 -5.92 -2.14 4.50
N VAL A 19 -6.76 -1.76 3.53
CA VAL A 19 -6.34 -0.92 2.42
C VAL A 19 -6.37 0.57 2.82
N HIS A 20 -7.24 0.90 3.79
CA HIS A 20 -7.26 2.23 4.42
C HIS A 20 -6.13 2.33 5.47
N LYS A 21 -5.60 1.15 5.84
CA LYS A 21 -4.45 1.02 6.76
C LYS A 21 -3.15 1.20 5.96
N LEU A 22 -3.26 0.81 4.70
CA LEU A 22 -2.18 0.78 3.72
C LEU A 22 -2.03 2.13 2.99
N VAL A 23 -3.18 2.76 2.67
CA VAL A 23 -3.22 4.08 2.00
C VAL A 23 -2.86 5.22 2.99
N GLN A 24 -3.02 4.97 4.30
CA GLN A 24 -2.72 5.98 5.32
C GLN A 24 -1.22 6.02 5.65
N ALA A 25 -0.55 4.88 5.43
CA ALA A 25 0.91 4.78 5.57
C ALA A 25 1.63 5.35 4.35
N ILE A 26 0.93 5.41 3.21
CA ILE A 26 1.47 5.98 1.97
C ILE A 26 1.19 7.50 1.94
N PHE A 27 -0.10 7.87 1.99
CA PHE A 27 -0.51 9.27 2.03
C PHE A 27 -1.69 9.45 3.02
N PRO A 28 -1.43 9.98 4.26
CA PRO A 28 -2.51 10.31 5.19
C PRO A 28 -3.14 11.69 4.93
N THR A 29 -4.46 11.78 5.07
CA THR A 29 -5.19 13.02 4.79
C THR A 29 -6.52 13.11 5.58
N PRO A 30 -6.76 14.25 6.29
CA PRO A 30 -8.05 14.55 6.97
C PRO A 30 -9.28 14.41 6.06
N ASP A 31 -9.25 15.12 4.93
CA ASP A 31 -10.36 15.16 3.97
C ASP A 31 -10.52 13.84 3.19
N PRO A 32 -11.69 13.13 3.35
CA PRO A 32 -12.01 11.92 2.54
C PRO A 32 -12.21 12.22 1.04
N ALA A 33 -12.29 13.51 0.68
CA ALA A 33 -12.55 13.95 -0.70
C ALA A 33 -11.33 13.79 -1.62
N ALA A 34 -10.16 13.53 -1.02
CA ALA A 34 -8.91 13.33 -1.78
C ALA A 34 -8.78 11.89 -2.28
N LEU A 35 -9.58 10.98 -1.71
CA LEU A 35 -9.51 9.56 -2.04
C LEU A 35 -10.37 9.21 -3.27
N LYS A 36 -11.06 10.22 -3.82
CA LYS A 36 -11.94 10.04 -4.97
C LYS A 36 -11.31 10.67 -6.24
N ASP A 37 -10.01 10.97 -6.15
CA ASP A 37 -9.26 11.61 -7.23
C ASP A 37 -8.79 10.57 -8.26
N ARG A 38 -8.42 11.05 -9.46
CA ARG A 38 -8.02 10.18 -10.59
C ARG A 38 -6.59 9.69 -10.41
N ARG A 39 -5.72 10.61 -9.98
CA ARG A 39 -4.30 10.32 -9.75
C ARG A 39 -4.07 9.49 -8.48
N MET A 40 -5.05 9.52 -7.57
CA MET A 40 -4.99 8.79 -6.30
C MET A 40 -5.54 7.36 -6.46
N GLU A 41 -6.60 7.24 -7.28
CA GLU A 41 -7.26 5.94 -7.55
C GLU A 41 -6.27 4.90 -8.13
N ASN A 42 -5.14 5.38 -8.68
CA ASN A 42 -4.10 4.50 -9.25
C ASN A 42 -3.35 3.70 -8.17
N LEU A 43 -3.11 4.32 -7.01
CA LEU A 43 -2.42 3.63 -5.90
C LEU A 43 -3.42 2.86 -5.03
N VAL A 44 -4.67 3.35 -4.98
CA VAL A 44 -5.79 2.62 -4.35
C VAL A 44 -5.95 1.24 -5.00
N ALA A 45 -5.67 1.19 -6.30
CA ALA A 45 -5.72 -0.03 -7.08
C ALA A 45 -4.40 -0.83 -6.95
N TYR A 46 -3.35 -0.13 -6.51
CA TYR A 46 -2.04 -0.73 -6.21
C TYR A 46 -2.08 -1.43 -4.84
N ALA A 47 -2.83 -0.84 -3.91
CA ALA A 47 -3.01 -1.38 -2.56
C ALA A 47 -4.11 -2.44 -2.54
N LYS A 48 -5.12 -2.26 -3.41
CA LYS A 48 -6.23 -3.21 -3.57
C LYS A 48 -5.73 -4.51 -4.22
N LYS A 49 -4.56 -4.42 -4.88
CA LYS A 49 -3.93 -5.55 -5.55
C LYS A 49 -3.14 -6.41 -4.56
N VAL A 50 -2.42 -5.78 -3.62
CA VAL A 50 -1.53 -6.50 -2.69
C VAL A 50 -2.34 -7.31 -1.65
N GLU A 51 -3.39 -6.68 -1.08
CA GLU A 51 -4.23 -7.28 -0.03
C GLU A 51 -4.79 -8.66 -0.45
N GLY A 52 -5.01 -8.84 -1.76
CA GLY A 52 -5.53 -10.10 -2.30
C GLY A 52 -4.47 -11.18 -2.46
N ASP A 53 -3.20 -10.76 -2.50
CA ASP A 53 -2.06 -11.68 -2.62
C ASP A 53 -1.62 -12.22 -1.26
N MET A 54 -2.01 -11.51 -0.18
CA MET A 54 -1.69 -11.94 1.19
C MET A 54 -2.49 -13.18 1.62
N TYR A 55 -3.62 -13.42 0.95
CA TYR A 55 -4.50 -14.55 1.28
C TYR A 55 -3.99 -15.85 0.64
N GLU A 56 -3.31 -15.73 -0.51
CA GLU A 56 -2.73 -16.88 -1.22
C GLU A 56 -1.31 -17.20 -0.73
N SER A 57 -0.65 -16.19 -0.13
CA SER A 57 0.75 -16.34 0.33
C SER A 57 0.81 -16.75 1.81
N ALA A 58 -0.15 -16.26 2.62
CA ALA A 58 -0.17 -16.54 4.06
C ALA A 58 -1.21 -17.60 4.40
N ASN A 59 -0.89 -18.41 5.42
CA ASN A 59 -1.81 -19.46 5.92
C ASN A 59 -2.27 -19.17 7.35
N SER A 60 -1.71 -18.12 7.95
CA SER A 60 -2.01 -17.74 9.33
C SER A 60 -2.31 -16.24 9.43
N ARG A 61 -3.10 -15.87 10.45
CA ARG A 61 -3.55 -14.47 10.65
C ARG A 61 -2.43 -13.53 11.10
N ASP A 62 -1.39 -14.10 11.72
CA ASP A 62 -0.23 -13.29 12.18
C ASP A 62 0.75 -13.00 11.04
N GLU A 63 0.81 -13.91 10.05
CA GLU A 63 1.66 -13.73 8.85
C GLU A 63 0.91 -12.91 7.79
N TYR A 64 -0.41 -13.14 7.70
CA TYR A 64 -1.29 -12.40 6.78
C TYR A 64 -1.27 -10.88 7.08
N TYR A 65 -1.53 -10.54 8.36
CA TYR A 65 -1.52 -9.14 8.81
C TYR A 65 -0.10 -8.54 8.89
N HIS A 66 0.93 -9.42 8.86
CA HIS A 66 2.32 -8.98 8.95
C HIS A 66 2.88 -8.58 7.58
N LEU A 67 2.29 -9.14 6.50
CA LEU A 67 2.73 -8.88 5.13
C LEU A 67 2.31 -7.47 4.66
N LEU A 68 1.12 -7.03 5.11
CA LEU A 68 0.64 -5.66 4.84
C LEU A 68 1.30 -4.63 5.77
N ALA A 69 1.66 -5.06 6.99
CA ALA A 69 2.30 -4.18 7.98
C ALA A 69 3.79 -3.97 7.70
N GLU A 70 4.42 -4.95 7.01
CA GLU A 70 5.86 -4.84 6.67
C GLU A 70 6.09 -3.92 5.46
N LYS A 71 5.10 -3.83 4.56
CA LYS A 71 5.12 -2.85 3.48
C LYS A 71 4.90 -1.45 4.06
N ILE A 72 4.14 -1.41 5.16
CA ILE A 72 3.78 -0.17 5.87
C ILE A 72 5.01 0.45 6.55
N TYR A 73 5.98 -0.40 6.91
CA TYR A 73 7.21 0.06 7.55
C TYR A 73 8.24 0.50 6.50
N LYS A 74 8.23 -0.18 5.33
CA LYS A 74 9.17 0.09 4.23
C LYS A 74 8.83 1.37 3.46
N ILE A 75 7.52 1.65 3.34
CA ILE A 75 7.03 2.90 2.70
C ILE A 75 7.37 4.10 3.60
N GLN A 76 7.38 3.85 4.91
CA GLN A 76 7.78 4.83 5.93
C GLN A 76 9.30 5.02 5.98
N LYS A 77 10.05 4.04 5.44
CA LYS A 77 11.52 4.11 5.37
C LYS A 77 11.99 4.96 4.17
N GLU A 78 11.32 4.80 3.03
CA GLU A 78 11.69 5.48 1.78
C GLU A 78 11.37 6.99 1.85
N LEU A 79 10.19 7.31 2.39
CA LEU A 79 9.76 8.69 2.63
C LEU A 79 10.54 9.36 3.77
N GLU A 80 11.18 8.54 4.63
CA GLU A 80 11.94 9.04 5.79
C GLU A 80 13.19 9.83 5.33
N GLU A 81 13.76 9.43 4.19
CA GLU A 81 14.89 10.16 3.57
C GLU A 81 14.40 11.44 2.87
N LYS A 82 13.11 11.44 2.51
CA LYS A 82 12.44 12.62 1.94
C LYS A 82 11.89 13.54 3.06
N ARG A 83 11.79 12.99 4.28
CA ARG A 83 11.23 13.72 5.42
C ARG A 83 12.30 14.58 6.12
N ARG A 84 13.44 13.95 6.49
CA ARG A 84 14.53 14.65 7.19
C ARG A 84 15.58 15.21 6.22
N SER A 85 16.00 14.38 5.25
CA SER A 85 17.05 14.75 4.30
C SER A 85 16.48 15.46 3.06
N ARG A 86 15.17 15.24 2.79
CA ARG A 86 14.44 15.84 1.64
C ARG A 86 14.90 15.28 0.28
N LEU A 87 15.88 14.37 0.31
CA LEU A 87 16.40 13.72 -0.90
C LEU A 87 16.10 12.22 -0.88
N GLY B 1 22.30 -17.00 13.96
CA GLY B 1 23.32 -16.15 13.30
C GLY B 1 23.09 -16.02 11.81
N SER B 2 22.75 -14.80 11.37
CA SER B 2 22.50 -14.51 9.94
C SER B 2 23.70 -13.77 9.32
N PRO B 3 24.23 -14.24 8.15
CA PRO B 3 25.40 -13.60 7.47
C PRO B 3 25.07 -12.24 6.82
N GLY B 4 23.78 -12.00 6.57
CA GLY B 4 23.35 -10.76 5.94
C GLY B 4 22.13 -10.95 5.05
N TYR B 5 21.44 -9.85 4.76
CA TYR B 5 20.25 -9.87 3.92
C TYR B 5 20.55 -9.28 2.52
N PRO B 6 20.17 -9.99 1.41
CA PRO B 6 20.42 -9.50 0.04
C PRO B 6 19.52 -8.32 -0.36
N ASN B 7 20.08 -7.39 -1.14
CA ASN B 7 19.36 -6.20 -1.58
C ASN B 7 19.04 -6.28 -3.07
N GLY B 8 17.79 -5.94 -3.42
CA GLY B 8 17.35 -5.98 -4.81
C GLY B 8 16.06 -6.74 -4.99
N LEU B 9 15.04 -6.38 -4.19
CA LEU B 9 13.70 -7.02 -4.20
C LEU B 9 13.77 -8.51 -3.86
N LEU B 10 13.12 -8.89 -2.76
CA LEU B 10 13.02 -10.29 -2.35
C LEU B 10 11.55 -10.74 -2.29
N SER B 11 10.64 -9.77 -2.52
CA SER B 11 9.19 -10.00 -2.47
C SER B 11 8.43 -8.87 -3.16
N GLY B 12 8.87 -7.63 -2.90
CA GLY B 12 8.24 -6.45 -3.49
C GLY B 12 8.25 -5.26 -2.57
N ASP B 13 9.45 -4.69 -2.36
CA ASP B 13 9.62 -3.51 -1.48
C ASP B 13 10.29 -2.36 -2.23
N GLU B 14 10.66 -2.63 -3.49
CA GLU B 14 11.33 -1.66 -4.35
C GLU B 14 10.38 -0.97 -5.31
N ASP B 15 9.12 -1.40 -5.28
CA ASP B 15 8.09 -0.90 -6.19
C ASP B 15 7.34 0.31 -5.59
N PHE B 16 7.42 0.45 -4.25
CA PHE B 16 6.79 1.59 -3.56
C PHE B 16 7.71 2.81 -3.51
N SER B 17 9.00 2.60 -3.81
CA SER B 17 10.00 3.66 -3.78
C SER B 17 9.97 4.49 -5.06
N SER B 18 9.51 3.88 -6.16
CA SER B 18 9.43 4.56 -7.46
C SER B 18 8.07 5.24 -7.66
N ILE B 19 6.98 4.52 -7.36
CA ILE B 19 5.62 4.99 -7.66
C ILE B 19 5.06 5.88 -6.55
N ALA B 20 5.29 5.49 -5.29
CA ALA B 20 4.69 6.20 -4.16
C ALA B 20 5.44 7.48 -3.80
N ASP B 21 6.60 7.64 -4.41
CA ASP B 21 7.40 8.87 -4.28
C ASP B 21 7.19 9.76 -5.51
N MET B 22 6.58 9.18 -6.56
CA MET B 22 6.14 9.94 -7.74
C MET B 22 4.69 10.43 -7.58
N ASP B 23 3.91 9.69 -6.77
CA ASP B 23 2.50 9.99 -6.56
C ASP B 23 2.29 10.95 -5.37
N PHE B 24 3.30 11.04 -4.48
CA PHE B 24 3.22 11.90 -3.29
C PHE B 24 3.35 13.39 -3.64
N SER B 25 4.01 13.67 -4.79
CA SER B 25 4.22 15.05 -5.26
C SER B 25 2.98 15.60 -5.98
N ALA B 26 2.14 14.69 -6.51
CA ALA B 26 0.92 15.06 -7.22
C ALA B 26 -0.26 15.32 -6.26
N LEU B 27 -0.18 14.74 -5.06
CA LEU B 27 -1.23 14.88 -4.04
C LEU B 27 -1.09 16.18 -3.24
N LEU B 28 0.07 16.83 -3.35
CA LEU B 28 0.31 18.13 -2.68
C LEU B 28 -0.29 19.27 -3.50
N SER B 29 -0.27 19.10 -4.83
CA SER B 29 -0.85 20.06 -5.77
C SER B 29 -2.38 19.97 -5.83
N GLN B 30 -2.94 18.87 -5.30
CA GLN B 30 -4.40 18.62 -5.35
C GLN B 30 -5.20 19.50 -4.38
N ILE B 31 -4.49 20.17 -3.47
CA ILE B 31 -5.12 21.04 -2.47
C ILE B 31 -4.95 22.53 -2.79
N SER B 32 -4.12 22.83 -3.81
CA SER B 32 -3.86 24.21 -4.23
C SER B 32 -4.69 24.58 -5.46
N SER B 33 -4.89 23.61 -6.37
CA SER B 33 -5.67 23.82 -7.59
C SER B 33 -6.94 22.96 -7.59
N GLY A 1 -13.82 -24.24 -0.69
CA GLY A 1 -12.47 -24.88 -0.72
C GLY A 1 -12.10 -25.51 0.61
N VAL A 2 -11.02 -25.00 1.22
CA VAL A 2 -10.53 -25.49 2.52
C VAL A 2 -11.18 -24.69 3.65
N ARG A 3 -11.58 -25.39 4.71
CA ARG A 3 -12.30 -24.77 5.84
C ARG A 3 -11.33 -24.31 6.93
N LYS A 4 -11.39 -23.02 7.25
CA LYS A 4 -10.48 -22.41 8.23
C LYS A 4 -11.21 -21.39 9.10
N GLY A 5 -10.64 -21.14 10.30
CA GLY A 5 -11.22 -20.22 11.26
C GLY A 5 -10.95 -18.75 10.96
N TRP A 6 -9.90 -18.48 10.16
CA TRP A 6 -9.55 -17.11 9.77
C TRP A 6 -10.35 -16.66 8.54
N HIS A 7 -10.59 -17.61 7.62
CA HIS A 7 -11.32 -17.35 6.36
C HIS A 7 -12.80 -17.00 6.64
N GLU A 8 -13.38 -17.61 7.68
CA GLU A 8 -14.77 -17.35 8.08
C GLU A 8 -14.87 -16.15 9.02
N HIS A 9 -13.73 -15.80 9.64
CA HIS A 9 -13.62 -14.65 10.54
C HIS A 9 -13.28 -13.36 9.77
N VAL A 10 -12.61 -13.52 8.62
CA VAL A 10 -12.24 -12.37 7.79
C VAL A 10 -13.41 -12.02 6.84
N THR A 11 -13.75 -10.73 6.79
CA THR A 11 -14.88 -10.25 5.99
C THR A 11 -14.42 -9.47 4.76
N GLN A 12 -15.41 -8.93 4.02
CA GLN A 12 -15.16 -8.01 2.92
C GLN A 12 -14.90 -6.60 3.46
N ASP A 13 -15.29 -6.38 4.73
CA ASP A 13 -15.10 -5.10 5.41
C ASP A 13 -13.69 -4.99 6.00
N LEU A 14 -13.06 -6.14 6.32
CA LEU A 14 -11.65 -6.15 6.74
C LEU A 14 -10.73 -5.72 5.60
N ARG A 15 -10.89 -6.34 4.42
CA ARG A 15 -10.00 -6.09 3.27
C ARG A 15 -9.96 -4.60 2.84
N SER A 16 -11.03 -3.86 3.20
CA SER A 16 -11.11 -2.42 2.92
C SER A 16 -10.40 -1.60 4.01
N HIS A 17 -10.43 -2.10 5.26
CA HIS A 17 -9.76 -1.45 6.41
C HIS A 17 -8.25 -1.76 6.40
N LEU A 18 -7.90 -2.88 5.74
CA LEU A 18 -6.50 -3.28 5.52
C LEU A 18 -5.85 -2.38 4.46
N VAL A 19 -6.68 -1.94 3.50
CA VAL A 19 -6.30 -1.01 2.44
C VAL A 19 -6.35 0.44 2.93
N HIS A 20 -7.32 0.73 3.81
CA HIS A 20 -7.44 2.06 4.44
C HIS A 20 -6.33 2.28 5.47
N LYS A 21 -5.69 1.17 5.89
CA LYS A 21 -4.54 1.20 6.79
C LYS A 21 -3.25 1.38 5.96
N LEU A 22 -3.36 1.03 4.68
CA LEU A 22 -2.27 1.08 3.73
C LEU A 22 -2.16 2.47 3.08
N VAL A 23 -3.32 3.08 2.81
CA VAL A 23 -3.41 4.42 2.20
C VAL A 23 -2.95 5.53 3.18
N GLN A 24 -3.04 5.27 4.49
CA GLN A 24 -2.62 6.22 5.52
C GLN A 24 -1.11 6.19 5.70
N ALA A 25 -0.55 4.99 5.57
CA ALA A 25 0.90 4.77 5.63
C ALA A 25 1.62 5.33 4.39
N ILE A 26 0.86 5.50 3.29
CA ILE A 26 1.40 6.05 2.05
C ILE A 26 1.10 7.56 1.95
N PHE A 27 -0.19 7.93 1.98
CA PHE A 27 -0.60 9.33 1.96
C PHE A 27 -1.86 9.55 2.82
N PRO A 28 -1.74 10.13 4.06
CA PRO A 28 -2.92 10.48 4.88
C PRO A 28 -3.58 11.79 4.43
N THR A 29 -4.91 11.77 4.30
CA THR A 29 -5.68 12.95 3.89
C THR A 29 -7.03 13.06 4.61
N PRO A 30 -7.28 14.22 5.31
CA PRO A 30 -8.60 14.56 5.91
C PRO A 30 -9.79 14.44 4.95
N ASP A 31 -9.66 15.10 3.79
CA ASP A 31 -10.74 15.18 2.80
C ASP A 31 -10.81 13.91 1.91
N PRO A 32 -12.00 13.21 1.88
CA PRO A 32 -12.24 12.08 0.94
C PRO A 32 -12.23 12.48 -0.54
N ALA A 33 -12.22 13.80 -0.81
CA ALA A 33 -12.25 14.34 -2.19
C ALA A 33 -10.92 14.12 -2.93
N ALA A 34 -9.82 14.07 -2.17
CA ALA A 34 -8.49 13.80 -2.72
C ALA A 34 -8.21 12.29 -2.82
N LEU A 35 -9.05 11.51 -2.11
CA LEU A 35 -8.89 10.06 -2.03
C LEU A 35 -9.69 9.35 -3.15
N LYS A 36 -10.70 10.05 -3.68
CA LYS A 36 -11.57 9.49 -4.73
C LYS A 36 -11.23 10.09 -6.10
N ASP A 37 -10.05 10.73 -6.19
CA ASP A 37 -9.63 11.44 -7.39
C ASP A 37 -8.96 10.48 -8.42
N ARG A 38 -8.78 10.96 -9.66
CA ARG A 38 -8.21 10.15 -10.75
C ARG A 38 -6.77 9.67 -10.45
N ARG A 39 -5.88 10.63 -10.12
CA ARG A 39 -4.46 10.35 -9.90
C ARG A 39 -4.20 9.49 -8.65
N MET A 40 -5.18 9.47 -7.73
CA MET A 40 -5.06 8.73 -6.46
C MET A 40 -5.51 7.28 -6.60
N GLU A 41 -6.61 7.07 -7.36
CA GLU A 41 -7.22 5.74 -7.57
C GLU A 41 -6.20 4.70 -8.09
N ASN A 42 -5.09 5.17 -8.68
CA ASN A 42 -4.03 4.28 -9.19
C ASN A 42 -3.28 3.57 -8.05
N LEU A 43 -3.08 4.30 -6.93
CA LEU A 43 -2.40 3.74 -5.76
C LEU A 43 -3.39 3.00 -4.84
N VAL A 44 -4.63 3.50 -4.77
CA VAL A 44 -5.74 2.81 -4.07
C VAL A 44 -5.91 1.39 -4.64
N ALA A 45 -5.73 1.28 -5.95
CA ALA A 45 -5.80 0.01 -6.68
C ALA A 45 -4.49 -0.77 -6.54
N TYR A 46 -3.42 -0.05 -6.17
CA TYR A 46 -2.10 -0.64 -5.89
C TYR A 46 -2.11 -1.36 -4.53
N ALA A 47 -2.84 -0.79 -3.58
CA ALA A 47 -3.02 -1.40 -2.25
C ALA A 47 -4.16 -2.42 -2.26
N LYS A 48 -5.16 -2.17 -3.12
CA LYS A 48 -6.25 -3.12 -3.39
C LYS A 48 -5.69 -4.39 -4.08
N LYS A 49 -4.49 -4.23 -4.65
CA LYS A 49 -3.73 -5.30 -5.30
C LYS A 49 -3.09 -6.23 -4.26
N VAL A 50 -2.32 -5.62 -3.35
CA VAL A 50 -1.40 -6.36 -2.47
C VAL A 50 -2.15 -7.08 -1.32
N GLU A 51 -3.34 -6.58 -0.98
CA GLU A 51 -4.17 -7.18 0.08
C GLU A 51 -4.73 -8.55 -0.34
N GLY A 52 -5.04 -8.68 -1.65
CA GLY A 52 -5.62 -9.91 -2.18
C GLY A 52 -4.59 -11.00 -2.48
N ASP A 53 -3.33 -10.59 -2.64
CA ASP A 53 -2.21 -11.52 -2.87
C ASP A 53 -1.70 -12.12 -1.55
N MET A 54 -2.03 -11.47 -0.42
CA MET A 54 -1.63 -11.95 0.91
C MET A 54 -2.44 -13.18 1.34
N TYR A 55 -3.62 -13.36 0.70
CA TYR A 55 -4.56 -14.44 1.04
C TYR A 55 -4.08 -15.79 0.50
N GLU A 56 -3.36 -15.77 -0.62
CA GLU A 56 -2.83 -16.99 -1.26
C GLU A 56 -1.44 -17.35 -0.72
N SER A 57 -0.71 -16.35 -0.19
CA SER A 57 0.66 -16.54 0.29
C SER A 57 0.69 -16.93 1.77
N ALA A 58 -0.22 -16.35 2.56
CA ALA A 58 -0.30 -16.58 4.00
C ALA A 58 -1.22 -17.76 4.35
N ASN A 59 -0.98 -18.37 5.51
CA ASN A 59 -1.80 -19.49 6.00
C ASN A 59 -2.61 -19.10 7.26
N SER A 60 -2.18 -18.02 7.93
CA SER A 60 -2.82 -17.54 9.16
C SER A 60 -3.05 -16.04 9.09
N ARG A 61 -4.01 -15.54 9.89
CA ARG A 61 -4.38 -14.12 9.90
C ARG A 61 -3.33 -13.23 10.58
N ASP A 62 -2.44 -13.86 11.37
CA ASP A 62 -1.31 -13.16 12.00
C ASP A 62 -0.15 -12.98 11.00
N GLU A 63 -0.06 -13.91 10.03
CA GLU A 63 0.94 -13.84 8.96
C GLU A 63 0.42 -12.98 7.79
N TYR A 64 -0.87 -13.17 7.45
CA TYR A 64 -1.55 -12.44 6.37
C TYR A 64 -1.50 -10.92 6.59
N TYR A 65 -1.82 -10.48 7.81
CA TYR A 65 -1.73 -9.08 8.19
C TYR A 65 -0.28 -8.57 8.26
N HIS A 66 0.68 -9.51 8.31
CA HIS A 66 2.10 -9.18 8.50
C HIS A 66 2.80 -8.79 7.19
N LEU A 67 2.29 -9.27 6.04
CA LEU A 67 2.86 -8.89 4.74
C LEU A 67 2.52 -7.44 4.37
N LEU A 68 1.39 -6.92 4.90
CA LEU A 68 0.94 -5.56 4.64
C LEU A 68 1.55 -4.56 5.62
N ALA A 69 1.78 -5.02 6.87
CA ALA A 69 2.37 -4.18 7.92
C ALA A 69 3.88 -3.97 7.71
N GLU A 70 4.54 -4.93 7.03
CA GLU A 70 5.97 -4.81 6.71
C GLU A 70 6.20 -3.89 5.52
N LYS A 71 5.21 -3.79 4.61
CA LYS A 71 5.23 -2.77 3.55
C LYS A 71 5.00 -1.39 4.14
N ILE A 72 4.23 -1.37 5.25
CA ILE A 72 3.87 -0.13 5.95
C ILE A 72 5.10 0.53 6.61
N TYR A 73 6.08 -0.30 6.98
CA TYR A 73 7.31 0.18 7.59
C TYR A 73 8.32 0.61 6.50
N LYS A 74 8.30 -0.09 5.36
CA LYS A 74 9.23 0.17 4.24
C LYS A 74 8.83 1.41 3.45
N ILE A 75 7.51 1.67 3.37
CA ILE A 75 6.97 2.89 2.74
C ILE A 75 7.32 4.11 3.61
N GLN A 76 7.41 3.88 4.92
CA GLN A 76 7.78 4.91 5.90
C GLN A 76 9.29 5.21 5.87
N LYS A 77 10.08 4.28 5.31
CA LYS A 77 11.54 4.47 5.16
C LYS A 77 11.89 5.38 3.98
N GLU A 78 11.15 5.20 2.87
CA GLU A 78 11.38 5.95 1.62
C GLU A 78 11.06 7.43 1.77
N LEU A 79 9.94 7.73 2.44
CA LEU A 79 9.52 9.12 2.70
C LEU A 79 10.37 9.78 3.80
N GLU A 80 11.07 8.96 4.60
CA GLU A 80 11.88 9.43 5.74
C GLU A 80 13.08 10.29 5.28
N GLU A 81 13.48 10.16 4.00
CA GLU A 81 14.55 11.00 3.42
C GLU A 81 14.01 12.37 3.01
N LYS A 82 12.69 12.45 2.79
CA LYS A 82 11.99 13.72 2.51
C LYS A 82 11.62 14.44 3.83
N ARG A 83 11.62 13.67 4.92
CA ARG A 83 11.24 14.18 6.26
C ARG A 83 12.45 14.81 6.97
N ARG A 84 13.65 14.39 6.57
CA ARG A 84 14.90 14.89 7.18
C ARG A 84 15.45 16.13 6.45
N SER A 85 14.93 16.37 5.23
CA SER A 85 15.36 17.51 4.40
C SER A 85 14.62 18.80 4.77
N ARG A 86 13.41 18.65 5.33
CA ARG A 86 12.59 19.80 5.73
C ARG A 86 12.20 19.69 7.21
N LEU A 87 13.18 20.03 8.08
CA LEU A 87 13.06 19.97 9.56
C LEU A 87 12.16 18.82 10.09
N GLY B 1 -2.34 -6.01 -15.52
CA GLY B 1 -0.93 -6.49 -15.55
C GLY B 1 -0.80 -7.87 -16.16
N SER B 2 -0.05 -7.95 -17.27
CA SER B 2 0.17 -9.23 -17.97
C SER B 2 1.61 -9.73 -17.77
N PRO B 3 1.82 -11.03 -17.37
CA PRO B 3 3.16 -11.59 -17.16
C PRO B 3 3.94 -11.84 -18.47
N GLY B 4 5.26 -11.59 -18.42
CA GLY B 4 6.10 -11.78 -19.59
C GLY B 4 7.43 -12.41 -19.23
N TYR B 5 8.48 -11.59 -19.20
CA TYR B 5 9.83 -12.07 -18.88
C TYR B 5 10.24 -11.70 -17.43
N PRO B 6 10.46 -12.71 -16.52
CA PRO B 6 10.90 -12.44 -15.12
C PRO B 6 12.28 -11.77 -15.05
N ASN B 7 12.44 -10.87 -14.07
CA ASN B 7 13.69 -10.14 -13.87
C ASN B 7 14.29 -10.43 -12.49
N GLY B 8 13.41 -10.58 -11.49
CA GLY B 8 13.85 -10.85 -10.13
C GLY B 8 12.84 -10.44 -9.09
N LEU B 9 13.25 -9.55 -8.18
CA LEU B 9 12.38 -9.06 -7.11
C LEU B 9 12.10 -7.56 -7.27
N LEU B 10 12.33 -7.04 -8.48
CA LEU B 10 12.24 -5.62 -8.77
C LEU B 10 10.77 -5.13 -8.84
N SER B 11 9.85 -5.96 -8.35
CA SER B 11 8.41 -5.64 -8.37
C SER B 11 7.73 -6.00 -7.03
N GLY B 12 8.54 -6.39 -6.04
CA GLY B 12 8.02 -6.80 -4.74
C GLY B 12 8.15 -5.72 -3.68
N ASP B 13 9.39 -5.36 -3.36
CA ASP B 13 9.69 -4.35 -2.34
C ASP B 13 10.31 -3.08 -2.94
N GLU B 14 10.52 -3.13 -4.25
CA GLU B 14 11.17 -2.05 -4.99
C GLU B 14 10.17 -1.20 -5.77
N ASP B 15 8.91 -1.59 -5.71
CA ASP B 15 7.83 -0.93 -6.47
C ASP B 15 7.22 0.24 -5.68
N PHE B 16 7.43 0.26 -4.36
CA PHE B 16 6.94 1.34 -3.49
C PHE B 16 7.94 2.50 -3.41
N SER B 17 9.17 2.25 -3.89
CA SER B 17 10.27 3.21 -3.82
C SER B 17 10.20 4.24 -4.94
N SER B 18 9.80 3.78 -6.14
CA SER B 18 9.74 4.63 -7.33
C SER B 18 8.38 5.31 -7.49
N ILE B 19 7.29 4.56 -7.24
CA ILE B 19 5.93 5.04 -7.54
C ILE B 19 5.39 5.95 -6.43
N ALA B 20 5.68 5.62 -5.17
CA ALA B 20 5.13 6.35 -4.04
C ALA B 20 5.90 7.64 -3.73
N ASP B 21 7.05 7.79 -4.38
CA ASP B 21 7.85 9.01 -4.30
C ASP B 21 7.65 9.85 -5.57
N MET B 22 6.98 9.25 -6.57
CA MET B 22 6.57 9.95 -7.79
C MET B 22 5.14 10.46 -7.69
N ASP B 23 4.32 9.75 -6.90
CA ASP B 23 2.91 10.08 -6.71
C ASP B 23 2.70 11.03 -5.53
N PHE B 24 3.68 11.07 -4.59
CA PHE B 24 3.55 11.89 -3.37
C PHE B 24 3.69 13.39 -3.68
N SER B 25 4.37 13.73 -4.79
CA SER B 25 4.63 15.13 -5.16
C SER B 25 3.42 15.77 -5.87
N ALA B 26 2.73 14.97 -6.70
CA ALA B 26 1.54 15.44 -7.43
C ALA B 26 0.28 15.34 -6.57
N LEU B 27 0.33 14.48 -5.54
CA LEU B 27 -0.80 14.22 -4.65
C LEU B 27 -0.87 15.27 -3.51
N LEU B 28 0.22 16.03 -3.32
CA LEU B 28 0.20 17.22 -2.45
C LEU B 28 -0.36 18.42 -3.20
N SER B 29 -0.16 18.39 -4.52
CA SER B 29 -0.63 19.45 -5.44
C SER B 29 -2.15 19.46 -5.61
N GLN B 30 -2.82 18.35 -5.22
CA GLN B 30 -4.28 18.23 -5.33
C GLN B 30 -5.01 18.98 -4.21
N ILE B 31 -4.25 19.40 -3.19
CA ILE B 31 -4.79 20.11 -2.03
C ILE B 31 -4.63 21.63 -2.21
N SER B 32 -3.55 22.04 -2.88
CA SER B 32 -3.26 23.45 -3.12
C SER B 32 -3.78 23.90 -4.49
N SER B 33 -3.77 22.98 -5.48
CA SER B 33 -4.24 23.23 -6.86
C SER B 33 -3.47 24.38 -7.54
N GLY A 1 -12.54 -28.26 -1.31
CA GLY A 1 -12.49 -27.02 -0.49
C GLY A 1 -11.83 -27.23 0.87
N VAL A 2 -10.85 -26.39 1.18
CA VAL A 2 -10.12 -26.47 2.46
C VAL A 2 -10.81 -25.59 3.51
N ARG A 3 -10.82 -26.07 4.76
CA ARG A 3 -11.51 -25.37 5.87
C ARG A 3 -10.54 -24.43 6.59
N LYS A 4 -10.92 -23.16 6.67
CA LYS A 4 -10.06 -22.14 7.29
C LYS A 4 -10.82 -21.36 8.36
N GLY A 5 -10.19 -21.22 9.53
CA GLY A 5 -10.80 -20.50 10.65
C GLY A 5 -10.67 -18.98 10.55
N TRP A 6 -9.70 -18.51 9.76
CA TRP A 6 -9.46 -17.08 9.54
C TRP A 6 -10.36 -16.51 8.44
N HIS A 7 -10.80 -17.38 7.53
CA HIS A 7 -11.73 -17.00 6.46
C HIS A 7 -13.17 -16.83 7.01
N GLU A 8 -13.39 -17.31 8.24
CA GLU A 8 -14.72 -17.26 8.88
C GLU A 8 -15.01 -15.90 9.54
N HIS A 9 -13.95 -15.22 10.02
CA HIS A 9 -14.11 -13.92 10.68
C HIS A 9 -13.70 -12.74 9.80
N VAL A 10 -12.86 -12.99 8.78
CA VAL A 10 -12.44 -11.93 7.85
C VAL A 10 -13.52 -11.71 6.78
N THR A 11 -13.92 -10.45 6.62
CA THR A 11 -14.99 -10.07 5.68
C THR A 11 -14.42 -9.27 4.50
N GLN A 12 -15.34 -8.81 3.65
CA GLN A 12 -15.04 -7.82 2.60
C GLN A 12 -14.73 -6.46 3.23
N ASP A 13 -15.17 -6.28 4.49
CA ASP A 13 -15.01 -5.01 5.21
C ASP A 13 -13.62 -4.88 5.85
N LEU A 14 -13.05 -6.00 6.37
CA LEU A 14 -11.68 -5.98 6.90
C LEU A 14 -10.66 -5.60 5.84
N ARG A 15 -10.75 -6.22 4.66
CA ARG A 15 -9.78 -6.03 3.56
C ARG A 15 -9.73 -4.57 3.10
N SER A 16 -10.86 -3.87 3.24
CA SER A 16 -10.96 -2.46 2.89
C SER A 16 -10.34 -1.56 3.98
N HIS A 17 -10.32 -2.06 5.22
CA HIS A 17 -9.69 -1.36 6.35
C HIS A 17 -8.19 -1.68 6.43
N LEU A 18 -7.82 -2.81 5.82
CA LEU A 18 -6.41 -3.20 5.65
C LEU A 18 -5.77 -2.39 4.53
N VAL A 19 -6.58 -2.07 3.50
CA VAL A 19 -6.23 -1.16 2.42
C VAL A 19 -6.23 0.30 2.91
N HIS A 20 -7.15 0.63 3.82
CA HIS A 20 -7.24 1.97 4.43
C HIS A 20 -6.11 2.18 5.45
N LYS A 21 -5.50 1.07 5.89
CA LYS A 21 -4.33 1.08 6.78
C LYS A 21 -3.06 1.23 5.94
N LEU A 22 -3.20 0.80 4.69
CA LEU A 22 -2.13 0.74 3.70
C LEU A 22 -1.99 2.08 2.95
N VAL A 23 -3.13 2.66 2.55
CA VAL A 23 -3.19 3.97 1.87
C VAL A 23 -2.82 5.12 2.84
N GLN A 24 -3.02 4.92 4.15
CA GLN A 24 -2.72 5.96 5.15
C GLN A 24 -1.23 5.92 5.56
N ALA A 25 -0.63 4.72 5.48
CA ALA A 25 0.81 4.53 5.71
C ALA A 25 1.62 5.12 4.55
N ILE A 26 1.06 5.02 3.33
CA ILE A 26 1.65 5.63 2.13
C ILE A 26 1.38 7.15 2.16
N PHE A 27 0.11 7.53 2.33
CA PHE A 27 -0.28 8.92 2.52
C PHE A 27 -1.46 9.04 3.51
N PRO A 28 -1.27 9.69 4.70
CA PRO A 28 -2.38 9.91 5.66
C PRO A 28 -3.40 10.94 5.14
N THR A 29 -4.68 10.55 5.11
CA THR A 29 -5.73 11.39 4.56
C THR A 29 -6.54 12.11 5.64
N PRO A 30 -6.45 13.48 5.70
CA PRO A 30 -7.37 14.32 6.49
C PRO A 30 -8.81 14.23 6.00
N ASP A 31 -8.98 14.42 4.69
CA ASP A 31 -10.29 14.38 4.04
C ASP A 31 -10.45 13.10 3.20
N PRO A 32 -11.52 12.27 3.47
CA PRO A 32 -11.84 11.07 2.65
C PRO A 32 -12.20 11.40 1.18
N ALA A 33 -12.37 12.70 0.89
CA ALA A 33 -12.74 13.16 -0.46
C ALA A 33 -11.55 13.15 -1.44
N ALA A 34 -10.34 12.90 -0.92
CA ALA A 34 -9.13 12.82 -1.74
C ALA A 34 -8.99 11.46 -2.44
N LEU A 35 -9.86 10.52 -2.06
CA LEU A 35 -9.80 9.15 -2.58
C LEU A 35 -10.55 9.01 -3.92
N LYS A 36 -11.11 10.12 -4.41
CA LYS A 36 -11.87 10.13 -5.67
C LYS A 36 -11.05 10.80 -6.78
N ASP A 37 -9.73 10.96 -6.54
CA ASP A 37 -8.82 11.61 -7.47
C ASP A 37 -8.22 10.60 -8.46
N ARG A 38 -7.77 11.11 -9.62
CA ARG A 38 -7.24 10.26 -10.71
C ARG A 38 -5.80 9.85 -10.43
N ARG A 39 -5.05 10.79 -9.86
CA ARG A 39 -3.63 10.58 -9.51
C ARG A 39 -3.45 9.60 -8.34
N MET A 40 -4.47 9.52 -7.47
CA MET A 40 -4.42 8.65 -6.29
C MET A 40 -4.97 7.25 -6.59
N GLU A 41 -6.02 7.19 -7.43
CA GLU A 41 -6.70 5.93 -7.79
C GLU A 41 -5.73 4.88 -8.38
N ASN A 42 -4.58 5.34 -8.91
CA ASN A 42 -3.56 4.45 -9.47
C ASN A 42 -2.80 3.67 -8.40
N LEU A 43 -2.59 4.31 -7.23
CA LEU A 43 -1.91 3.67 -6.10
C LEU A 43 -2.92 2.89 -5.24
N VAL A 44 -4.17 3.38 -5.19
CA VAL A 44 -5.29 2.67 -4.55
C VAL A 44 -5.52 1.31 -5.25
N ALA A 45 -5.28 1.29 -6.56
CA ALA A 45 -5.43 0.10 -7.37
C ALA A 45 -4.23 -0.85 -7.22
N TYR A 46 -3.10 -0.31 -6.73
CA TYR A 46 -1.93 -1.11 -6.37
C TYR A 46 -2.15 -1.79 -5.00
N ALA A 47 -2.80 -1.07 -4.08
CA ALA A 47 -3.03 -1.56 -2.72
C ALA A 47 -4.20 -2.55 -2.66
N LYS A 48 -5.21 -2.32 -3.51
CA LYS A 48 -6.41 -3.18 -3.58
C LYS A 48 -6.07 -4.61 -4.06
N LYS A 49 -5.02 -4.71 -4.89
CA LYS A 49 -4.47 -5.98 -5.35
C LYS A 49 -3.51 -6.55 -4.30
N VAL A 50 -2.85 -5.65 -3.59
CA VAL A 50 -1.78 -5.97 -2.64
C VAL A 50 -2.32 -6.62 -1.34
N GLU A 51 -3.61 -6.42 -1.05
CA GLU A 51 -4.28 -7.04 0.10
C GLU A 51 -4.73 -8.48 -0.23
N GLY A 52 -5.05 -8.70 -1.53
CA GLY A 52 -5.64 -9.98 -1.95
C GLY A 52 -4.62 -11.09 -2.18
N ASP A 53 -3.37 -10.73 -2.53
CA ASP A 53 -2.29 -11.70 -2.77
C ASP A 53 -1.78 -12.33 -1.45
N MET A 54 -2.08 -11.66 -0.34
CA MET A 54 -1.69 -12.13 1.00
C MET A 54 -2.56 -13.28 1.50
N TYR A 55 -3.76 -13.41 0.91
CA TYR A 55 -4.74 -14.43 1.30
C TYR A 55 -4.32 -15.83 0.81
N GLU A 56 -3.59 -15.87 -0.32
CA GLU A 56 -3.11 -17.13 -0.91
C GLU A 56 -1.74 -17.54 -0.34
N SER A 57 -0.99 -16.58 0.21
CA SER A 57 0.38 -16.82 0.69
C SER A 57 0.40 -17.18 2.18
N ALA A 58 -0.35 -16.43 2.99
CA ALA A 58 -0.39 -16.65 4.46
C ALA A 58 -1.37 -17.76 4.83
N ASN A 59 -1.05 -18.49 5.91
CA ASN A 59 -1.86 -19.62 6.38
C ASN A 59 -2.65 -19.25 7.65
N SER A 60 -2.25 -18.17 8.33
CA SER A 60 -2.87 -17.76 9.58
C SER A 60 -3.19 -16.26 9.56
N ARG A 61 -4.06 -15.84 10.49
CA ARG A 61 -4.56 -14.45 10.56
C ARG A 61 -3.48 -13.47 11.06
N ASP A 62 -2.57 -13.98 11.92
CA ASP A 62 -1.47 -13.17 12.46
C ASP A 62 -0.31 -13.04 11.48
N GLU A 63 -0.19 -14.01 10.56
CA GLU A 63 0.84 -13.99 9.51
C GLU A 63 0.33 -13.17 8.32
N TYR A 64 -0.97 -13.32 8.01
CA TYR A 64 -1.64 -12.61 6.91
C TYR A 64 -1.47 -11.08 7.03
N TYR A 65 -1.75 -10.55 8.22
CA TYR A 65 -1.62 -9.12 8.50
C TYR A 65 -0.14 -8.65 8.52
N HIS A 66 0.79 -9.60 8.61
CA HIS A 66 2.22 -9.29 8.77
C HIS A 66 2.91 -8.96 7.43
N LEU A 67 2.35 -9.47 6.30
CA LEU A 67 2.90 -9.17 4.98
C LEU A 67 2.61 -7.71 4.56
N LEU A 68 1.46 -7.17 5.02
CA LEU A 68 1.06 -5.80 4.69
C LEU A 68 1.67 -4.78 5.66
N ALA A 69 1.87 -5.21 6.92
CA ALA A 69 2.45 -4.35 7.97
C ALA A 69 3.94 -4.10 7.75
N GLU A 70 4.62 -5.07 7.11
CA GLU A 70 6.06 -4.94 6.80
C GLU A 70 6.31 -4.05 5.58
N LYS A 71 5.32 -3.97 4.68
CA LYS A 71 5.34 -2.97 3.58
C LYS A 71 5.03 -1.58 4.14
N ILE A 72 4.24 -1.56 5.24
CA ILE A 72 3.78 -0.33 5.89
C ILE A 72 4.96 0.40 6.56
N TYR A 73 5.86 -0.36 7.18
CA TYR A 73 7.05 0.20 7.82
C TYR A 73 8.18 0.41 6.80
N LYS A 74 8.13 -0.39 5.73
CA LYS A 74 9.12 -0.37 4.65
C LYS A 74 8.87 0.81 3.66
N ILE A 75 7.60 1.21 3.51
CA ILE A 75 7.24 2.36 2.68
C ILE A 75 7.48 3.68 3.46
N GLN A 76 7.47 3.57 4.79
CA GLN A 76 7.80 4.68 5.69
C GLN A 76 9.30 5.03 5.64
N LYS A 77 10.11 4.08 5.15
CA LYS A 77 11.57 4.27 4.99
C LYS A 77 11.90 5.17 3.80
N GLU A 78 11.19 4.96 2.69
CA GLU A 78 11.45 5.66 1.43
C GLU A 78 11.05 7.15 1.48
N LEU A 79 9.85 7.43 2.00
CA LEU A 79 9.37 8.81 2.26
C LEU A 79 10.30 9.57 3.22
N GLU A 80 11.08 8.83 4.02
CA GLU A 80 12.02 9.42 4.98
C GLU A 80 13.38 9.73 4.33
N GLU A 81 13.64 9.10 3.18
CA GLU A 81 14.87 9.34 2.40
C GLU A 81 14.78 10.68 1.64
N LYS A 82 13.55 11.10 1.34
CA LYS A 82 13.29 12.40 0.68
C LYS A 82 13.19 13.53 1.71
N ARG A 83 12.96 13.15 2.98
CA ARG A 83 12.78 14.11 4.08
C ARG A 83 14.15 14.63 4.59
N ARG A 84 15.17 13.77 4.53
CA ARG A 84 16.53 14.14 4.97
C ARG A 84 17.37 14.69 3.81
N SER A 85 16.83 14.60 2.59
CA SER A 85 17.54 15.04 1.38
C SER A 85 17.26 16.51 1.05
N ARG A 86 16.05 16.99 1.38
CA ARG A 86 15.66 18.38 1.11
C ARG A 86 15.76 19.25 2.37
N LEU A 87 16.00 18.60 3.52
CA LEU A 87 16.15 19.30 4.80
C LEU A 87 17.57 19.11 5.35
N GLY B 1 13.91 -24.44 10.60
CA GLY B 1 13.23 -24.24 9.29
C GLY B 1 14.12 -23.51 8.29
N SER B 2 13.76 -22.25 8.01
CA SER B 2 14.51 -21.41 7.07
C SER B 2 14.96 -20.11 7.74
N PRO B 3 16.28 -19.72 7.62
CA PRO B 3 16.81 -18.50 8.25
C PRO B 3 16.34 -17.18 7.61
N GLY B 4 15.90 -17.27 6.35
CA GLY B 4 15.40 -16.10 5.62
C GLY B 4 16.30 -15.72 4.46
N TYR B 5 15.69 -15.62 3.26
CA TYR B 5 16.41 -15.23 2.04
C TYR B 5 15.69 -14.08 1.31
N PRO B 6 16.02 -12.78 1.61
CA PRO B 6 15.41 -11.62 0.92
C PRO B 6 15.91 -11.45 -0.51
N ASN B 7 15.05 -11.81 -1.48
CA ASN B 7 15.37 -11.68 -2.91
C ASN B 7 14.18 -11.10 -3.69
N GLY B 8 14.50 -10.25 -4.66
CA GLY B 8 13.47 -9.63 -5.50
C GLY B 8 13.92 -8.32 -6.09
N LEU B 9 14.69 -8.40 -7.18
CA LEU B 9 15.18 -7.22 -7.89
C LEU B 9 14.48 -7.05 -9.24
N LEU B 10 15.14 -6.37 -10.20
CA LEU B 10 14.58 -5.97 -11.49
C LEU B 10 13.23 -5.24 -11.29
N SER B 11 13.32 -4.15 -10.52
CA SER B 11 12.18 -3.28 -10.15
C SER B 11 11.08 -4.06 -9.41
N GLY B 12 11.13 -3.99 -8.08
CA GLY B 12 10.17 -4.69 -7.23
C GLY B 12 9.92 -3.98 -5.92
N ASP B 13 11.00 -3.55 -5.27
CA ASP B 13 10.91 -2.82 -3.98
C ASP B 13 11.58 -1.45 -4.10
N GLU B 14 12.23 -1.21 -5.24
CA GLU B 14 12.92 0.04 -5.52
C GLU B 14 12.11 0.96 -6.44
N ASP B 15 10.97 0.44 -6.88
CA ASP B 15 10.09 1.14 -7.84
C ASP B 15 9.11 2.09 -7.11
N PHE B 16 9.06 1.99 -5.77
CA PHE B 16 8.16 2.83 -4.96
C PHE B 16 8.78 4.21 -4.66
N SER B 17 10.09 4.31 -4.89
CA SER B 17 10.82 5.58 -4.69
C SER B 17 10.63 6.51 -5.88
N SER B 18 10.29 5.94 -7.04
CA SER B 18 10.06 6.70 -8.27
C SER B 18 8.59 7.10 -8.43
N ILE B 19 7.67 6.18 -8.11
CA ILE B 19 6.23 6.38 -8.35
C ILE B 19 5.57 7.12 -7.18
N ALA B 20 5.90 6.74 -5.94
CA ALA B 20 5.26 7.35 -4.76
C ALA B 20 5.82 8.73 -4.43
N ASP B 21 6.91 9.07 -5.10
CA ASP B 21 7.53 10.40 -4.99
C ASP B 21 7.14 11.27 -6.20
N MET B 22 6.47 10.64 -7.18
CA MET B 22 5.88 11.36 -8.32
C MET B 22 4.40 11.66 -8.07
N ASP B 23 3.74 10.77 -7.31
CA ASP B 23 2.33 10.90 -7.00
C ASP B 23 2.07 11.73 -5.75
N PHE B 24 3.10 11.89 -4.89
CA PHE B 24 2.97 12.61 -3.61
C PHE B 24 2.92 14.13 -3.82
N SER B 25 3.43 14.60 -4.97
CA SER B 25 3.49 16.05 -5.27
C SER B 25 2.16 16.58 -5.79
N ALA B 26 1.46 15.77 -6.60
CA ALA B 26 0.14 16.12 -7.14
C ALA B 26 -0.97 15.83 -6.11
N LEU B 27 -0.65 14.95 -5.16
CA LEU B 27 -1.58 14.53 -4.10
C LEU B 27 -1.71 15.60 -2.99
N LEU B 28 -0.71 16.51 -2.92
CA LEU B 28 -0.75 17.65 -1.97
C LEU B 28 -1.48 18.85 -2.57
N SER B 29 -1.42 18.94 -3.91
CA SER B 29 -2.02 20.05 -4.67
C SER B 29 -3.55 19.96 -4.74
N GLN B 30 -4.10 18.77 -4.44
CA GLN B 30 -5.56 18.55 -4.50
C GLN B 30 -6.27 18.89 -3.18
N ILE B 31 -5.48 19.03 -2.11
CA ILE B 31 -6.02 19.35 -0.77
C ILE B 31 -5.75 20.81 -0.38
N SER B 32 -4.70 21.41 -0.97
CA SER B 32 -4.32 22.80 -0.67
C SER B 32 -4.86 23.76 -1.73
N SER B 33 -4.83 23.34 -3.01
CA SER B 33 -5.31 24.16 -4.12
C SER B 33 -6.57 23.55 -4.75
N GLY A 1 -10.77 -31.54 4.06
CA GLY A 1 -11.05 -30.09 4.20
C GLY A 1 -10.32 -29.46 5.37
N VAL A 2 -9.62 -28.35 5.11
CA VAL A 2 -8.85 -27.63 6.14
C VAL A 2 -9.74 -26.55 6.80
N ARG A 3 -9.68 -26.48 8.13
CA ARG A 3 -10.47 -25.51 8.90
C ARG A 3 -9.68 -24.21 9.11
N LYS A 4 -10.29 -23.09 8.69
CA LYS A 4 -9.66 -21.77 8.81
C LYS A 4 -10.44 -20.88 9.79
N GLY A 5 -9.72 -20.36 10.79
CA GLY A 5 -10.29 -19.40 11.74
C GLY A 5 -10.30 -17.98 11.21
N TRP A 6 -9.36 -17.68 10.30
CA TRP A 6 -9.20 -16.34 9.72
C TRP A 6 -10.14 -16.10 8.53
N HIS A 7 -10.45 -17.16 7.78
CA HIS A 7 -11.36 -17.06 6.62
C HIS A 7 -12.80 -16.75 7.05
N GLU A 8 -13.19 -17.23 8.24
CA GLU A 8 -14.52 -16.96 8.80
C GLU A 8 -14.54 -15.65 9.62
N HIS A 9 -13.34 -15.11 9.88
CA HIS A 9 -13.17 -13.89 10.66
C HIS A 9 -12.88 -12.68 9.75
N VAL A 10 -12.29 -12.92 8.57
CA VAL A 10 -11.98 -11.85 7.62
C VAL A 10 -13.22 -11.57 6.76
N THR A 11 -13.62 -10.30 6.71
CA THR A 11 -14.83 -9.89 6.00
C THR A 11 -14.51 -9.21 4.67
N GLN A 12 -15.57 -8.88 3.93
CA GLN A 12 -15.50 -7.98 2.78
C GLN A 12 -15.15 -6.54 3.26
N ASP A 13 -15.37 -6.29 4.56
CA ASP A 13 -15.08 -5.00 5.18
C ASP A 13 -13.59 -4.86 5.55
N LEU A 14 -12.92 -5.98 5.89
CA LEU A 14 -11.47 -5.96 6.15
C LEU A 14 -10.69 -5.67 4.87
N ARG A 15 -11.06 -6.31 3.76
CA ARG A 15 -10.38 -6.11 2.47
C ARG A 15 -10.34 -4.62 2.08
N SER A 16 -11.39 -3.90 2.50
CA SER A 16 -11.48 -2.45 2.31
C SER A 16 -10.77 -1.68 3.43
N HIS A 17 -10.75 -2.25 4.64
CA HIS A 17 -10.16 -1.59 5.82
C HIS A 17 -8.63 -1.65 5.82
N LEU A 18 -8.07 -2.78 5.33
CA LEU A 18 -6.63 -2.93 5.12
C LEU A 18 -6.10 -1.95 4.06
N VAL A 19 -6.98 -1.61 3.10
CA VAL A 19 -6.70 -0.64 2.06
C VAL A 19 -6.90 0.80 2.58
N HIS A 20 -7.79 0.93 3.58
CA HIS A 20 -7.99 2.21 4.27
C HIS A 20 -6.94 2.41 5.37
N LYS A 21 -6.31 1.29 5.77
CA LYS A 21 -5.21 1.28 6.73
C LYS A 21 -3.88 1.53 6.00
N LEU A 22 -3.91 1.25 4.70
CA LEU A 22 -2.76 1.37 3.81
C LEU A 22 -2.63 2.79 3.25
N VAL A 23 -3.74 3.34 2.71
CA VAL A 23 -3.79 4.69 2.11
C VAL A 23 -3.52 5.79 3.17
N GLN A 24 -3.80 5.49 4.44
CA GLN A 24 -3.60 6.46 5.54
C GLN A 24 -2.14 6.44 6.03
N ALA A 25 -1.48 5.28 5.90
CA ALA A 25 -0.07 5.13 6.24
C ALA A 25 0.84 5.70 5.14
N ILE A 26 0.37 5.62 3.88
CA ILE A 26 1.14 6.12 2.73
C ILE A 26 0.99 7.65 2.63
N PHE A 27 -0.26 8.13 2.57
CA PHE A 27 -0.55 9.55 2.57
C PHE A 27 -1.77 9.86 3.48
N PRO A 28 -1.55 10.41 4.72
CA PRO A 28 -2.66 10.86 5.59
C PRO A 28 -3.22 12.23 5.18
N THR A 29 -4.55 12.35 5.15
CA THR A 29 -5.21 13.60 4.78
C THR A 29 -6.60 13.74 5.45
N PRO A 30 -6.85 14.90 6.15
CA PRO A 30 -8.17 15.26 6.73
C PRO A 30 -9.35 15.11 5.75
N ASP A 31 -9.24 15.78 4.60
CA ASP A 31 -10.29 15.82 3.58
C ASP A 31 -10.42 14.49 2.81
N PRO A 32 -11.59 13.78 2.92
CA PRO A 32 -11.87 12.56 2.11
C PRO A 32 -12.02 12.84 0.60
N ALA A 33 -12.11 14.13 0.23
CA ALA A 33 -12.30 14.56 -1.16
C ALA A 33 -11.05 14.36 -2.02
N ALA A 34 -9.91 14.09 -1.36
CA ALA A 34 -8.64 13.83 -2.04
C ALA A 34 -8.52 12.37 -2.52
N LEU A 35 -9.41 11.51 -1.98
CA LEU A 35 -9.38 10.08 -2.27
C LEU A 35 -10.11 9.74 -3.58
N LYS A 36 -10.76 10.74 -4.18
CA LYS A 36 -11.53 10.54 -5.41
C LYS A 36 -10.79 11.17 -6.61
N ASP A 37 -9.49 11.47 -6.42
CA ASP A 37 -8.67 12.11 -7.43
C ASP A 37 -8.18 11.10 -8.49
N ARG A 38 -7.68 11.61 -9.62
CA ARG A 38 -7.22 10.78 -10.74
C ARG A 38 -5.90 10.04 -10.41
N ARG A 39 -4.87 10.82 -10.01
CA ARG A 39 -3.54 10.28 -9.72
C ARG A 39 -3.50 9.41 -8.46
N MET A 40 -4.42 9.67 -7.52
CA MET A 40 -4.45 8.94 -6.23
C MET A 40 -5.09 7.56 -6.39
N GLU A 41 -6.15 7.48 -7.21
CA GLU A 41 -6.87 6.22 -7.48
C GLU A 41 -5.92 5.12 -8.04
N ASN A 42 -4.77 5.53 -8.57
CA ASN A 42 -3.77 4.62 -9.14
C ASN A 42 -3.05 3.81 -8.05
N LEU A 43 -2.78 4.44 -6.88
CA LEU A 43 -2.12 3.74 -5.77
C LEU A 43 -3.16 3.01 -4.90
N VAL A 44 -4.40 3.54 -4.87
CA VAL A 44 -5.55 2.86 -4.25
C VAL A 44 -5.74 1.46 -4.88
N ALA A 45 -5.39 1.37 -6.17
CA ALA A 45 -5.44 0.14 -6.92
C ALA A 45 -4.19 -0.72 -6.68
N TYR A 46 -3.13 -0.07 -6.17
CA TYR A 46 -1.90 -0.76 -5.76
C TYR A 46 -2.09 -1.46 -4.40
N ALA A 47 -2.85 -0.84 -3.50
CA ALA A 47 -3.13 -1.41 -2.18
C ALA A 47 -4.30 -2.39 -2.22
N LYS A 48 -5.18 -2.21 -3.21
CA LYS A 48 -6.35 -3.07 -3.42
C LYS A 48 -5.93 -4.51 -3.82
N LYS A 49 -4.81 -4.61 -4.53
CA LYS A 49 -4.29 -5.88 -5.03
C LYS A 49 -3.41 -6.64 -4.02
N VAL A 50 -2.78 -5.92 -3.08
CA VAL A 50 -1.75 -6.53 -2.20
C VAL A 50 -2.35 -7.55 -1.20
N GLU A 51 -3.39 -7.15 -0.44
CA GLU A 51 -4.02 -8.04 0.57
C GLU A 51 -4.66 -9.29 -0.05
N GLY A 52 -4.97 -9.22 -1.36
CA GLY A 52 -5.50 -10.37 -2.09
C GLY A 52 -4.42 -11.39 -2.43
N ASP A 53 -3.15 -10.92 -2.52
CA ASP A 53 -2.00 -11.79 -2.75
C ASP A 53 -1.44 -12.34 -1.42
N MET A 54 -1.81 -11.66 -0.31
CA MET A 54 -1.41 -12.07 1.05
C MET A 54 -2.12 -13.35 1.50
N TYR A 55 -3.28 -13.64 0.88
CA TYR A 55 -4.12 -14.79 1.24
C TYR A 55 -3.50 -16.11 0.75
N GLU A 56 -2.77 -16.04 -0.37
CA GLU A 56 -2.10 -17.22 -0.95
C GLU A 56 -0.70 -17.42 -0.38
N SER A 57 -0.08 -16.33 0.12
CA SER A 57 1.29 -16.37 0.63
C SER A 57 1.33 -16.63 2.14
N ALA A 58 0.34 -16.11 2.87
CA ALA A 58 0.28 -16.27 4.33
C ALA A 58 -0.61 -17.45 4.72
N ASN A 59 -0.16 -18.23 5.71
CA ASN A 59 -0.91 -19.40 6.21
C ASN A 59 -1.52 -19.13 7.60
N SER A 60 -1.13 -18.00 8.21
CA SER A 60 -1.61 -17.62 9.55
C SER A 60 -2.04 -16.15 9.56
N ARG A 61 -2.92 -15.81 10.50
CA ARG A 61 -3.48 -14.44 10.61
C ARG A 61 -2.47 -13.47 11.24
N ASP A 62 -1.44 -14.02 11.91
CA ASP A 62 -0.36 -13.22 12.48
C ASP A 62 0.69 -12.87 11.41
N GLU A 63 0.77 -13.69 10.36
CA GLU A 63 1.67 -13.45 9.22
C GLU A 63 0.97 -12.55 8.19
N TYR A 64 -0.30 -12.86 7.89
CA TYR A 64 -1.13 -12.09 6.95
C TYR A 64 -1.18 -10.60 7.36
N TYR A 65 -1.54 -10.34 8.61
CA TYR A 65 -1.59 -8.99 9.17
C TYR A 65 -0.19 -8.37 9.39
N HIS A 66 0.86 -9.21 9.37
CA HIS A 66 2.25 -8.73 9.52
C HIS A 66 2.79 -8.25 8.16
N LEU A 67 2.48 -9.01 7.09
CA LEU A 67 2.88 -8.68 5.72
C LEU A 67 2.33 -7.31 5.25
N LEU A 68 1.06 -7.05 5.59
CA LEU A 68 0.41 -5.76 5.28
C LEU A 68 0.90 -4.63 6.20
N ALA A 69 1.40 -4.99 7.40
CA ALA A 69 1.94 -4.01 8.35
C ALA A 69 3.40 -3.66 8.06
N GLU A 70 4.17 -4.65 7.55
CA GLU A 70 5.57 -4.42 7.19
C GLU A 70 5.70 -3.81 5.79
N LYS A 71 4.65 -3.98 4.96
CA LYS A 71 4.53 -3.24 3.70
C LYS A 71 4.20 -1.78 4.03
N ILE A 72 3.48 -1.60 5.15
CA ILE A 72 3.17 -0.29 5.71
C ILE A 72 4.45 0.37 6.25
N TYR A 73 5.39 -0.47 6.70
CA TYR A 73 6.67 -0.01 7.20
C TYR A 73 7.67 0.18 6.05
N LYS A 74 7.53 -0.62 4.98
CA LYS A 74 8.42 -0.55 3.80
C LYS A 74 8.20 0.69 2.96
N ILE A 75 6.93 1.04 2.79
CA ILE A 75 6.53 2.25 2.05
C ILE A 75 6.96 3.51 2.82
N GLN A 76 6.96 3.41 4.16
CA GLN A 76 7.49 4.45 5.05
C GLN A 76 9.03 4.45 5.07
N LYS A 77 9.61 3.31 4.68
CA LYS A 77 11.04 3.06 4.69
C LYS A 77 11.70 3.57 3.41
N GLU A 78 11.08 3.23 2.27
CA GLU A 78 11.58 3.60 0.93
C GLU A 78 11.62 5.13 0.71
N LEU A 79 10.57 5.83 1.18
CA LEU A 79 10.54 7.31 1.15
C LEU A 79 11.67 7.94 1.97
N GLU A 80 12.12 7.23 3.02
CA GLU A 80 13.24 7.70 3.86
C GLU A 80 14.60 7.48 3.17
N GLU A 81 14.62 6.55 2.21
CA GLU A 81 15.81 6.31 1.36
C GLU A 81 15.92 7.39 0.28
N LYS A 82 14.79 8.02 -0.04
CA LYS A 82 14.72 9.14 -1.01
C LYS A 82 15.01 10.47 -0.31
N ARG A 83 14.88 10.46 1.03
CA ARG A 83 15.07 11.65 1.86
C ARG A 83 16.56 11.92 2.14
N ARG A 84 17.40 10.89 1.95
CA ARG A 84 18.84 10.98 2.20
C ARG A 84 19.58 11.53 0.97
N SER A 85 18.97 11.35 -0.22
CA SER A 85 19.55 11.84 -1.48
C SER A 85 19.07 13.26 -1.81
N ARG A 86 17.84 13.58 -1.37
CA ARG A 86 17.24 14.90 -1.57
C ARG A 86 16.22 15.19 -0.47
N LEU A 87 16.64 16.05 0.45
CA LEU A 87 15.80 16.49 1.59
C LEU A 87 14.48 17.13 1.14
N GLY B 1 -4.44 -12.20 -23.60
CA GLY B 1 -4.28 -12.78 -22.24
C GLY B 1 -3.74 -14.20 -22.28
N SER B 2 -2.43 -14.33 -22.53
CA SER B 2 -1.77 -15.63 -22.60
C SER B 2 -0.74 -15.79 -21.48
N PRO B 3 -0.75 -16.93 -20.72
CA PRO B 3 0.22 -17.17 -19.61
C PRO B 3 1.64 -17.48 -20.10
N GLY B 4 2.63 -16.93 -19.40
CA GLY B 4 4.03 -17.14 -19.77
C GLY B 4 4.88 -17.57 -18.59
N TYR B 5 6.16 -17.18 -18.62
CA TYR B 5 7.12 -17.52 -17.57
C TYR B 5 7.65 -16.24 -16.87
N PRO B 6 7.16 -15.92 -15.62
CA PRO B 6 7.68 -14.78 -14.83
C PRO B 6 9.12 -15.01 -14.35
N ASN B 7 9.98 -14.01 -14.56
CA ASN B 7 11.40 -14.10 -14.16
C ASN B 7 11.78 -12.97 -13.18
N GLY B 8 11.22 -11.77 -13.40
CA GLY B 8 11.53 -10.63 -12.55
C GLY B 8 10.29 -10.04 -11.89
N LEU B 9 9.27 -9.78 -12.70
CA LEU B 9 8.01 -9.20 -12.22
C LEU B 9 6.88 -10.20 -12.36
N LEU B 10 6.19 -10.45 -11.24
CA LEU B 10 5.03 -11.34 -11.21
C LEU B 10 3.78 -10.55 -10.80
N SER B 11 3.99 -9.30 -10.35
CA SER B 11 2.91 -8.43 -9.85
C SER B 11 3.28 -6.95 -10.00
N GLY B 12 4.48 -6.60 -9.53
CA GLY B 12 4.95 -5.22 -9.62
C GLY B 12 4.87 -4.49 -8.29
N ASP B 13 5.96 -4.55 -7.51
CA ASP B 13 6.03 -3.90 -6.21
C ASP B 13 7.33 -3.09 -6.08
N GLU B 14 8.20 -3.22 -7.08
CA GLU B 14 9.48 -2.53 -7.12
C GLU B 14 9.41 -1.23 -7.93
N ASP B 15 8.26 -1.02 -8.54
CA ASP B 15 8.00 0.14 -9.40
C ASP B 15 7.41 1.32 -8.60
N PHE B 16 7.04 1.05 -7.33
CA PHE B 16 6.42 2.07 -6.46
C PHE B 16 7.39 3.19 -6.06
N SER B 17 8.66 2.96 -6.35
CA SER B 17 9.73 3.91 -6.02
C SER B 17 9.68 5.16 -6.93
N SER B 18 9.25 4.97 -8.18
CA SER B 18 9.14 6.06 -9.14
C SER B 18 7.76 6.72 -9.11
N ILE B 19 6.72 5.92 -8.79
CA ILE B 19 5.33 6.41 -8.83
C ILE B 19 4.92 7.08 -7.50
N ALA B 20 5.44 6.59 -6.38
CA ALA B 20 5.07 7.12 -5.06
C ALA B 20 5.83 8.41 -4.71
N ASP B 21 6.86 8.69 -5.51
CA ASP B 21 7.61 9.94 -5.41
C ASP B 21 7.15 10.93 -6.49
N MET B 22 6.28 10.42 -7.37
CA MET B 22 5.63 11.23 -8.41
C MET B 22 4.23 11.64 -7.94
N ASP B 23 3.61 10.76 -7.15
CA ASP B 23 2.25 10.96 -6.64
C ASP B 23 2.25 11.71 -5.29
N PHE B 24 3.40 11.70 -4.58
CA PHE B 24 3.52 12.38 -3.28
C PHE B 24 3.56 13.90 -3.45
N SER B 25 4.06 14.36 -4.61
CA SER B 25 4.16 15.79 -4.94
C SER B 25 2.82 16.34 -5.46
N ALA B 26 2.00 15.45 -6.05
CA ALA B 26 0.69 15.83 -6.60
C ALA B 26 -0.40 15.87 -5.52
N LEU B 27 -0.15 15.16 -4.41
CA LEU B 27 -1.10 15.09 -3.29
C LEU B 27 -0.96 16.29 -2.34
N LEU B 28 0.14 17.05 -2.47
CA LEU B 28 0.38 18.25 -1.65
C LEU B 28 -0.52 19.40 -2.07
N SER B 29 -0.87 19.41 -3.36
CA SER B 29 -1.78 20.42 -3.95
C SER B 29 -3.25 20.15 -3.58
N GLN B 30 -3.52 18.92 -3.10
CA GLN B 30 -4.89 18.50 -2.71
C GLN B 30 -5.35 19.13 -1.40
N ILE B 31 -4.41 19.76 -0.68
CA ILE B 31 -4.67 20.39 0.62
C ILE B 31 -5.05 21.87 0.44
N SER B 32 -4.48 22.52 -0.59
CA SER B 32 -4.75 23.94 -0.86
C SER B 32 -5.95 24.11 -1.81
N SER B 33 -6.08 23.20 -2.79
CA SER B 33 -7.18 23.25 -3.75
C SER B 33 -8.02 21.97 -3.67
N GLY A 1 -9.89 -23.43 -3.13
CA GLY A 1 -10.39 -22.49 -2.08
C GLY A 1 -11.12 -23.20 -0.96
N VAL A 2 -10.35 -23.65 0.05
CA VAL A 2 -10.91 -24.36 1.21
C VAL A 2 -11.27 -23.36 2.32
N ARG A 3 -12.37 -23.64 3.03
CA ARG A 3 -12.89 -22.74 4.06
C ARG A 3 -12.31 -23.08 5.44
N LYS A 4 -11.69 -22.07 6.06
CA LYS A 4 -11.05 -22.21 7.36
C LYS A 4 -11.56 -21.14 8.35
N GLY A 5 -10.95 -21.05 9.54
CA GLY A 5 -11.38 -20.10 10.57
C GLY A 5 -11.21 -18.63 10.18
N TRP A 6 -10.13 -18.32 9.43
CA TRP A 6 -9.81 -16.94 9.04
C TRP A 6 -10.79 -16.39 7.99
N HIS A 7 -11.27 -17.27 7.11
CA HIS A 7 -12.26 -16.89 6.09
C HIS A 7 -13.65 -16.66 6.71
N GLU A 8 -13.82 -17.09 7.97
CA GLU A 8 -15.09 -16.96 8.69
C GLU A 8 -15.26 -15.56 9.31
N HIS A 9 -14.14 -14.91 9.66
CA HIS A 9 -14.17 -13.57 10.26
C HIS A 9 -13.72 -12.47 9.30
N VAL A 10 -12.90 -12.80 8.28
CA VAL A 10 -12.46 -11.80 7.30
C VAL A 10 -13.57 -11.56 6.27
N THR A 11 -13.97 -10.30 6.12
CA THR A 11 -15.06 -9.92 5.23
C THR A 11 -14.56 -9.09 4.05
N GLN A 12 -15.51 -8.64 3.24
CA GLN A 12 -15.29 -7.60 2.23
C GLN A 12 -15.05 -6.24 2.93
N ASP A 13 -15.47 -6.14 4.20
CA ASP A 13 -15.33 -4.92 4.99
C ASP A 13 -13.92 -4.78 5.59
N LEU A 14 -13.38 -5.89 6.16
CA LEU A 14 -12.00 -5.89 6.69
C LEU A 14 -10.98 -5.57 5.60
N ARG A 15 -11.13 -6.19 4.42
CA ARG A 15 -10.17 -6.01 3.32
C ARG A 15 -10.11 -4.54 2.84
N SER A 16 -11.19 -3.79 3.09
CA SER A 16 -11.25 -2.37 2.78
C SER A 16 -10.61 -1.53 3.90
N HIS A 17 -10.66 -2.07 5.13
CA HIS A 17 -10.02 -1.47 6.31
C HIS A 17 -8.52 -1.74 6.34
N LEU A 18 -8.11 -2.80 5.65
CA LEU A 18 -6.70 -3.18 5.49
C LEU A 18 -6.06 -2.34 4.38
N VAL A 19 -6.87 -2.03 3.36
CA VAL A 19 -6.52 -1.11 2.27
C VAL A 19 -6.58 0.35 2.76
N HIS A 20 -7.49 0.62 3.71
CA HIS A 20 -7.64 1.97 4.30
C HIS A 20 -6.54 2.24 5.34
N LYS A 21 -5.90 1.15 5.80
CA LYS A 21 -4.76 1.22 6.73
C LYS A 21 -3.47 1.40 5.91
N LEU A 22 -3.57 0.95 4.66
CA LEU A 22 -2.48 0.88 3.71
C LEU A 22 -2.31 2.18 2.92
N VAL A 23 -3.44 2.82 2.56
CA VAL A 23 -3.45 4.12 1.86
C VAL A 23 -3.04 5.27 2.79
N GLN A 24 -3.27 5.12 4.11
CA GLN A 24 -2.91 6.14 5.09
C GLN A 24 -1.43 6.06 5.44
N ALA A 25 -0.92 4.82 5.47
CA ALA A 25 0.50 4.56 5.67
C ALA A 25 1.35 5.12 4.52
N ILE A 26 0.80 5.08 3.30
CA ILE A 26 1.47 5.63 2.12
C ILE A 26 1.28 7.16 2.09
N PHE A 27 0.01 7.60 2.11
CA PHE A 27 -0.31 9.03 2.23
C PHE A 27 -1.54 9.22 3.14
N PRO A 28 -1.39 9.87 4.35
CA PRO A 28 -2.53 10.17 5.25
C PRO A 28 -3.57 11.08 4.58
N THR A 29 -4.86 10.80 4.84
CA THR A 29 -5.95 11.52 4.20
C THR A 29 -6.55 12.60 5.11
N PRO A 30 -6.42 13.90 4.71
CA PRO A 30 -7.17 15.02 5.32
C PRO A 30 -8.67 14.96 4.99
N ASP A 31 -8.96 14.93 3.68
CA ASP A 31 -10.34 14.92 3.19
C ASP A 31 -10.59 13.76 2.20
N PRO A 32 -11.79 13.12 2.28
CA PRO A 32 -12.24 12.07 1.32
C PRO A 32 -12.31 12.55 -0.16
N ALA A 33 -12.21 13.88 -0.36
CA ALA A 33 -12.25 14.48 -1.71
C ALA A 33 -10.92 14.29 -2.45
N ALA A 34 -9.81 14.34 -1.70
CA ALA A 34 -8.48 14.05 -2.24
C ALA A 34 -8.30 12.55 -2.48
N LEU A 35 -9.05 11.76 -1.70
CA LEU A 35 -9.04 10.31 -1.77
C LEU A 35 -9.95 9.80 -2.91
N LYS A 36 -10.75 10.70 -3.49
CA LYS A 36 -11.66 10.37 -4.59
C LYS A 36 -11.08 10.84 -5.94
N ASP A 37 -9.78 11.17 -5.93
CA ASP A 37 -9.09 11.72 -7.10
C ASP A 37 -8.64 10.60 -8.06
N ARG A 38 -8.35 11.00 -9.30
CA ARG A 38 -7.95 10.06 -10.38
C ARG A 38 -6.49 9.66 -10.23
N ARG A 39 -5.67 10.66 -9.87
CA ARG A 39 -4.22 10.46 -9.66
C ARG A 39 -3.93 9.61 -8.41
N MET A 40 -4.88 9.58 -7.47
CA MET A 40 -4.74 8.79 -6.24
C MET A 40 -5.28 7.37 -6.43
N GLU A 41 -6.38 7.25 -7.19
CA GLU A 41 -7.04 5.96 -7.48
C GLU A 41 -6.07 4.94 -8.12
N ASN A 42 -4.96 5.44 -8.70
CA ASN A 42 -3.95 4.59 -9.35
C ASN A 42 -3.16 3.75 -8.33
N LEU A 43 -2.88 4.32 -7.14
CA LEU A 43 -2.15 3.60 -6.09
C LEU A 43 -3.12 2.78 -5.23
N VAL A 44 -4.37 3.27 -5.10
CA VAL A 44 -5.46 2.51 -4.47
C VAL A 44 -5.65 1.16 -5.18
N ALA A 45 -5.44 1.18 -6.49
CA ALA A 45 -5.49 -0.02 -7.33
C ALA A 45 -4.21 -0.87 -7.15
N TYR A 46 -3.16 -0.24 -6.62
CA TYR A 46 -1.92 -0.91 -6.24
C TYR A 46 -2.08 -1.62 -4.88
N ALA A 47 -2.86 -1.01 -3.98
CA ALA A 47 -3.12 -1.56 -2.65
C ALA A 47 -4.24 -2.60 -2.67
N LYS A 48 -5.19 -2.43 -3.62
CA LYS A 48 -6.33 -3.34 -3.78
C LYS A 48 -5.86 -4.75 -4.22
N LYS A 49 -4.85 -4.76 -5.09
CA LYS A 49 -4.19 -5.98 -5.59
C LYS A 49 -3.24 -6.55 -4.53
N VAL A 50 -2.69 -5.66 -3.71
CA VAL A 50 -1.61 -5.98 -2.77
C VAL A 50 -2.11 -6.80 -1.56
N GLU A 51 -3.25 -6.39 -0.99
CA GLU A 51 -3.87 -7.07 0.17
C GLU A 51 -4.35 -8.48 -0.21
N GLY A 52 -4.71 -8.68 -1.49
CA GLY A 52 -5.15 -9.97 -1.98
C GLY A 52 -4.02 -10.98 -2.16
N ASP A 53 -2.78 -10.46 -2.25
CA ASP A 53 -1.58 -11.29 -2.40
C ASP A 53 -1.15 -11.90 -1.04
N MET A 54 -1.63 -11.30 0.05
CA MET A 54 -1.34 -11.78 1.41
C MET A 54 -2.12 -13.04 1.78
N TYR A 55 -3.27 -13.23 1.12
CA TYR A 55 -4.17 -14.37 1.39
C TYR A 55 -3.63 -15.67 0.77
N GLU A 56 -2.87 -15.52 -0.33
CA GLU A 56 -2.27 -16.67 -1.03
C GLU A 56 -0.89 -17.03 -0.46
N SER A 57 -0.25 -16.05 0.21
CA SER A 57 1.10 -16.23 0.75
C SER A 57 1.09 -16.69 2.22
N ALA A 58 0.25 -16.04 3.03
CA ALA A 58 0.15 -16.36 4.46
C ALA A 58 -0.89 -17.44 4.74
N ASN A 59 -0.68 -18.20 5.82
CA ASN A 59 -1.59 -19.30 6.20
C ASN A 59 -2.27 -19.04 7.57
N SER A 60 -1.80 -17.99 8.28
CA SER A 60 -2.31 -17.66 9.60
C SER A 60 -2.62 -16.17 9.70
N ARG A 61 -3.53 -15.82 10.64
CA ARG A 61 -4.00 -14.44 10.82
C ARG A 61 -2.93 -13.51 11.40
N ASP A 62 -1.97 -14.09 12.14
CA ASP A 62 -0.84 -13.32 12.69
C ASP A 62 0.25 -13.09 11.64
N GLU A 63 0.30 -13.98 10.64
CA GLU A 63 1.25 -13.85 9.52
C GLU A 63 0.65 -12.96 8.42
N TYR A 64 -0.63 -13.23 8.08
CA TYR A 64 -1.38 -12.48 7.05
C TYR A 64 -1.38 -10.96 7.35
N TYR A 65 -1.81 -10.60 8.56
CA TYR A 65 -1.81 -9.21 9.03
C TYR A 65 -0.39 -8.61 9.12
N HIS A 66 0.63 -9.48 9.10
CA HIS A 66 2.02 -9.06 9.25
C HIS A 66 2.61 -8.53 7.93
N LEU A 67 2.34 -9.22 6.80
CA LEU A 67 2.88 -8.83 5.48
C LEU A 67 2.44 -7.41 5.06
N LEU A 68 1.32 -6.92 5.61
CA LEU A 68 0.81 -5.58 5.29
C LEU A 68 1.44 -4.54 6.20
N ALA A 69 1.59 -4.88 7.49
CA ALA A 69 2.26 -4.02 8.48
C ALA A 69 3.77 -3.94 8.21
N GLU A 70 4.32 -4.97 7.55
CA GLU A 70 5.73 -5.00 7.14
C GLU A 70 5.95 -4.22 5.85
N LYS A 71 4.96 -4.29 4.94
CA LYS A 71 4.96 -3.47 3.72
C LYS A 71 4.67 -2.01 4.07
N ILE A 72 4.03 -1.81 5.24
CA ILE A 72 3.73 -0.47 5.77
C ILE A 72 5.03 0.20 6.28
N TYR A 73 5.98 -0.61 6.74
CA TYR A 73 7.24 -0.11 7.26
C TYR A 73 8.26 0.11 6.13
N LYS A 74 8.17 -0.71 5.07
CA LYS A 74 9.11 -0.66 3.93
C LYS A 74 8.82 0.51 2.99
N ILE A 75 7.53 0.86 2.85
CA ILE A 75 7.13 2.03 2.04
C ILE A 75 7.47 3.33 2.79
N GLN A 76 7.38 3.26 4.13
CA GLN A 76 7.79 4.35 5.02
C GLN A 76 9.31 4.59 4.99
N LYS A 77 10.08 3.58 4.54
CA LYS A 77 11.53 3.69 4.37
C LYS A 77 11.91 4.56 3.17
N GLU A 78 11.11 4.46 2.09
CA GLU A 78 11.35 5.17 0.83
C GLU A 78 11.12 6.68 0.98
N LEU A 79 9.98 7.03 1.60
CA LEU A 79 9.60 8.44 1.84
C LEU A 79 10.51 9.10 2.89
N GLU A 80 11.21 8.29 3.69
CA GLU A 80 12.13 8.79 4.73
C GLU A 80 13.51 9.15 4.11
N GLU A 81 13.79 8.60 2.91
CA GLU A 81 15.04 8.88 2.19
C GLU A 81 15.03 10.26 1.53
N LYS A 82 13.81 10.75 1.20
CA LYS A 82 13.62 12.09 0.63
C LYS A 82 13.50 13.16 1.73
N ARG A 83 13.20 12.70 2.97
CA ARG A 83 12.99 13.59 4.11
C ARG A 83 14.33 14.13 4.67
N ARG A 84 15.38 13.30 4.55
CA ARG A 84 16.72 13.66 5.05
C ARG A 84 17.57 14.33 3.95
N SER A 85 17.09 14.25 2.70
CA SER A 85 17.81 14.80 1.54
C SER A 85 17.29 16.18 1.14
N ARG A 86 16.03 16.48 1.49
CA ARG A 86 15.41 17.75 1.14
C ARG A 86 15.51 18.77 2.29
N LEU A 87 15.96 18.30 3.45
CA LEU A 87 16.14 19.15 4.63
C LEU A 87 17.62 19.25 5.00
N GLY B 1 3.12 -12.63 -31.86
CA GLY B 1 2.69 -12.42 -30.45
C GLY B 1 3.84 -12.43 -29.47
N SER B 2 4.06 -11.28 -28.82
CA SER B 2 5.15 -11.13 -27.85
C SER B 2 4.60 -10.70 -26.47
N PRO B 3 5.03 -11.36 -25.34
CA PRO B 3 4.54 -11.01 -23.99
C PRO B 3 5.09 -9.67 -23.47
N GLY B 4 4.24 -8.94 -22.74
CA GLY B 4 4.62 -7.65 -22.19
C GLY B 4 4.29 -7.48 -20.72
N TYR B 5 3.34 -8.31 -20.22
CA TYR B 5 2.88 -8.30 -18.81
C TYR B 5 2.26 -6.92 -18.42
N PRO B 6 0.89 -6.80 -18.39
CA PRO B 6 0.21 -5.54 -18.01
C PRO B 6 0.46 -5.12 -16.55
N ASN B 7 0.75 -6.10 -15.68
CA ASN B 7 1.00 -5.84 -14.27
C ASN B 7 2.50 -5.77 -13.95
N GLY B 8 3.28 -6.64 -14.62
CA GLY B 8 4.72 -6.66 -14.44
C GLY B 8 5.20 -7.88 -13.67
N LEU B 9 6.53 -8.05 -13.61
CA LEU B 9 7.16 -9.15 -12.87
C LEU B 9 8.30 -8.64 -12.01
N LEU B 10 9.12 -7.80 -12.63
CA LEU B 10 10.27 -7.18 -11.96
C LEU B 10 9.95 -5.73 -11.60
N SER B 11 8.83 -5.24 -12.11
CA SER B 11 8.35 -3.87 -11.85
C SER B 11 6.92 -3.90 -11.30
N GLY B 12 6.66 -4.86 -10.40
CA GLY B 12 5.32 -5.04 -9.83
C GLY B 12 5.16 -4.39 -8.47
N ASP B 13 6.12 -4.63 -7.57
CA ASP B 13 6.08 -4.08 -6.20
C ASP B 13 7.37 -3.32 -5.87
N GLU B 14 8.35 -3.44 -6.77
CA GLU B 14 9.64 -2.80 -6.61
C GLU B 14 9.72 -1.48 -7.39
N ASP B 15 8.67 -1.21 -8.13
CA ASP B 15 8.56 -0.01 -8.98
C ASP B 15 7.90 1.16 -8.22
N PHE B 16 7.35 0.88 -7.03
CA PHE B 16 6.63 1.88 -6.22
C PHE B 16 7.54 2.99 -5.69
N SER B 17 8.84 2.77 -5.81
CA SER B 17 9.85 3.72 -5.36
C SER B 17 9.90 4.98 -6.25
N SER B 18 9.62 4.79 -7.54
CA SER B 18 9.61 5.89 -8.52
C SER B 18 8.23 6.54 -8.62
N ILE B 19 7.16 5.75 -8.41
CA ILE B 19 5.78 6.24 -8.59
C ILE B 19 5.24 6.92 -7.32
N ALA B 20 5.67 6.44 -6.15
CA ALA B 20 5.16 6.98 -4.88
C ALA B 20 5.85 8.28 -4.46
N ASP B 21 6.93 8.60 -5.16
CA ASP B 21 7.67 9.85 -4.97
C ASP B 21 7.24 10.88 -6.04
N MET B 22 6.57 10.38 -7.08
CA MET B 22 5.97 11.21 -8.13
C MET B 22 4.53 11.57 -7.79
N ASP B 23 3.88 10.68 -7.02
CA ASP B 23 2.48 10.84 -6.64
C ASP B 23 2.34 11.57 -5.28
N PHE B 24 3.42 11.57 -4.48
CA PHE B 24 3.40 12.22 -3.15
C PHE B 24 3.50 13.75 -3.28
N SER B 25 4.12 14.22 -4.38
CA SER B 25 4.26 15.65 -4.67
C SER B 25 2.99 16.22 -5.30
N ALA B 26 2.20 15.34 -5.93
CA ALA B 26 0.94 15.74 -6.59
C ALA B 26 -0.23 15.79 -5.59
N LEU B 27 -0.10 15.06 -4.47
CA LEU B 27 -1.13 15.00 -3.43
C LEU B 27 -1.05 16.21 -2.48
N LEU B 28 0.07 16.95 -2.52
CA LEU B 28 0.25 18.16 -1.70
C LEU B 28 -0.42 19.37 -2.37
N SER B 29 -0.22 19.46 -3.69
CA SER B 29 -0.87 20.48 -4.52
C SER B 29 -2.35 20.15 -4.78
N GLN B 30 -2.73 18.89 -4.51
CA GLN B 30 -4.10 18.40 -4.73
C GLN B 30 -5.07 18.89 -3.65
N ILE B 31 -4.51 19.21 -2.49
CA ILE B 31 -5.31 19.68 -1.33
C ILE B 31 -5.21 21.20 -1.15
N SER B 32 -4.08 21.79 -1.56
CA SER B 32 -3.82 23.23 -1.43
C SER B 32 -4.26 23.99 -2.69
N SER B 33 -4.30 23.29 -3.84
CA SER B 33 -4.70 23.85 -5.15
C SER B 33 -3.89 25.11 -5.53
N GLY A 1 -10.26 -30.80 2.14
CA GLY A 1 -10.94 -29.64 2.78
C GLY A 1 -10.35 -29.31 4.14
N VAL A 2 -9.54 -28.24 4.17
CA VAL A 2 -8.88 -27.79 5.41
C VAL A 2 -9.77 -26.76 6.13
N ARG A 3 -9.80 -26.85 7.47
CA ARG A 3 -10.64 -25.99 8.30
C ARG A 3 -9.84 -24.77 8.75
N LYS A 4 -10.35 -23.56 8.46
CA LYS A 4 -9.63 -22.33 8.77
C LYS A 4 -10.48 -21.42 9.67
N GLY A 5 -9.89 -21.00 10.80
CA GLY A 5 -10.57 -20.13 11.75
C GLY A 5 -10.55 -18.66 11.36
N TRP A 6 -9.56 -18.26 10.55
CA TRP A 6 -9.40 -16.87 10.11
C TRP A 6 -10.35 -16.51 8.97
N HIS A 7 -10.72 -17.52 8.18
CA HIS A 7 -11.70 -17.36 7.09
C HIS A 7 -13.13 -17.18 7.64
N GLU A 8 -13.33 -17.46 8.93
CA GLU A 8 -14.64 -17.40 9.58
C GLU A 8 -14.98 -15.99 10.09
N HIS A 9 -13.95 -15.23 10.51
CA HIS A 9 -14.16 -13.88 11.05
C HIS A 9 -13.82 -12.77 10.04
N VAL A 10 -13.01 -13.08 9.02
CA VAL A 10 -12.62 -12.06 8.03
C VAL A 10 -13.74 -11.87 7.00
N THR A 11 -14.09 -10.59 6.81
CA THR A 11 -15.17 -10.19 5.88
C THR A 11 -14.60 -9.45 4.67
N GLN A 12 -15.50 -8.97 3.81
CA GLN A 12 -15.15 -8.02 2.75
C GLN A 12 -14.95 -6.62 3.35
N ASP A 13 -15.45 -6.42 4.58
CA ASP A 13 -15.32 -5.15 5.30
C ASP A 13 -13.92 -4.98 5.91
N LEU A 14 -13.29 -6.10 6.34
CA LEU A 14 -11.90 -6.07 6.83
C LEU A 14 -10.91 -5.63 5.74
N ARG A 15 -11.03 -6.23 4.54
CA ARG A 15 -10.09 -5.97 3.44
C ARG A 15 -10.07 -4.48 3.00
N SER A 16 -11.16 -3.77 3.32
CA SER A 16 -11.29 -2.33 3.01
C SER A 16 -10.60 -1.48 4.09
N HIS A 17 -10.59 -1.98 5.34
CA HIS A 17 -9.91 -1.32 6.45
C HIS A 17 -8.41 -1.66 6.44
N LEU A 18 -8.07 -2.75 5.75
CA LEU A 18 -6.68 -3.17 5.51
C LEU A 18 -6.04 -2.30 4.42
N VAL A 19 -6.89 -1.93 3.43
CA VAL A 19 -6.53 -0.97 2.39
C VAL A 19 -6.51 0.48 2.95
N HIS A 20 -7.43 0.77 3.88
CA HIS A 20 -7.48 2.08 4.56
C HIS A 20 -6.33 2.22 5.58
N LYS A 21 -5.73 1.06 5.92
CA LYS A 21 -4.55 1.00 6.81
C LYS A 21 -3.29 1.22 5.98
N LEU A 22 -3.43 0.82 4.72
CA LEU A 22 -2.36 0.79 3.73
C LEU A 22 -2.22 2.13 2.99
N VAL A 23 -3.37 2.75 2.65
CA VAL A 23 -3.41 4.07 1.98
C VAL A 23 -3.03 5.21 2.96
N GLN A 24 -3.23 4.99 4.26
CA GLN A 24 -2.92 6.00 5.29
C GLN A 24 -1.43 6.00 5.65
N ALA A 25 -0.79 4.83 5.50
CA ALA A 25 0.64 4.66 5.72
C ALA A 25 1.46 5.25 4.56
N ILE A 26 0.88 5.21 3.36
CA ILE A 26 1.52 5.77 2.16
C ILE A 26 1.28 7.29 2.10
N PHE A 27 -0.01 7.69 2.12
CA PHE A 27 -0.39 9.09 2.23
C PHE A 27 -1.63 9.26 3.14
N PRO A 28 -1.50 9.85 4.37
CA PRO A 28 -2.65 10.17 5.23
C PRO A 28 -3.54 11.26 4.63
N THR A 29 -4.86 11.04 4.69
CA THR A 29 -5.82 11.97 4.10
C THR A 29 -6.59 12.78 5.15
N PRO A 30 -6.37 14.13 5.18
CA PRO A 30 -7.22 15.08 5.95
C PRO A 30 -8.68 15.06 5.50
N ASP A 31 -8.87 15.24 4.20
CA ASP A 31 -10.20 15.26 3.57
C ASP A 31 -10.44 14.00 2.73
N PRO A 32 -11.54 13.21 3.03
CA PRO A 32 -11.94 12.03 2.21
C PRO A 32 -12.29 12.36 0.75
N ALA A 33 -12.41 13.66 0.43
CA ALA A 33 -12.78 14.14 -0.91
C ALA A 33 -11.60 14.07 -1.91
N ALA A 34 -10.40 13.77 -1.38
CA ALA A 34 -9.18 13.67 -2.21
C ALA A 34 -9.08 12.30 -2.90
N LEU A 35 -9.98 11.39 -2.53
CA LEU A 35 -9.97 10.00 -3.03
C LEU A 35 -10.65 9.87 -4.40
N LYS A 36 -11.10 11.00 -4.96
CA LYS A 36 -11.81 11.03 -6.25
C LYS A 36 -10.84 11.47 -7.38
N ASP A 37 -9.55 11.47 -7.07
CA ASP A 37 -8.50 11.91 -8.00
C ASP A 37 -8.03 10.74 -8.87
N ARG A 38 -7.60 11.07 -10.10
CA ARG A 38 -7.20 10.07 -11.11
C ARG A 38 -5.79 9.57 -10.85
N ARG A 39 -4.94 10.49 -10.39
CA ARG A 39 -3.53 10.21 -10.04
C ARG A 39 -3.41 9.32 -8.79
N MET A 40 -4.41 9.42 -7.90
CA MET A 40 -4.43 8.65 -6.65
C MET A 40 -5.06 7.27 -6.86
N GLU A 41 -6.07 7.20 -7.74
CA GLU A 41 -6.79 5.94 -8.04
C GLU A 41 -5.83 4.82 -8.53
N ASN A 42 -4.64 5.19 -9.02
CA ASN A 42 -3.62 4.23 -9.44
C ASN A 42 -2.88 3.63 -8.24
N LEU A 43 -2.80 4.40 -7.14
CA LEU A 43 -2.22 3.94 -5.88
C LEU A 43 -3.28 3.21 -5.03
N VAL A 44 -4.55 3.65 -5.16
CA VAL A 44 -5.71 2.93 -4.58
C VAL A 44 -5.81 1.52 -5.18
N ALA A 45 -5.44 1.40 -6.46
CA ALA A 45 -5.51 0.15 -7.21
C ALA A 45 -4.28 -0.73 -6.97
N TYR A 46 -3.19 -0.12 -6.47
CA TYR A 46 -2.00 -0.87 -6.03
C TYR A 46 -2.29 -1.55 -4.68
N ALA A 47 -2.99 -0.83 -3.79
CA ALA A 47 -3.27 -1.31 -2.43
C ALA A 47 -4.45 -2.28 -2.43
N LYS A 48 -5.40 -2.06 -3.35
CA LYS A 48 -6.58 -2.93 -3.51
C LYS A 48 -6.17 -4.31 -4.05
N LYS A 49 -4.98 -4.35 -4.68
CA LYS A 49 -4.44 -5.55 -5.31
C LYS A 49 -3.66 -6.43 -4.32
N VAL A 50 -2.89 -5.82 -3.42
CA VAL A 50 -1.88 -6.56 -2.62
C VAL A 50 -2.49 -7.53 -1.61
N GLU A 51 -3.43 -7.06 -0.75
CA GLU A 51 -4.04 -7.88 0.32
C GLU A 51 -4.72 -9.17 -0.20
N GLY A 52 -5.06 -9.19 -1.49
CA GLY A 52 -5.61 -10.39 -2.13
C GLY A 52 -4.58 -11.50 -2.32
N ASP A 53 -3.30 -11.10 -2.37
CA ASP A 53 -2.16 -12.04 -2.45
C ASP A 53 -1.72 -12.50 -1.05
N MET A 54 -2.09 -11.71 -0.02
CA MET A 54 -1.79 -12.04 1.38
C MET A 54 -2.64 -13.22 1.88
N TYR A 55 -3.83 -13.37 1.30
CA TYR A 55 -4.74 -14.48 1.63
C TYR A 55 -4.28 -15.77 0.94
N GLU A 56 -3.54 -15.59 -0.17
CA GLU A 56 -3.00 -16.67 -0.97
C GLU A 56 -1.59 -17.09 -0.47
N SER A 57 -0.87 -16.15 0.19
CA SER A 57 0.49 -16.41 0.66
C SER A 57 0.53 -16.83 2.13
N ALA A 58 -0.20 -16.10 2.99
CA ALA A 58 -0.23 -16.37 4.43
C ALA A 58 -1.27 -17.44 4.79
N ASN A 59 -1.02 -18.15 5.90
CA ASN A 59 -1.91 -19.22 6.38
C ASN A 59 -2.56 -18.87 7.74
N SER A 60 -2.05 -17.82 8.39
CA SER A 60 -2.55 -17.40 9.71
C SER A 60 -2.81 -15.88 9.73
N ARG A 61 -3.65 -15.44 10.68
CA ARG A 61 -4.11 -14.04 10.75
C ARG A 61 -2.99 -13.10 11.24
N ASP A 62 -2.02 -13.63 11.99
CA ASP A 62 -0.88 -12.86 12.48
C ASP A 62 0.19 -12.69 11.40
N GLU A 63 0.23 -13.64 10.45
CA GLU A 63 1.14 -13.56 9.30
C GLU A 63 0.49 -12.74 8.17
N TYR A 64 -0.79 -13.01 7.90
CA TYR A 64 -1.58 -12.30 6.88
C TYR A 64 -1.57 -10.77 7.09
N TYR A 65 -1.87 -10.34 8.33
CA TYR A 65 -1.82 -8.93 8.71
C TYR A 65 -0.37 -8.39 8.75
N HIS A 66 0.62 -9.30 8.75
CA HIS A 66 2.03 -8.92 8.82
C HIS A 66 2.60 -8.52 7.47
N LEU A 67 2.23 -9.23 6.38
CA LEU A 67 2.70 -8.90 5.02
C LEU A 67 2.30 -7.48 4.58
N LEU A 68 1.19 -6.96 5.14
CA LEU A 68 0.70 -5.61 4.84
C LEU A 68 1.37 -4.57 5.73
N ALA A 69 1.70 -4.98 6.98
CA ALA A 69 2.45 -4.13 7.91
C ALA A 69 3.93 -4.01 7.50
N GLU A 70 4.43 -5.03 6.77
CA GLU A 70 5.81 -5.03 6.26
C GLU A 70 6.00 -4.05 5.10
N LYS A 71 5.00 -3.96 4.20
CA LYS A 71 5.03 -2.95 3.12
C LYS A 71 4.87 -1.56 3.72
N ILE A 72 4.20 -1.50 4.89
CA ILE A 72 3.90 -0.25 5.59
C ILE A 72 5.18 0.34 6.21
N TYR A 73 6.11 -0.53 6.59
CA TYR A 73 7.37 -0.12 7.20
C TYR A 73 8.41 0.26 6.13
N LYS A 74 8.35 -0.44 4.98
CA LYS A 74 9.31 -0.23 3.87
C LYS A 74 9.00 1.04 3.08
N ILE A 75 7.71 1.39 2.98
CA ILE A 75 7.27 2.62 2.31
C ILE A 75 7.50 3.84 3.23
N GLN A 76 7.56 3.57 4.54
CA GLN A 76 7.90 4.59 5.53
C GLN A 76 9.42 4.87 5.56
N LYS A 77 10.22 3.93 5.02
CA LYS A 77 11.69 4.10 4.93
C LYS A 77 12.08 5.06 3.80
N GLU A 78 11.37 4.96 2.66
CA GLU A 78 11.65 5.75 1.46
C GLU A 78 11.32 7.24 1.64
N LEU A 79 10.14 7.53 2.20
CA LEU A 79 9.72 8.91 2.53
C LEU A 79 10.66 9.59 3.55
N GLU A 80 11.45 8.79 4.28
CA GLU A 80 12.38 9.30 5.32
C GLU A 80 13.53 10.14 4.74
N GLU A 81 13.77 10.04 3.42
CA GLU A 81 14.79 10.87 2.75
C GLU A 81 14.29 12.32 2.54
N LYS A 82 12.96 12.49 2.57
CA LYS A 82 12.33 13.82 2.48
C LYS A 82 12.25 14.48 3.85
N ARG A 83 12.40 13.67 4.92
CA ARG A 83 12.29 14.14 6.30
C ARG A 83 13.60 14.82 6.77
N ARG A 84 14.73 14.35 6.24
CA ARG A 84 16.05 14.89 6.58
C ARG A 84 16.45 16.03 5.63
N SER A 85 15.74 16.15 4.50
CA SER A 85 16.04 17.16 3.47
C SER A 85 15.38 18.52 3.78
N ARG A 86 14.53 18.55 4.82
CA ARG A 86 13.83 19.76 5.25
C ARG A 86 14.70 20.63 6.16
N LEU A 87 15.85 20.10 6.55
CA LEU A 87 16.73 20.74 7.53
C LEU A 87 17.99 21.31 6.87
N GLY B 1 22.15 2.92 -10.87
CA GLY B 1 23.25 2.35 -11.69
C GLY B 1 22.96 0.93 -12.15
N SER B 2 23.66 -0.05 -11.54
CA SER B 2 23.50 -1.49 -11.86
C SER B 2 23.91 -1.80 -13.32
N PRO B 3 24.91 -2.72 -13.55
CA PRO B 3 25.37 -3.07 -14.92
C PRO B 3 24.38 -3.97 -15.69
N GLY B 4 23.54 -4.69 -14.94
CA GLY B 4 22.55 -5.58 -15.55
C GLY B 4 21.23 -5.57 -14.82
N TYR B 5 20.14 -5.55 -15.59
CA TYR B 5 18.78 -5.52 -15.02
C TYR B 5 18.04 -6.85 -15.26
N PRO B 6 17.78 -7.67 -14.19
CA PRO B 6 17.00 -8.93 -14.30
C PRO B 6 15.55 -8.70 -14.74
N ASN B 7 14.95 -9.72 -15.36
CA ASN B 7 13.56 -9.63 -15.86
C ASN B 7 12.56 -10.10 -14.79
N GLY B 8 11.58 -9.24 -14.51
CA GLY B 8 10.57 -9.54 -13.50
C GLY B 8 10.65 -8.61 -12.30
N LEU B 9 11.85 -8.06 -12.05
CA LEU B 9 12.08 -7.15 -10.93
C LEU B 9 12.10 -5.69 -11.41
N LEU B 10 12.62 -4.77 -10.55
CA LEU B 10 12.68 -3.32 -10.81
C LEU B 10 11.28 -2.70 -11.05
N SER B 11 10.22 -3.50 -10.82
CA SER B 11 8.83 -3.06 -10.99
C SER B 11 7.95 -3.57 -9.84
N GLY B 12 8.56 -4.28 -8.87
CA GLY B 12 7.83 -4.86 -7.75
C GLY B 12 7.73 -3.93 -6.56
N ASP B 13 8.90 -3.53 -6.01
CA ASP B 13 8.95 -2.65 -4.84
C ASP B 13 9.88 -1.46 -5.09
N GLU B 14 10.41 -1.39 -6.31
CA GLU B 14 11.32 -0.33 -6.73
C GLU B 14 10.60 0.82 -7.42
N ASP B 15 9.29 0.63 -7.60
CA ASP B 15 8.44 1.61 -8.27
C ASP B 15 7.89 2.67 -7.29
N PHE B 16 8.09 2.43 -5.99
CA PHE B 16 7.60 3.34 -4.93
C PHE B 16 8.59 4.47 -4.67
N SER B 17 9.79 4.30 -5.21
CA SER B 17 10.86 5.29 -5.10
C SER B 17 10.63 6.47 -6.06
N SER B 18 10.15 6.14 -7.27
CA SER B 18 9.83 7.14 -8.28
C SER B 18 8.36 7.60 -8.19
N ILE B 19 7.43 6.63 -8.28
CA ILE B 19 5.98 6.91 -8.37
C ILE B 19 5.38 7.37 -7.03
N ALA B 20 5.82 6.79 -5.90
CA ALA B 20 5.28 7.17 -4.60
C ALA B 20 5.89 8.47 -4.06
N ASP B 21 6.96 8.89 -4.72
CA ASP B 21 7.59 10.19 -4.47
C ASP B 21 7.21 11.18 -5.59
N MET B 22 6.51 10.65 -6.61
CA MET B 22 5.98 11.44 -7.72
C MET B 22 4.50 11.77 -7.47
N ASP B 23 3.83 10.85 -6.76
CA ASP B 23 2.40 10.97 -6.44
C ASP B 23 2.18 11.72 -5.11
N PHE B 24 3.22 11.78 -4.26
CA PHE B 24 3.13 12.49 -2.96
C PHE B 24 3.06 14.02 -3.16
N SER B 25 3.63 14.49 -4.28
CA SER B 25 3.60 15.91 -4.65
C SER B 25 2.26 16.28 -5.33
N ALA B 26 1.61 15.27 -5.95
CA ALA B 26 0.32 15.45 -6.60
C ALA B 26 -0.83 15.40 -5.58
N LEU B 27 -0.60 14.67 -4.48
CA LEU B 27 -1.52 14.61 -3.35
C LEU B 27 -1.29 15.79 -2.39
N LEU B 28 -0.10 16.41 -2.51
CA LEU B 28 0.26 17.59 -1.72
C LEU B 28 -0.39 18.86 -2.30
N SER B 29 -0.61 18.84 -3.61
CA SER B 29 -1.31 19.93 -4.33
C SER B 29 -2.83 19.89 -4.09
N GLN B 30 -3.32 18.75 -3.59
CA GLN B 30 -4.76 18.54 -3.33
C GLN B 30 -5.24 19.32 -2.10
N ILE B 31 -4.30 19.85 -1.32
CA ILE B 31 -4.60 20.57 -0.09
C ILE B 31 -4.47 22.10 -0.31
N SER B 32 -3.56 22.50 -1.20
CA SER B 32 -3.32 23.91 -1.49
C SER B 32 -4.14 24.39 -2.70
N SER B 33 -4.25 23.53 -3.72
CA SER B 33 -5.01 23.85 -4.93
C SER B 33 -6.20 22.89 -5.09
N GLY A 1 -10.20 -27.62 -0.31
CA GLY A 1 -10.33 -26.43 0.58
C GLY A 1 -10.55 -26.81 2.03
N VAL A 2 -9.55 -26.53 2.87
CA VAL A 2 -9.61 -26.84 4.30
C VAL A 2 -10.21 -25.64 5.07
N ARG A 3 -11.00 -25.95 6.12
CA ARG A 3 -11.72 -24.94 6.88
C ARG A 3 -10.91 -24.44 8.08
N LYS A 4 -10.70 -23.13 8.14
CA LYS A 4 -9.95 -22.48 9.21
C LYS A 4 -10.73 -21.28 9.78
N GLY A 5 -10.27 -20.77 10.93
CA GLY A 5 -11.00 -19.74 11.68
C GLY A 5 -10.86 -18.33 11.15
N TRP A 6 -9.82 -18.08 10.32
CA TRP A 6 -9.54 -16.72 9.78
C TRP A 6 -10.61 -16.27 8.78
N HIS A 7 -11.14 -17.22 7.99
CA HIS A 7 -12.20 -16.93 7.01
C HIS A 7 -13.56 -16.67 7.70
N GLU A 8 -13.64 -17.03 8.99
CA GLU A 8 -14.88 -16.86 9.77
C GLU A 8 -15.03 -15.43 10.31
N HIS A 9 -13.90 -14.72 10.48
CA HIS A 9 -13.93 -13.34 10.98
C HIS A 9 -13.52 -12.31 9.92
N VAL A 10 -12.73 -12.72 8.91
CA VAL A 10 -12.34 -11.79 7.83
C VAL A 10 -13.48 -11.68 6.81
N THR A 11 -13.93 -10.45 6.58
CA THR A 11 -15.05 -10.17 5.68
C THR A 11 -14.58 -9.38 4.44
N GLN A 12 -15.56 -8.99 3.62
CA GLN A 12 -15.35 -8.04 2.53
C GLN A 12 -15.12 -6.63 3.10
N ASP A 13 -15.51 -6.45 4.38
CA ASP A 13 -15.36 -5.16 5.08
C ASP A 13 -13.95 -4.96 5.64
N LEU A 14 -13.33 -6.05 6.16
CA LEU A 14 -11.93 -5.98 6.64
C LEU A 14 -10.95 -5.68 5.51
N ARG A 15 -11.15 -6.30 4.33
CA ARG A 15 -10.25 -6.13 3.19
C ARG A 15 -10.23 -4.68 2.67
N SER A 16 -11.31 -3.92 2.95
CA SER A 16 -11.45 -2.53 2.53
C SER A 16 -10.76 -1.56 3.51
N HIS A 17 -10.78 -1.91 4.81
CA HIS A 17 -10.19 -1.07 5.87
C HIS A 17 -8.67 -1.20 5.91
N LEU A 18 -8.17 -2.39 5.57
CA LEU A 18 -6.74 -2.65 5.41
C LEU A 18 -6.15 -1.95 4.17
N VAL A 19 -7.02 -1.69 3.20
CA VAL A 19 -6.69 -0.91 2.00
C VAL A 19 -6.78 0.59 2.30
N HIS A 20 -7.64 0.94 3.28
CA HIS A 20 -7.71 2.31 3.82
C HIS A 20 -6.60 2.50 4.86
N LYS A 21 -6.04 1.39 5.34
CA LYS A 21 -4.90 1.37 6.26
C LYS A 21 -3.60 1.51 5.46
N LEU A 22 -3.71 1.20 4.17
CA LEU A 22 -2.61 1.22 3.22
C LEU A 22 -2.38 2.63 2.68
N VAL A 23 -3.48 3.28 2.26
CA VAL A 23 -3.44 4.60 1.63
C VAL A 23 -2.98 5.70 2.62
N GLN A 24 -3.14 5.44 3.92
CA GLN A 24 -2.77 6.41 4.97
C GLN A 24 -1.28 6.35 5.26
N ALA A 25 -0.75 5.12 5.25
CA ALA A 25 0.69 4.89 5.44
C ALA A 25 1.52 5.32 4.22
N ILE A 26 0.91 5.25 3.03
CA ILE A 26 1.57 5.64 1.79
C ILE A 26 1.45 7.18 1.60
N PHE A 27 0.25 7.73 1.85
CA PHE A 27 0.04 9.17 1.90
C PHE A 27 -0.99 9.53 3.01
N PRO A 28 -0.58 10.27 4.08
CA PRO A 28 -1.53 10.74 5.11
C PRO A 28 -2.40 11.89 4.61
N THR A 29 -3.68 11.86 4.99
CA THR A 29 -4.65 12.84 4.51
C THR A 29 -5.16 13.77 5.61
N PRO A 30 -4.84 15.10 5.50
CA PRO A 30 -5.48 16.16 6.32
C PRO A 30 -6.98 16.28 6.03
N ASP A 31 -7.30 16.41 4.75
CA ASP A 31 -8.68 16.54 4.27
C ASP A 31 -9.17 15.24 3.60
N PRO A 32 -10.33 14.67 4.06
CA PRO A 32 -10.95 13.48 3.42
C PRO A 32 -11.37 13.69 1.96
N ALA A 33 -11.32 14.95 1.49
CA ALA A 33 -11.71 15.33 0.12
C ALA A 33 -10.62 14.95 -0.90
N ALA A 34 -9.45 14.53 -0.41
CA ALA A 34 -8.33 14.13 -1.27
C ALA A 34 -8.46 12.67 -1.74
N LEU A 35 -9.37 11.91 -1.10
CA LEU A 35 -9.54 10.50 -1.39
C LEU A 35 -10.44 10.26 -2.62
N LYS A 36 -10.92 11.35 -3.23
CA LYS A 36 -11.79 11.28 -4.42
C LYS A 36 -11.02 11.69 -5.69
N ASP A 37 -9.69 11.73 -5.58
CA ASP A 37 -8.81 12.15 -6.67
C ASP A 37 -8.47 10.97 -7.59
N ARG A 38 -8.06 11.30 -8.84
CA ARG A 38 -7.73 10.30 -9.87
C ARG A 38 -6.34 9.72 -9.65
N ARG A 39 -5.43 10.62 -9.25
CA ARG A 39 -4.03 10.26 -8.97
C ARG A 39 -3.89 9.37 -7.71
N MET A 40 -4.93 9.40 -6.86
CA MET A 40 -4.99 8.58 -5.64
C MET A 40 -5.44 7.16 -5.97
N GLU A 41 -6.38 7.05 -6.93
CA GLU A 41 -6.95 5.76 -7.38
C GLU A 41 -5.89 4.80 -7.96
N ASN A 42 -4.74 5.36 -8.41
CA ASN A 42 -3.68 4.56 -9.04
C ASN A 42 -2.95 3.65 -8.04
N LEU A 43 -2.62 4.18 -6.85
CA LEU A 43 -1.93 3.38 -5.82
C LEU A 43 -2.94 2.59 -4.97
N VAL A 44 -4.20 3.06 -4.94
CA VAL A 44 -5.33 2.27 -4.41
C VAL A 44 -5.38 0.91 -5.14
N ALA A 45 -4.99 0.96 -6.42
CA ALA A 45 -4.91 -0.23 -7.26
C ALA A 45 -3.64 -1.05 -6.94
N TYR A 46 -2.67 -0.41 -6.29
CA TYR A 46 -1.51 -1.12 -5.71
C TYR A 46 -1.93 -1.84 -4.41
N ALA A 47 -2.76 -1.17 -3.59
CA ALA A 47 -3.16 -1.69 -2.28
C ALA A 47 -4.29 -2.74 -2.42
N LYS A 48 -5.11 -2.60 -3.48
CA LYS A 48 -6.19 -3.55 -3.77
C LYS A 48 -5.64 -4.94 -4.11
N LYS A 49 -4.39 -4.96 -4.60
CA LYS A 49 -3.72 -6.17 -5.06
C LYS A 49 -3.03 -6.92 -3.90
N VAL A 50 -2.49 -6.17 -2.92
CA VAL A 50 -1.63 -6.76 -1.89
C VAL A 50 -2.44 -7.52 -0.81
N GLU A 51 -3.62 -6.98 -0.42
CA GLU A 51 -4.51 -7.66 0.55
C GLU A 51 -5.03 -9.00 0.03
N GLY A 52 -5.32 -9.06 -1.28
CA GLY A 52 -5.84 -10.28 -1.90
C GLY A 52 -4.76 -11.30 -2.24
N ASP A 53 -3.51 -10.84 -2.32
CA ASP A 53 -2.36 -11.71 -2.60
C ASP A 53 -1.84 -12.37 -1.32
N MET A 54 -2.20 -11.81 -0.16
CA MET A 54 -1.74 -12.31 1.15
C MET A 54 -2.44 -13.62 1.54
N TYR A 55 -3.66 -13.82 1.02
CA TYR A 55 -4.49 -14.98 1.37
C TYR A 55 -3.95 -16.28 0.75
N GLU A 56 -3.24 -16.14 -0.38
CA GLU A 56 -2.62 -17.28 -1.07
C GLU A 56 -1.21 -17.58 -0.54
N SER A 57 -0.55 -16.55 0.01
CA SER A 57 0.84 -16.66 0.49
C SER A 57 0.90 -16.97 1.99
N ALA A 58 -0.06 -16.43 2.76
CA ALA A 58 -0.11 -16.63 4.21
C ALA A 58 -1.04 -17.78 4.60
N ASN A 59 -0.65 -18.52 5.64
CA ASN A 59 -1.45 -19.64 6.16
C ASN A 59 -2.14 -19.29 7.48
N SER A 60 -1.66 -18.22 8.12
CA SER A 60 -2.19 -17.77 9.41
C SER A 60 -2.45 -16.26 9.39
N ARG A 61 -3.28 -15.79 10.35
CA ARG A 61 -3.70 -14.38 10.42
C ARG A 61 -2.57 -13.47 10.94
N ASP A 62 -1.56 -14.08 11.60
CA ASP A 62 -0.41 -13.33 12.13
C ASP A 62 0.63 -13.04 11.04
N GLU A 63 0.67 -13.91 10.01
CA GLU A 63 1.54 -13.71 8.85
C GLU A 63 0.84 -12.80 7.82
N TYR A 64 -0.45 -13.09 7.56
CA TYR A 64 -1.30 -12.28 6.66
C TYR A 64 -1.24 -10.77 7.03
N TYR A 65 -1.51 -10.47 8.30
CA TYR A 65 -1.49 -9.11 8.82
C TYR A 65 -0.06 -8.53 8.94
N HIS A 66 0.96 -9.42 8.90
CA HIS A 66 2.37 -8.99 8.98
C HIS A 66 2.90 -8.59 7.60
N LEU A 67 2.45 -9.31 6.57
CA LEU A 67 2.79 -9.02 5.16
C LEU A 67 2.32 -7.64 4.72
N LEU A 68 1.12 -7.24 5.18
CA LEU A 68 0.54 -5.92 4.89
C LEU A 68 1.16 -4.81 5.75
N ALA A 69 1.60 -5.16 6.96
CA ALA A 69 2.20 -4.19 7.89
C ALA A 69 3.68 -3.93 7.58
N GLU A 70 4.34 -4.91 6.95
CA GLU A 70 5.77 -4.79 6.59
C GLU A 70 5.98 -3.87 5.38
N LYS A 71 5.02 -3.86 4.44
CA LYS A 71 5.01 -2.88 3.33
C LYS A 71 4.73 -1.48 3.89
N ILE A 72 3.98 -1.45 5.01
CA ILE A 72 3.55 -0.19 5.64
C ILE A 72 4.75 0.50 6.33
N TYR A 73 5.63 -0.29 6.94
CA TYR A 73 6.85 0.23 7.57
C TYR A 73 7.95 0.44 6.51
N LYS A 74 7.89 -0.36 5.45
CA LYS A 74 8.86 -0.35 4.36
C LYS A 74 8.64 0.84 3.39
N ILE A 75 7.38 1.25 3.19
CA ILE A 75 7.07 2.41 2.33
C ILE A 75 7.34 3.72 3.10
N GLN A 76 7.19 3.67 4.43
CA GLN A 76 7.53 4.79 5.32
C GLN A 76 9.03 5.13 5.29
N LYS A 77 9.86 4.18 4.81
CA LYS A 77 11.32 4.36 4.73
C LYS A 77 11.73 5.27 3.57
N GLU A 78 11.10 5.05 2.40
CA GLU A 78 11.43 5.77 1.16
C GLU A 78 11.11 7.27 1.26
N LEU A 79 10.04 7.61 1.98
CA LEU A 79 9.67 9.00 2.28
C LEU A 79 10.74 9.72 3.12
N GLU A 80 11.54 8.95 3.86
CA GLU A 80 12.67 9.49 4.64
C GLU A 80 13.94 9.61 3.79
N GLU A 81 13.96 8.90 2.64
CA GLU A 81 15.09 8.98 1.69
C GLU A 81 15.04 10.28 0.87
N LYS A 82 13.82 10.82 0.70
CA LYS A 82 13.62 12.11 0.01
C LYS A 82 13.76 13.30 0.97
N ARG A 83 13.63 13.01 2.28
CA ARG A 83 13.68 14.03 3.33
C ARG A 83 15.14 14.30 3.79
N ARG A 84 15.98 13.27 3.72
CA ARG A 84 17.39 13.38 4.14
C ARG A 84 18.29 13.89 3.01
N SER A 85 17.83 13.71 1.75
CA SER A 85 18.56 14.18 0.57
C SER A 85 17.99 15.51 0.07
N ARG A 86 16.66 15.71 0.30
CA ARG A 86 15.92 16.95 -0.07
C ARG A 86 15.79 17.12 -1.60
N LEU A 87 16.36 16.18 -2.36
CA LEU A 87 16.28 16.21 -3.83
C LEU A 87 15.53 14.98 -4.34
N GLY B 1 31.12 -5.35 -3.16
CA GLY B 1 31.02 -4.25 -4.15
C GLY B 1 30.04 -4.56 -5.27
N SER B 2 28.90 -3.86 -5.26
CA SER B 2 27.86 -4.05 -6.28
C SER B 2 27.77 -2.82 -7.21
N PRO B 3 27.81 -3.01 -8.56
CA PRO B 3 27.76 -1.87 -9.52
C PRO B 3 26.37 -1.22 -9.64
N GLY B 4 25.32 -1.96 -9.22
CA GLY B 4 23.96 -1.44 -9.26
C GLY B 4 22.98 -2.43 -9.82
N TYR B 5 22.15 -3.01 -8.95
CA TYR B 5 21.13 -3.98 -9.35
C TYR B 5 19.71 -3.36 -9.18
N PRO B 6 19.10 -2.80 -10.27
CA PRO B 6 17.75 -2.19 -10.19
C PRO B 6 16.61 -3.22 -10.30
N ASN B 7 15.58 -3.06 -9.43
CA ASN B 7 14.38 -3.92 -9.41
C ASN B 7 14.70 -5.39 -9.09
N GLY B 8 13.99 -5.93 -8.10
CA GLY B 8 14.18 -7.31 -7.71
C GLY B 8 14.58 -7.46 -6.25
N LEU B 9 13.60 -7.77 -5.39
CA LEU B 9 13.84 -7.99 -3.97
C LEU B 9 13.86 -9.49 -3.66
N LEU B 10 12.67 -10.02 -3.46
CA LEU B 10 12.46 -11.47 -3.31
C LEU B 10 11.73 -11.99 -4.55
N SER B 11 10.84 -11.14 -5.05
CA SER B 11 10.13 -11.36 -6.30
C SER B 11 10.13 -10.06 -7.13
N GLY B 12 10.38 -8.93 -6.44
CA GLY B 12 10.47 -7.63 -7.07
C GLY B 12 9.30 -6.74 -6.69
N ASP B 13 9.50 -5.92 -5.65
CA ASP B 13 8.46 -5.02 -5.15
C ASP B 13 9.07 -3.63 -4.85
N GLU B 14 10.07 -3.26 -5.66
CA GLU B 14 10.80 -2.01 -5.50
C GLU B 14 10.45 -0.99 -6.60
N ASP B 15 9.63 -1.43 -7.54
CA ASP B 15 9.29 -0.66 -8.74
C ASP B 15 8.27 0.47 -8.46
N PHE B 16 7.46 0.32 -7.39
CA PHE B 16 6.43 1.31 -7.08
C PHE B 16 6.98 2.44 -6.19
N SER B 17 8.20 2.22 -5.65
CA SER B 17 8.87 3.18 -4.76
C SER B 17 9.25 4.48 -5.51
N SER B 18 9.38 4.38 -6.83
CA SER B 18 9.63 5.54 -7.69
C SER B 18 8.32 6.21 -8.11
N ILE B 19 7.20 5.46 -7.98
CA ILE B 19 5.87 5.97 -8.30
C ILE B 19 5.24 6.69 -7.09
N ALA B 20 5.57 6.22 -5.88
CA ALA B 20 5.00 6.77 -4.65
C ALA B 20 5.71 8.05 -4.19
N ASP B 21 6.85 8.32 -4.81
CA ASP B 21 7.61 9.56 -4.58
C ASP B 21 7.28 10.59 -5.68
N MET B 22 6.67 10.09 -6.77
CA MET B 22 6.16 10.93 -7.85
C MET B 22 4.69 11.29 -7.59
N ASP B 23 4.00 10.41 -6.85
CA ASP B 23 2.58 10.56 -6.54
C ASP B 23 2.38 11.38 -5.25
N PHE B 24 3.43 11.46 -4.40
CA PHE B 24 3.35 12.19 -3.13
C PHE B 24 3.42 13.71 -3.34
N SER B 25 4.09 14.13 -4.42
CA SER B 25 4.24 15.55 -4.77
C SER B 25 3.01 16.10 -5.50
N ALA B 26 2.24 15.19 -6.13
CA ALA B 26 1.03 15.56 -6.88
C ALA B 26 -0.19 15.69 -5.98
N LEU B 27 -0.15 15.03 -4.81
CA LEU B 27 -1.24 15.06 -3.83
C LEU B 27 -1.20 16.30 -2.93
N LEU B 28 -0.05 17.00 -2.92
CA LEU B 28 0.12 18.23 -2.11
C LEU B 28 -0.50 19.43 -2.82
N SER B 29 -0.45 19.40 -4.16
CA SER B 29 -1.04 20.45 -5.00
C SER B 29 -2.56 20.34 -5.09
N GLN B 30 -3.09 19.16 -4.70
CA GLN B 30 -4.54 18.90 -4.75
C GLN B 30 -5.27 19.47 -3.53
N ILE B 31 -4.52 19.62 -2.45
CA ILE B 31 -5.07 20.16 -1.18
C ILE B 31 -4.67 21.63 -0.95
N SER B 32 -3.61 22.08 -1.63
CA SER B 32 -3.12 23.45 -1.50
C SER B 32 -3.71 24.36 -2.59
N SER B 33 -3.93 23.80 -3.79
CA SER B 33 -4.50 24.55 -4.91
C SER B 33 -5.93 24.07 -5.20
N GLY A 1 -10.93 -27.11 -1.61
CA GLY A 1 -10.42 -26.02 -0.74
C GLY A 1 -10.88 -26.15 0.69
N VAL A 2 -9.92 -26.15 1.62
CA VAL A 2 -10.20 -26.27 3.06
C VAL A 2 -10.40 -24.88 3.68
N ARG A 3 -11.50 -24.71 4.42
CA ARG A 3 -11.82 -23.45 5.10
C ARG A 3 -11.27 -23.44 6.52
N LYS A 4 -10.51 -22.39 6.85
CA LYS A 4 -9.91 -22.24 8.17
C LYS A 4 -10.58 -21.11 8.96
N GLY A 5 -10.07 -20.81 10.17
CA GLY A 5 -10.67 -19.77 11.02
C GLY A 5 -10.58 -18.37 10.44
N TRP A 6 -9.45 -18.06 9.79
CA TRP A 6 -9.19 -16.73 9.20
C TRP A 6 -10.11 -16.42 8.01
N HIS A 7 -10.43 -17.45 7.22
CA HIS A 7 -11.28 -17.30 6.01
C HIS A 7 -12.73 -16.96 6.38
N GLU A 8 -13.21 -17.49 7.51
CA GLU A 8 -14.55 -17.22 8.02
C GLU A 8 -14.57 -15.96 8.90
N HIS A 9 -13.37 -15.48 9.26
CA HIS A 9 -13.20 -14.29 10.10
C HIS A 9 -12.93 -13.03 9.26
N VAL A 10 -12.35 -13.21 8.06
CA VAL A 10 -12.06 -12.08 7.17
C VAL A 10 -13.29 -11.81 6.28
N THR A 11 -13.73 -10.55 6.27
CA THR A 11 -14.92 -10.14 5.51
C THR A 11 -14.55 -9.26 4.32
N GLN A 12 -15.61 -8.87 3.58
CA GLN A 12 -15.52 -7.83 2.56
C GLN A 12 -15.30 -6.45 3.24
N ASP A 13 -15.64 -6.36 4.54
CA ASP A 13 -15.51 -5.14 5.32
C ASP A 13 -14.09 -4.96 5.87
N LEU A 14 -13.41 -6.09 6.19
CA LEU A 14 -12.00 -6.03 6.61
C LEU A 14 -11.07 -5.63 5.46
N ARG A 15 -11.28 -6.22 4.28
CA ARG A 15 -10.42 -5.97 3.12
C ARG A 15 -10.45 -4.50 2.66
N SER A 16 -11.53 -3.78 3.02
CA SER A 16 -11.71 -2.37 2.67
C SER A 16 -11.00 -1.44 3.68
N HIS A 17 -10.99 -1.86 4.96
CA HIS A 17 -10.39 -1.07 6.05
C HIS A 17 -8.87 -1.19 6.04
N LEU A 18 -8.38 -2.37 5.63
CA LEU A 18 -6.94 -2.62 5.43
C LEU A 18 -6.38 -1.87 4.22
N VAL A 19 -7.26 -1.57 3.26
CA VAL A 19 -6.93 -0.74 2.10
C VAL A 19 -7.05 0.76 2.48
N HIS A 20 -7.85 1.04 3.51
CA HIS A 20 -7.91 2.36 4.14
C HIS A 20 -6.77 2.50 5.18
N LYS A 21 -6.23 1.33 5.59
CA LYS A 21 -5.07 1.26 6.49
C LYS A 21 -3.79 1.45 5.68
N LEU A 22 -3.92 1.23 4.37
CA LEU A 22 -2.83 1.27 3.42
C LEU A 22 -2.58 2.70 2.93
N VAL A 23 -3.67 3.35 2.48
CA VAL A 23 -3.62 4.68 1.88
C VAL A 23 -3.20 5.76 2.92
N GLN A 24 -3.48 5.49 4.21
CA GLN A 24 -3.14 6.45 5.28
C GLN A 24 -1.67 6.34 5.70
N ALA A 25 -1.09 5.13 5.52
CA ALA A 25 0.33 4.90 5.79
C ALA A 25 1.20 5.38 4.63
N ILE A 26 0.66 5.28 3.40
CA ILE A 26 1.38 5.71 2.19
C ILE A 26 1.31 7.25 2.05
N PHE A 27 0.10 7.81 2.20
CA PHE A 27 -0.10 9.25 2.26
C PHE A 27 -1.22 9.59 3.26
N PRO A 28 -0.91 10.23 4.45
CA PRO A 28 -1.94 10.71 5.39
C PRO A 28 -2.82 11.81 4.77
N THR A 29 -4.13 11.73 5.02
CA THR A 29 -5.10 12.65 4.43
C THR A 29 -5.49 13.78 5.38
N PRO A 30 -5.13 15.05 5.04
CA PRO A 30 -5.69 16.26 5.69
C PRO A 30 -7.17 16.46 5.35
N ASP A 31 -7.46 16.41 4.05
CA ASP A 31 -8.81 16.60 3.52
C ASP A 31 -9.45 15.28 3.07
N PRO A 32 -10.70 15.00 3.55
CA PRO A 32 -11.48 13.80 3.13
C PRO A 32 -11.93 13.83 1.66
N ALA A 33 -11.88 15.01 1.03
CA ALA A 33 -12.30 15.16 -0.37
C ALA A 33 -11.16 14.85 -1.35
N ALA A 34 -9.92 14.74 -0.83
CA ALA A 34 -8.75 14.31 -1.62
C ALA A 34 -8.84 12.84 -2.04
N LEU A 35 -9.82 12.11 -1.49
CA LEU A 35 -9.98 10.68 -1.74
C LEU A 35 -10.74 10.40 -3.05
N LYS A 36 -11.22 11.46 -3.70
CA LYS A 36 -11.98 11.34 -4.95
C LYS A 36 -11.10 11.70 -6.16
N ASP A 37 -9.77 11.75 -5.91
CA ASP A 37 -8.80 12.13 -6.93
C ASP A 37 -8.36 10.90 -7.76
N ARG A 38 -7.95 11.17 -9.00
CA ARG A 38 -7.54 10.13 -9.96
C ARG A 38 -6.15 9.56 -9.62
N ARG A 39 -5.19 10.46 -9.37
CA ARG A 39 -3.80 10.08 -9.02
C ARG A 39 -3.73 9.35 -7.66
N MET A 40 -4.77 9.55 -6.82
CA MET A 40 -4.87 8.86 -5.52
C MET A 40 -5.33 7.40 -5.71
N GLU A 41 -6.30 7.21 -6.62
CA GLU A 41 -6.87 5.89 -6.92
C GLU A 41 -5.84 4.95 -7.59
N ASN A 42 -4.78 5.54 -8.15
CA ASN A 42 -3.71 4.78 -8.84
C ASN A 42 -2.93 3.89 -7.86
N LEU A 43 -2.62 4.40 -6.66
CA LEU A 43 -1.93 3.61 -5.64
C LEU A 43 -2.93 2.80 -4.80
N VAL A 44 -4.19 3.26 -4.76
CA VAL A 44 -5.30 2.47 -4.22
C VAL A 44 -5.35 1.11 -4.93
N ALA A 45 -5.10 1.16 -6.25
CA ALA A 45 -5.04 -0.01 -7.10
C ALA A 45 -3.79 -0.85 -6.82
N TYR A 46 -2.78 -0.23 -6.16
CA TYR A 46 -1.64 -0.95 -5.60
C TYR A 46 -2.04 -1.66 -4.29
N ALA A 47 -2.87 -0.98 -3.48
CA ALA A 47 -3.30 -1.50 -2.18
C ALA A 47 -4.40 -2.55 -2.30
N LYS A 48 -5.24 -2.43 -3.35
CA LYS A 48 -6.31 -3.41 -3.63
C LYS A 48 -5.71 -4.77 -4.03
N LYS A 49 -4.47 -4.72 -4.54
CA LYS A 49 -3.76 -5.89 -5.07
C LYS A 49 -3.04 -6.67 -3.96
N VAL A 50 -2.50 -5.96 -2.96
CA VAL A 50 -1.64 -6.58 -1.93
C VAL A 50 -2.43 -7.41 -0.90
N GLU A 51 -3.73 -7.13 -0.77
CA GLU A 51 -4.62 -7.90 0.13
C GLU A 51 -4.88 -9.32 -0.40
N GLY A 52 -4.88 -9.46 -1.74
CA GLY A 52 -5.21 -10.73 -2.39
C GLY A 52 -4.04 -11.68 -2.51
N ASP A 53 -2.83 -11.13 -2.71
CA ASP A 53 -1.60 -11.95 -2.79
C ASP A 53 -1.20 -12.47 -1.40
N MET A 54 -1.72 -11.83 -0.36
CA MET A 54 -1.51 -12.23 1.03
C MET A 54 -2.32 -13.48 1.40
N TYR A 55 -3.41 -13.72 0.65
CA TYR A 55 -4.34 -14.83 0.92
C TYR A 55 -3.76 -16.18 0.50
N GLU A 56 -2.89 -16.16 -0.52
CA GLU A 56 -2.22 -17.36 -1.02
C GLU A 56 -0.90 -17.63 -0.27
N SER A 57 -0.33 -16.58 0.34
CA SER A 57 0.96 -16.68 1.03
C SER A 57 0.80 -16.91 2.54
N ALA A 58 -0.21 -16.27 3.14
CA ALA A 58 -0.43 -16.37 4.59
C ALA A 58 -1.40 -17.51 4.94
N ASN A 59 -1.17 -18.13 6.11
CA ASN A 59 -1.99 -19.23 6.57
C ASN A 59 -2.70 -18.88 7.90
N SER A 60 -2.23 -17.81 8.57
CA SER A 60 -2.76 -17.42 9.88
C SER A 60 -3.07 -15.91 9.92
N ARG A 61 -3.55 -15.42 11.08
CA ARG A 61 -3.92 -14.01 11.25
C ARG A 61 -2.69 -13.10 11.48
N ASP A 62 -1.67 -13.65 12.15
CA ASP A 62 -0.48 -12.87 12.53
C ASP A 62 0.51 -12.71 11.36
N GLU A 63 0.43 -13.61 10.36
CA GLU A 63 1.29 -13.53 9.17
C GLU A 63 0.64 -12.64 8.11
N TYR A 64 -0.67 -12.83 7.89
CA TYR A 64 -1.46 -12.05 6.94
C TYR A 64 -1.37 -10.53 7.25
N TYR A 65 -1.66 -10.17 8.51
CA TYR A 65 -1.64 -8.78 8.96
C TYR A 65 -0.21 -8.20 9.06
N HIS A 66 0.79 -9.07 9.14
CA HIS A 66 2.20 -8.64 9.23
C HIS A 66 2.79 -8.38 7.84
N LEU A 67 2.35 -9.17 6.85
CA LEU A 67 2.72 -9.00 5.44
C LEU A 67 2.22 -7.66 4.87
N LEU A 68 0.98 -7.30 5.25
CA LEU A 68 0.40 -6.00 4.88
C LEU A 68 1.00 -4.83 5.69
N ALA A 69 1.51 -5.14 6.90
CA ALA A 69 2.10 -4.14 7.78
C ALA A 69 3.58 -3.85 7.44
N GLU A 70 4.26 -4.86 6.85
CA GLU A 70 5.68 -4.72 6.50
C GLU A 70 5.87 -3.84 5.25
N LYS A 71 4.90 -3.86 4.33
CA LYS A 71 4.90 -2.93 3.18
C LYS A 71 4.64 -1.51 3.69
N ILE A 72 3.90 -1.43 4.80
CA ILE A 72 3.53 -0.18 5.44
C ILE A 72 4.76 0.50 6.09
N TYR A 73 5.71 -0.32 6.55
CA TYR A 73 6.94 0.19 7.15
C TYR A 73 8.01 0.50 6.09
N LYS A 74 8.01 -0.30 4.99
CA LYS A 74 9.00 -0.15 3.90
C LYS A 74 8.74 1.10 3.06
N ILE A 75 7.45 1.41 2.84
CA ILE A 75 7.03 2.61 2.09
C ILE A 75 7.34 3.87 2.92
N GLN A 76 7.27 3.71 4.25
CA GLN A 76 7.66 4.76 5.20
C GLN A 76 9.18 4.99 5.21
N LYS A 77 9.94 4.00 4.73
CA LYS A 77 11.41 4.10 4.62
C LYS A 77 11.84 4.88 3.38
N GLU A 78 11.10 4.67 2.28
CA GLU A 78 11.40 5.28 0.97
C GLU A 78 11.23 6.80 0.99
N LEU A 79 10.12 7.26 1.59
CA LEU A 79 9.83 8.69 1.73
C LEU A 79 10.77 9.37 2.74
N GLU A 80 11.40 8.57 3.61
CA GLU A 80 12.37 9.06 4.61
C GLU A 80 13.69 9.48 3.92
N GLU A 81 13.90 9.01 2.68
CA GLU A 81 15.05 9.41 1.85
C GLU A 81 14.94 10.88 1.43
N LYS A 82 13.71 11.42 1.46
CA LYS A 82 13.44 12.84 1.22
C LYS A 82 13.66 13.66 2.49
N ARG A 83 13.68 12.96 3.64
CA ARG A 83 13.83 13.57 4.97
C ARG A 83 15.32 13.72 5.33
N ARG A 84 16.17 12.87 4.73
CA ARG A 84 17.62 12.86 5.04
C ARG A 84 18.42 13.79 4.12
N SER A 85 17.75 14.36 3.11
CA SER A 85 18.39 15.26 2.14
C SER A 85 18.52 16.70 2.66
N ARG A 86 17.91 16.97 3.82
CA ARG A 86 17.95 18.31 4.44
C ARG A 86 19.05 18.41 5.51
N LEU A 87 19.72 17.28 5.77
CA LEU A 87 20.80 17.21 6.76
C LEU A 87 22.16 17.08 6.07
N GLY B 1 11.32 -4.35 -30.67
CA GLY B 1 11.17 -2.88 -30.48
C GLY B 1 12.12 -2.32 -29.43
N SER B 2 13.41 -2.19 -29.81
CA SER B 2 14.49 -1.68 -28.94
C SER B 2 14.72 -2.58 -27.71
N PRO B 3 15.98 -3.11 -27.48
CA PRO B 3 16.28 -3.99 -26.34
C PRO B 3 16.34 -3.25 -24.99
N GLY B 4 15.87 -3.93 -23.93
CA GLY B 4 15.88 -3.33 -22.59
C GLY B 4 14.77 -3.90 -21.71
N TYR B 5 14.61 -3.27 -20.53
CA TYR B 5 13.59 -3.69 -19.57
C TYR B 5 12.52 -2.58 -19.38
N PRO B 6 11.33 -2.67 -20.08
CA PRO B 6 10.25 -1.68 -19.93
C PRO B 6 9.56 -1.74 -18.54
N ASN B 7 9.34 -2.96 -18.05
CA ASN B 7 8.72 -3.18 -16.74
C ASN B 7 9.59 -4.12 -15.89
N GLY B 8 9.86 -3.71 -14.65
CA GLY B 8 10.69 -4.50 -13.75
C GLY B 8 10.04 -4.71 -12.40
N LEU B 9 9.49 -5.92 -12.18
CA LEU B 9 8.84 -6.27 -10.93
C LEU B 9 9.48 -7.51 -10.29
N LEU B 10 10.79 -7.67 -10.48
CA LEU B 10 11.54 -8.81 -9.97
C LEU B 10 11.89 -8.65 -8.47
N SER B 11 11.41 -7.56 -7.87
CA SER B 11 11.64 -7.28 -6.44
C SER B 11 10.35 -6.84 -5.75
N GLY B 12 9.61 -5.91 -6.39
CA GLY B 12 8.32 -5.47 -5.87
C GLY B 12 8.40 -4.26 -4.95
N ASP B 13 9.62 -3.71 -4.81
CA ASP B 13 9.85 -2.56 -3.93
C ASP B 13 10.44 -1.37 -4.70
N GLU B 14 10.78 -1.61 -5.97
CA GLU B 14 11.42 -0.62 -6.82
C GLU B 14 10.56 -0.18 -7.99
N ASP B 15 9.40 -0.82 -8.12
CA ASP B 15 8.50 -0.60 -9.25
C ASP B 15 7.48 0.51 -8.95
N PHE B 16 6.79 0.42 -7.79
CA PHE B 16 5.80 1.44 -7.41
C PHE B 16 6.45 2.59 -6.63
N SER B 17 7.72 2.38 -6.22
CA SER B 17 8.52 3.39 -5.51
C SER B 17 8.84 4.58 -6.42
N SER B 18 8.83 4.32 -7.74
CA SER B 18 9.02 5.37 -8.75
C SER B 18 7.72 6.17 -8.94
N ILE B 19 6.59 5.51 -8.69
CA ILE B 19 5.26 6.12 -8.80
C ILE B 19 4.85 6.82 -7.48
N ALA B 20 5.31 6.27 -6.34
CA ALA B 20 4.89 6.77 -5.03
C ALA B 20 5.68 8.01 -4.58
N ASP B 21 6.76 8.29 -5.30
CA ASP B 21 7.57 9.49 -5.07
C ASP B 21 7.22 10.56 -6.12
N MET B 22 6.46 10.14 -7.14
CA MET B 22 5.91 11.03 -8.15
C MET B 22 4.49 11.47 -7.76
N ASP B 23 3.81 10.60 -7.00
CA ASP B 23 2.42 10.84 -6.59
C ASP B 23 2.36 11.58 -5.24
N PHE B 24 3.46 11.54 -4.46
CA PHE B 24 3.53 12.22 -3.16
C PHE B 24 3.63 13.74 -3.34
N SER B 25 4.23 14.16 -4.47
CA SER B 25 4.33 15.58 -4.85
C SER B 25 3.03 16.07 -5.51
N ALA B 26 2.26 15.12 -6.08
CA ALA B 26 0.99 15.43 -6.73
C ALA B 26 -0.15 15.60 -5.71
N LEU B 27 -0.04 14.87 -4.59
CA LEU B 27 -0.97 14.97 -3.47
C LEU B 27 -0.61 16.16 -2.56
N LEU B 28 0.64 16.63 -2.69
CA LEU B 28 1.16 17.76 -1.91
C LEU B 28 0.84 19.09 -2.62
N SER B 29 0.75 19.04 -3.96
CA SER B 29 0.46 20.21 -4.79
C SER B 29 -1.02 20.63 -4.73
N GLN B 30 -1.90 19.68 -4.35
CA GLN B 30 -3.34 19.92 -4.32
C GLN B 30 -3.84 20.46 -2.97
N ILE B 31 -2.99 20.36 -1.95
CA ILE B 31 -3.33 20.81 -0.59
C ILE B 31 -2.64 22.13 -0.23
N SER B 32 -1.45 22.36 -0.80
CA SER B 32 -0.67 23.58 -0.53
C SER B 32 -0.74 24.56 -1.71
N SER B 33 -0.64 24.01 -2.94
CA SER B 33 -0.67 24.81 -4.20
C SER B 33 0.44 25.86 -4.25
N GLY A 1 -7.27 -25.61 1.14
CA GLY A 1 -7.66 -26.98 1.56
C GLY A 1 -8.41 -27.00 2.87
N VAL A 2 -7.67 -26.98 3.98
CA VAL A 2 -8.26 -26.99 5.33
C VAL A 2 -8.52 -25.56 5.82
N ARG A 3 -9.68 -25.35 6.44
CA ARG A 3 -10.09 -24.03 6.93
C ARG A 3 -9.65 -23.81 8.38
N LYS A 4 -9.14 -22.62 8.66
CA LYS A 4 -8.67 -22.25 10.01
C LYS A 4 -9.54 -21.15 10.61
N GLY A 5 -9.16 -20.63 11.80
CA GLY A 5 -9.96 -19.61 12.49
C GLY A 5 -10.10 -18.30 11.72
N TRP A 6 -9.04 -17.91 11.00
CA TRP A 6 -9.00 -16.65 10.25
C TRP A 6 -9.92 -16.67 9.02
N HIS A 7 -10.07 -17.85 8.41
CA HIS A 7 -10.87 -18.06 7.19
C HIS A 7 -12.36 -17.75 7.41
N GLU A 8 -12.87 -18.10 8.60
CA GLU A 8 -14.26 -17.84 8.97
C GLU A 8 -14.41 -16.47 9.66
N HIS A 9 -13.28 -15.81 9.90
CA HIS A 9 -13.24 -14.53 10.61
C HIS A 9 -13.00 -13.35 9.64
N VAL A 10 -12.33 -13.61 8.51
CA VAL A 10 -12.02 -12.56 7.53
C VAL A 10 -13.27 -12.23 6.69
N THR A 11 -13.58 -10.93 6.60
CA THR A 11 -14.76 -10.44 5.89
C THR A 11 -14.38 -9.68 4.62
N GLN A 12 -15.40 -9.12 3.96
CA GLN A 12 -15.20 -8.16 2.86
C GLN A 12 -14.85 -6.79 3.45
N ASP A 13 -15.14 -6.60 4.75
CA ASP A 13 -14.85 -5.36 5.46
C ASP A 13 -13.37 -5.26 5.84
N LEU A 14 -12.71 -6.42 6.07
CA LEU A 14 -11.26 -6.45 6.33
C LEU A 14 -10.46 -5.98 5.11
N ARG A 15 -10.82 -6.47 3.92
CA ARG A 15 -10.09 -6.14 2.68
C ARG A 15 -10.19 -4.64 2.34
N SER A 16 -11.26 -3.99 2.81
CA SER A 16 -11.46 -2.55 2.62
C SER A 16 -10.73 -1.73 3.70
N HIS A 17 -10.61 -2.30 4.90
CA HIS A 17 -9.94 -1.65 6.04
C HIS A 17 -8.41 -1.79 5.93
N LEU A 18 -7.97 -2.77 5.13
CA LEU A 18 -6.55 -3.01 4.88
C LEU A 18 -6.04 -2.10 3.77
N VAL A 19 -6.90 -1.86 2.77
CA VAL A 19 -6.71 -0.85 1.72
C VAL A 19 -6.80 0.57 2.33
N HIS A 20 -7.61 0.70 3.39
CA HIS A 20 -7.70 1.94 4.17
C HIS A 20 -6.52 2.03 5.16
N LYS A 21 -5.88 0.87 5.39
CA LYS A 21 -4.65 0.77 6.20
C LYS A 21 -3.44 1.12 5.30
N LEU A 22 -3.66 0.96 4.00
CA LEU A 22 -2.63 1.16 2.98
C LEU A 22 -2.52 2.62 2.55
N VAL A 23 -3.65 3.22 2.13
CA VAL A 23 -3.70 4.58 1.57
C VAL A 23 -3.28 5.64 2.62
N GLN A 24 -3.56 5.37 3.90
CA GLN A 24 -3.22 6.30 4.98
C GLN A 24 -1.74 6.19 5.34
N ALA A 25 -1.22 4.96 5.21
CA ALA A 25 0.19 4.69 5.45
C ALA A 25 1.08 5.22 4.32
N ILE A 26 0.58 5.14 3.08
CA ILE A 26 1.30 5.61 1.90
C ILE A 26 1.22 7.15 1.80
N PHE A 27 0.00 7.69 1.85
CA PHE A 27 -0.22 9.14 1.93
C PHE A 27 -1.36 9.45 2.93
N PRO A 28 -1.04 9.98 4.15
CA PRO A 28 -2.07 10.45 5.11
C PRO A 28 -2.81 11.69 4.60
N THR A 29 -4.14 11.68 4.74
CA THR A 29 -4.98 12.78 4.24
C THR A 29 -5.43 13.73 5.36
N PRO A 30 -4.95 15.01 5.34
CA PRO A 30 -5.48 16.09 6.20
C PRO A 30 -6.94 16.42 5.86
N ASP A 31 -7.20 16.62 4.57
CA ASP A 31 -8.53 16.93 4.05
C ASP A 31 -9.14 15.72 3.32
N PRO A 32 -10.34 15.23 3.76
CA PRO A 32 -11.06 14.11 3.09
C PRO A 32 -11.48 14.41 1.64
N ALA A 33 -11.35 15.69 1.23
CA ALA A 33 -11.74 16.14 -0.12
C ALA A 33 -10.69 15.77 -1.19
N ALA A 34 -9.53 15.28 -0.73
CA ALA A 34 -8.44 14.88 -1.63
C ALA A 34 -8.61 13.44 -2.14
N LEU A 35 -9.58 12.71 -1.58
CA LEU A 35 -9.81 11.30 -1.90
C LEU A 35 -10.63 11.12 -3.19
N LYS A 36 -10.99 12.24 -3.84
CA LYS A 36 -11.77 12.22 -5.07
C LYS A 36 -10.88 12.53 -6.29
N ASP A 37 -9.55 12.45 -6.08
CA ASP A 37 -8.57 12.76 -7.11
C ASP A 37 -8.20 11.49 -7.90
N ARG A 38 -7.75 11.70 -9.15
CA ARG A 38 -7.44 10.61 -10.10
C ARG A 38 -6.07 10.01 -9.80
N ARG A 39 -5.17 10.89 -9.34
CA ARG A 39 -3.79 10.51 -8.97
C ARG A 39 -3.75 9.67 -7.67
N MET A 40 -4.84 9.76 -6.89
CA MET A 40 -4.99 8.97 -5.64
C MET A 40 -5.51 7.57 -5.96
N GLU A 41 -6.42 7.49 -6.95
CA GLU A 41 -7.04 6.23 -7.38
C GLU A 41 -5.99 5.25 -7.97
N ASN A 42 -4.84 5.78 -8.40
CA ASN A 42 -3.79 4.99 -9.06
C ASN A 42 -3.10 4.01 -8.10
N LEU A 43 -2.78 4.48 -6.88
CA LEU A 43 -2.13 3.63 -5.88
C LEU A 43 -3.16 2.83 -5.07
N VAL A 44 -4.41 3.32 -5.04
CA VAL A 44 -5.57 2.55 -4.54
C VAL A 44 -5.67 1.23 -5.31
N ALA A 45 -5.27 1.29 -6.58
CA ALA A 45 -5.25 0.15 -7.47
C ALA A 45 -3.99 -0.72 -7.25
N TYR A 46 -2.97 -0.12 -6.61
CA TYR A 46 -1.77 -0.84 -6.16
C TYR A 46 -2.07 -1.62 -4.87
N ALA A 47 -2.87 -1.01 -3.98
CA ALA A 47 -3.19 -1.60 -2.69
C ALA A 47 -4.30 -2.65 -2.81
N LYS A 48 -5.31 -2.36 -3.65
CA LYS A 48 -6.51 -3.17 -3.79
C LYS A 48 -6.23 -4.66 -4.09
N LYS A 49 -5.06 -4.93 -4.68
CA LYS A 49 -4.65 -6.28 -5.07
C LYS A 49 -3.99 -7.04 -3.92
N VAL A 50 -3.23 -6.30 -3.10
CA VAL A 50 -2.26 -6.90 -2.17
C VAL A 50 -2.93 -7.64 -0.99
N GLU A 51 -4.20 -7.31 -0.67
CA GLU A 51 -4.95 -7.95 0.43
C GLU A 51 -5.28 -9.42 0.10
N GLY A 52 -5.68 -9.66 -1.17
CA GLY A 52 -6.11 -10.99 -1.61
C GLY A 52 -4.95 -11.94 -1.90
N ASP A 53 -3.76 -11.37 -2.16
CA ASP A 53 -2.54 -12.17 -2.39
C ASP A 53 -1.95 -12.66 -1.07
N MET A 54 -2.34 -12.02 0.04
CA MET A 54 -1.88 -12.40 1.39
C MET A 54 -2.61 -13.66 1.89
N TYR A 55 -3.77 -13.94 1.30
CA TYR A 55 -4.64 -15.06 1.70
C TYR A 55 -4.06 -16.41 1.25
N GLU A 56 -3.34 -16.39 0.12
CA GLU A 56 -2.72 -17.60 -0.44
C GLU A 56 -1.31 -17.84 0.12
N SER A 57 -0.68 -16.77 0.64
CA SER A 57 0.70 -16.84 1.13
C SER A 57 0.76 -17.06 2.66
N ALA A 58 -0.19 -16.45 3.39
CA ALA A 58 -0.23 -16.56 4.85
C ALA A 58 -1.01 -17.78 5.31
N ASN A 59 -0.51 -18.41 6.40
CA ASN A 59 -1.17 -19.57 7.00
C ASN A 59 -1.83 -19.20 8.34
N SER A 60 -1.37 -18.09 8.93
CA SER A 60 -1.87 -17.62 10.23
C SER A 60 -2.21 -16.13 10.15
N ARG A 61 -3.11 -15.68 11.04
CA ARG A 61 -3.63 -14.31 11.00
C ARG A 61 -2.60 -13.27 11.50
N ASP A 62 -1.59 -13.75 12.23
CA ASP A 62 -0.48 -12.89 12.70
C ASP A 62 0.56 -12.69 11.57
N GLU A 63 0.58 -13.62 10.61
CA GLU A 63 1.45 -13.54 9.43
C GLU A 63 0.75 -12.73 8.33
N TYR A 64 -0.55 -13.01 8.14
CA TYR A 64 -1.40 -12.31 7.17
C TYR A 64 -1.30 -10.77 7.33
N TYR A 65 -1.61 -10.29 8.54
CA TYR A 65 -1.52 -8.86 8.87
C TYR A 65 -0.09 -8.31 8.80
N HIS A 66 0.90 -9.21 8.75
CA HIS A 66 2.32 -8.81 8.70
C HIS A 66 2.77 -8.48 7.27
N LEU A 67 2.07 -9.00 6.24
CA LEU A 67 2.41 -8.69 4.85
C LEU A 67 2.05 -7.24 4.48
N LEU A 68 0.83 -6.77 4.86
CA LEU A 68 0.41 -5.39 4.62
C LEU A 68 1.21 -4.38 5.45
N ALA A 69 1.66 -4.82 6.64
CA ALA A 69 2.43 -3.96 7.55
C ALA A 69 3.90 -3.82 7.13
N GLU A 70 4.44 -4.86 6.47
CA GLU A 70 5.86 -4.84 6.04
C GLU A 70 6.05 -3.98 4.77
N LYS A 71 5.02 -3.91 3.91
CA LYS A 71 5.03 -2.98 2.76
C LYS A 71 4.87 -1.55 3.28
N ILE A 72 4.21 -1.44 4.44
CA ILE A 72 3.93 -0.16 5.10
C ILE A 72 5.22 0.43 5.70
N TYR A 73 6.15 -0.44 6.11
CA TYR A 73 7.42 0.00 6.69
C TYR A 73 8.40 0.40 5.58
N LYS A 74 8.37 -0.34 4.45
CA LYS A 74 9.29 -0.12 3.31
C LYS A 74 8.97 1.19 2.58
N ILE A 75 7.68 1.53 2.51
CA ILE A 75 7.22 2.77 1.86
C ILE A 75 7.45 3.97 2.80
N GLN A 76 7.28 3.74 4.11
CA GLN A 76 7.54 4.74 5.14
C GLN A 76 9.05 5.04 5.29
N LYS A 77 9.90 4.09 4.87
CA LYS A 77 11.36 4.23 4.92
C LYS A 77 11.88 5.24 3.89
N GLU A 78 11.16 5.37 2.76
CA GLU A 78 11.53 6.24 1.65
C GLU A 78 11.18 7.70 1.96
N LEU A 79 9.97 7.91 2.51
CA LEU A 79 9.49 9.25 2.89
C LEU A 79 10.27 9.84 4.08
N GLU A 80 10.93 8.98 4.86
CA GLU A 80 11.78 9.42 5.99
C GLU A 80 13.11 10.00 5.51
N GLU A 81 13.46 9.71 4.25
CA GLU A 81 14.66 10.29 3.60
C GLU A 81 14.43 11.77 3.24
N LYS A 82 13.13 12.15 3.14
CA LYS A 82 12.74 13.54 2.90
C LYS A 82 12.66 14.31 4.24
N ARG A 83 12.58 13.56 5.34
CA ARG A 83 12.45 14.13 6.68
C ARG A 83 13.81 14.46 7.31
N ARG A 84 14.89 13.90 6.73
CA ARG A 84 16.25 14.11 7.24
C ARG A 84 16.89 15.37 6.62
N SER A 85 16.25 15.92 5.58
CA SER A 85 16.74 17.12 4.89
C SER A 85 16.34 18.41 5.61
N ARG A 86 15.46 18.30 6.60
CA ARG A 86 15.00 19.44 7.39
C ARG A 86 15.83 19.59 8.69
N LEU A 87 16.73 18.64 8.92
CA LEU A 87 17.60 18.65 10.10
C LEU A 87 19.05 18.94 9.72
N GLY B 1 2.88 -2.99 -24.10
CA GLY B 1 2.07 -3.76 -25.10
C GLY B 1 0.58 -3.64 -24.85
N SER B 2 -0.03 -4.74 -24.40
CA SER B 2 -1.46 -4.79 -24.12
C SER B 2 -1.72 -4.85 -22.59
N PRO B 3 -2.69 -4.04 -22.05
CA PRO B 3 -2.97 -4.01 -20.59
C PRO B 3 -3.70 -5.27 -20.09
N GLY B 4 -3.25 -5.79 -18.95
CA GLY B 4 -3.86 -6.97 -18.35
C GLY B 4 -2.85 -7.85 -17.64
N TYR B 5 -3.16 -8.19 -16.36
CA TYR B 5 -2.32 -9.07 -15.51
C TYR B 5 -0.88 -8.50 -15.33
N PRO B 6 -0.57 -7.83 -14.17
CA PRO B 6 0.78 -7.31 -13.88
C PRO B 6 1.81 -8.41 -13.67
N ASN B 7 3.06 -8.16 -14.10
CA ASN B 7 4.16 -9.10 -13.95
C ASN B 7 5.33 -8.45 -13.20
N GLY B 8 5.79 -9.09 -12.13
CA GLY B 8 6.89 -8.57 -11.34
C GLY B 8 7.25 -9.46 -10.18
N LEU B 9 8.53 -9.89 -10.14
CA LEU B 9 9.04 -10.73 -9.06
C LEU B 9 10.17 -10.02 -8.33
N LEU B 10 11.08 -9.47 -9.11
CA LEU B 10 12.21 -8.68 -8.61
C LEU B 10 11.83 -7.21 -8.53
N SER B 11 10.80 -6.85 -9.29
CA SER B 11 10.26 -5.49 -9.32
C SER B 11 8.73 -5.53 -9.18
N GLY B 12 8.25 -5.71 -7.94
CA GLY B 12 6.83 -5.82 -7.68
C GLY B 12 6.37 -4.93 -6.54
N ASP B 13 7.14 -4.92 -5.44
CA ASP B 13 6.81 -4.12 -4.26
C ASP B 13 7.95 -3.17 -3.90
N GLU B 14 9.10 -3.38 -4.55
CA GLU B 14 10.29 -2.57 -4.37
C GLU B 14 10.42 -1.49 -5.44
N ASP B 15 9.50 -1.55 -6.40
CA ASP B 15 9.47 -0.61 -7.54
C ASP B 15 8.58 0.61 -7.23
N PHE B 16 7.83 0.54 -6.11
CA PHE B 16 6.93 1.64 -5.72
C PHE B 16 7.68 2.77 -5.02
N SER B 17 8.94 2.49 -4.70
CA SER B 17 9.83 3.47 -4.06
C SER B 17 10.07 4.69 -4.97
N SER B 18 9.92 4.48 -6.28
CA SER B 18 10.06 5.54 -7.28
C SER B 18 8.72 6.24 -7.57
N ILE B 19 7.61 5.49 -7.44
CA ILE B 19 6.27 6.03 -7.75
C ILE B 19 5.65 6.74 -6.54
N ALA B 20 5.94 6.26 -5.33
CA ALA B 20 5.34 6.83 -4.11
C ALA B 20 6.04 8.10 -3.64
N ASP B 21 7.19 8.37 -4.24
CA ASP B 21 7.93 9.61 -4.02
C ASP B 21 7.71 10.56 -5.21
N MET B 22 7.03 10.03 -6.24
CA MET B 22 6.64 10.80 -7.41
C MET B 22 5.19 11.29 -7.25
N ASP B 23 4.36 10.46 -6.61
CA ASP B 23 2.96 10.76 -6.38
C ASP B 23 2.74 11.61 -5.11
N PHE B 24 3.69 11.54 -4.15
CA PHE B 24 3.58 12.30 -2.89
C PHE B 24 3.70 13.82 -3.15
N SER B 25 4.38 14.17 -4.23
CA SER B 25 4.53 15.57 -4.67
C SER B 25 3.30 16.03 -5.47
N ALA B 26 2.60 15.07 -6.09
CA ALA B 26 1.42 15.35 -6.91
C ALA B 26 0.14 15.46 -6.06
N LEU B 27 0.16 14.85 -4.86
CA LEU B 27 -0.97 14.89 -3.93
C LEU B 27 -1.05 16.24 -3.18
N LEU B 28 0.09 16.92 -3.04
CA LEU B 28 0.16 18.22 -2.36
C LEU B 28 -0.10 19.37 -3.34
N SER B 29 0.24 19.14 -4.61
CA SER B 29 0.08 20.15 -5.67
C SER B 29 -1.38 20.32 -6.12
N GLN B 30 -2.23 19.34 -5.78
CA GLN B 30 -3.65 19.37 -6.16
C GLN B 30 -4.53 20.09 -5.13
N ILE B 31 -3.94 20.38 -3.96
CA ILE B 31 -4.67 21.05 -2.87
C ILE B 31 -4.25 22.54 -2.80
N SER B 32 -2.99 22.83 -3.17
CA SER B 32 -2.47 24.20 -3.12
C SER B 32 -2.59 24.89 -4.49
N SER B 33 -2.38 24.12 -5.57
CA SER B 33 -2.45 24.65 -6.94
C SER B 33 -3.70 24.12 -7.66
N GLY A 1 -10.68 -26.70 -0.18
CA GLY A 1 -9.94 -27.70 0.64
C GLY A 1 -10.35 -27.68 2.10
N VAL A 2 -9.37 -27.44 2.98
CA VAL A 2 -9.61 -27.38 4.43
C VAL A 2 -9.95 -25.93 4.85
N ARG A 3 -10.97 -25.79 5.69
CA ARG A 3 -11.45 -24.49 6.17
C ARG A 3 -10.73 -24.08 7.46
N LYS A 4 -10.24 -22.83 7.47
CA LYS A 4 -9.55 -22.27 8.64
C LYS A 4 -10.39 -21.15 9.26
N GLY A 5 -10.02 -20.77 10.51
CA GLY A 5 -10.82 -19.84 11.30
C GLY A 5 -10.81 -18.39 10.82
N TRP A 6 -9.82 -18.04 9.97
CA TRP A 6 -9.68 -16.66 9.47
C TRP A 6 -10.81 -16.25 8.52
N HIS A 7 -11.28 -17.19 7.68
CA HIS A 7 -12.36 -16.92 6.74
C HIS A 7 -13.73 -16.82 7.46
N GLU A 8 -13.76 -17.24 8.73
CA GLU A 8 -14.97 -17.20 9.55
C GLU A 8 -15.19 -15.81 10.17
N HIS A 9 -14.12 -15.02 10.29
CA HIS A 9 -14.21 -13.67 10.86
C HIS A 9 -13.87 -12.56 9.84
N VAL A 10 -13.10 -12.91 8.78
CA VAL A 10 -12.72 -11.90 7.77
C VAL A 10 -13.86 -11.70 6.76
N THR A 11 -14.25 -10.44 6.59
CA THR A 11 -15.33 -10.05 5.69
C THR A 11 -14.82 -9.24 4.50
N GLN A 12 -15.75 -8.75 3.68
CA GLN A 12 -15.45 -7.79 2.62
C GLN A 12 -15.15 -6.41 3.24
N ASP A 13 -15.58 -6.22 4.51
CA ASP A 13 -15.41 -4.96 5.22
C ASP A 13 -14.00 -4.82 5.82
N LEU A 14 -13.40 -5.96 6.27
CA LEU A 14 -11.99 -5.96 6.73
C LEU A 14 -11.04 -5.59 5.60
N ARG A 15 -11.20 -6.24 4.43
CA ARG A 15 -10.30 -6.05 3.27
C ARG A 15 -10.19 -4.58 2.86
N SER A 16 -11.25 -3.83 3.13
CA SER A 16 -11.31 -2.39 2.84
C SER A 16 -10.61 -1.56 3.94
N HIS A 17 -10.67 -2.06 5.19
CA HIS A 17 -10.01 -1.40 6.33
C HIS A 17 -8.51 -1.75 6.37
N LEU A 18 -8.17 -2.92 5.83
CA LEU A 18 -6.79 -3.37 5.63
C LEU A 18 -6.09 -2.49 4.57
N VAL A 19 -6.88 -2.01 3.62
CA VAL A 19 -6.44 -1.11 2.57
C VAL A 19 -6.45 0.36 3.06
N HIS A 20 -7.39 0.68 3.96
CA HIS A 20 -7.48 2.02 4.58
C HIS A 20 -6.40 2.18 5.67
N LYS A 21 -5.84 1.04 6.10
CA LYS A 21 -4.72 1.01 7.07
C LYS A 21 -3.40 1.16 6.30
N LEU A 22 -3.48 0.77 5.04
CA LEU A 22 -2.38 0.74 4.11
C LEU A 22 -2.22 2.09 3.37
N VAL A 23 -3.35 2.69 3.00
CA VAL A 23 -3.37 4.01 2.32
C VAL A 23 -3.12 5.17 3.32
N GLN A 24 -3.41 4.94 4.61
CA GLN A 24 -3.20 5.96 5.64
C GLN A 24 -1.73 6.01 6.07
N ALA A 25 -1.04 4.87 5.93
CA ALA A 25 0.39 4.77 6.20
C ALA A 25 1.21 5.40 5.07
N ILE A 26 0.67 5.36 3.84
CA ILE A 26 1.32 5.95 2.68
C ILE A 26 1.01 7.47 2.62
N PHE A 27 -0.29 7.82 2.64
CA PHE A 27 -0.71 9.21 2.78
C PHE A 27 -1.93 9.32 3.72
N PRO A 28 -1.72 9.80 5.00
CA PRO A 28 -2.84 10.04 5.95
C PRO A 28 -3.57 11.36 5.68
N THR A 29 -4.92 11.30 5.63
CA THR A 29 -5.73 12.48 5.38
C THR A 29 -7.13 12.40 6.03
N PRO A 30 -7.51 13.43 6.84
CA PRO A 30 -8.89 13.58 7.40
C PRO A 30 -10.00 13.55 6.33
N ASP A 31 -9.81 14.35 5.27
CA ASP A 31 -10.78 14.48 4.17
C ASP A 31 -10.83 13.22 3.29
N PRO A 32 -12.01 12.51 3.25
CA PRO A 32 -12.22 11.36 2.32
C PRO A 32 -12.28 11.78 0.83
N ALA A 33 -12.35 13.10 0.58
CA ALA A 33 -12.49 13.65 -0.78
C ALA A 33 -11.18 13.56 -1.58
N ALA A 34 -10.08 13.22 -0.91
CA ALA A 34 -8.77 13.07 -1.56
C ALA A 34 -8.61 11.68 -2.20
N LEU A 35 -9.51 10.75 -1.80
CA LEU A 35 -9.47 9.37 -2.26
C LEU A 35 -10.23 9.17 -3.58
N LYS A 36 -10.81 10.26 -4.10
CA LYS A 36 -11.60 10.22 -5.34
C LYS A 36 -10.81 10.86 -6.51
N ASP A 37 -9.50 11.04 -6.29
CA ASP A 37 -8.62 11.68 -7.27
C ASP A 37 -8.05 10.65 -8.26
N ARG A 38 -7.60 11.14 -9.42
CA ARG A 38 -7.03 10.30 -10.48
C ARG A 38 -5.64 9.77 -10.11
N ARG A 39 -4.75 10.70 -9.70
CA ARG A 39 -3.38 10.37 -9.25
C ARG A 39 -3.36 9.37 -8.07
N MET A 40 -4.40 9.44 -7.23
CA MET A 40 -4.51 8.61 -6.03
C MET A 40 -5.02 7.20 -6.36
N GLU A 41 -5.94 7.12 -7.34
CA GLU A 41 -6.55 5.84 -7.74
C GLU A 41 -5.51 4.83 -8.28
N ASN A 42 -4.34 5.34 -8.72
CA ASN A 42 -3.23 4.48 -9.17
C ASN A 42 -2.50 3.85 -7.98
N LEU A 43 -2.57 4.52 -6.82
CA LEU A 43 -2.01 4.02 -5.56
C LEU A 43 -3.02 3.11 -4.86
N VAL A 44 -4.31 3.52 -4.87
CA VAL A 44 -5.42 2.71 -4.34
C VAL A 44 -5.47 1.33 -5.01
N ALA A 45 -5.10 1.30 -6.30
CA ALA A 45 -5.03 0.07 -7.08
C ALA A 45 -3.75 -0.72 -6.78
N TYR A 46 -2.75 -0.03 -6.20
CA TYR A 46 -1.52 -0.66 -5.70
C TYR A 46 -1.79 -1.38 -4.37
N ALA A 47 -2.63 -0.79 -3.52
CA ALA A 47 -2.96 -1.35 -2.21
C ALA A 47 -4.06 -2.42 -2.31
N LYS A 48 -5.02 -2.19 -3.21
CA LYS A 48 -6.13 -3.11 -3.48
C LYS A 48 -5.61 -4.42 -4.13
N LYS A 49 -4.40 -4.33 -4.72
CA LYS A 49 -3.76 -5.43 -5.41
C LYS A 49 -2.96 -6.33 -4.45
N VAL A 50 -2.33 -5.71 -3.43
CA VAL A 50 -1.40 -6.43 -2.53
C VAL A 50 -2.14 -7.38 -1.56
N GLU A 51 -3.23 -6.88 -0.94
CA GLU A 51 -4.02 -7.62 0.06
C GLU A 51 -4.54 -8.97 -0.50
N GLY A 52 -4.78 -9.02 -1.82
CA GLY A 52 -5.26 -10.24 -2.48
C GLY A 52 -4.21 -11.33 -2.58
N ASP A 53 -2.93 -10.93 -2.57
CA ASP A 53 -1.80 -11.87 -2.58
C ASP A 53 -1.46 -12.33 -1.16
N MET A 54 -1.92 -11.56 -0.16
CA MET A 54 -1.71 -11.89 1.26
C MET A 54 -2.55 -13.09 1.72
N TYR A 55 -3.77 -13.20 1.17
CA TYR A 55 -4.68 -14.30 1.47
C TYR A 55 -4.24 -15.59 0.75
N GLU A 56 -3.51 -15.41 -0.36
CA GLU A 56 -2.97 -16.49 -1.16
C GLU A 56 -1.59 -16.94 -0.65
N SER A 57 -0.85 -16.01 0.00
CA SER A 57 0.51 -16.29 0.48
C SER A 57 0.53 -16.70 1.96
N ALA A 58 -0.28 -16.02 2.79
CA ALA A 58 -0.31 -16.27 4.23
C ALA A 58 -1.30 -17.39 4.59
N ASN A 59 -0.89 -18.22 5.56
CA ASN A 59 -1.71 -19.34 6.03
C ASN A 59 -2.25 -19.08 7.45
N SER A 60 -1.77 -18.00 8.07
CA SER A 60 -2.10 -17.69 9.46
C SER A 60 -2.56 -16.22 9.60
N ARG A 61 -3.31 -15.95 10.68
CA ARG A 61 -3.89 -14.63 10.94
C ARG A 61 -2.82 -13.60 11.37
N ASP A 62 -1.75 -14.08 12.02
CA ASP A 62 -0.64 -13.22 12.46
C ASP A 62 0.33 -12.93 11.30
N GLU A 63 0.36 -13.82 10.30
CA GLU A 63 1.19 -13.64 9.11
C GLU A 63 0.46 -12.80 8.06
N TYR A 64 -0.85 -13.04 7.92
CA TYR A 64 -1.72 -12.29 7.00
C TYR A 64 -1.69 -10.78 7.31
N TYR A 65 -1.90 -10.43 8.58
CA TYR A 65 -1.89 -9.04 9.03
C TYR A 65 -0.46 -8.44 9.14
N HIS A 66 0.57 -9.31 9.15
CA HIS A 66 1.96 -8.86 9.29
C HIS A 66 2.53 -8.38 7.94
N LEU A 67 2.32 -9.18 6.89
CA LEU A 67 2.78 -8.88 5.52
C LEU A 67 2.38 -7.48 5.05
N LEU A 68 1.15 -7.07 5.40
CA LEU A 68 0.64 -5.72 5.09
C LEU A 68 1.28 -4.65 5.99
N ALA A 69 1.51 -5.00 7.27
CA ALA A 69 2.20 -4.12 8.22
C ALA A 69 3.69 -3.97 7.85
N GLU A 70 4.21 -4.99 7.15
CA GLU A 70 5.60 -4.98 6.64
C GLU A 70 5.76 -4.04 5.45
N LYS A 71 4.77 -4.04 4.53
CA LYS A 71 4.76 -3.10 3.40
C LYS A 71 4.51 -1.68 3.91
N ILE A 72 3.86 -1.59 5.09
CA ILE A 72 3.54 -0.31 5.73
C ILE A 72 4.82 0.36 6.26
N TYR A 73 5.79 -0.47 6.67
CA TYR A 73 7.06 0.02 7.19
C TYR A 73 8.06 0.30 6.06
N LYS A 74 7.98 -0.51 4.99
CA LYS A 74 8.92 -0.42 3.84
C LYS A 74 8.64 0.79 2.96
N ILE A 75 7.37 1.17 2.83
CA ILE A 75 6.97 2.36 2.07
C ILE A 75 7.30 3.64 2.88
N GLN A 76 7.27 3.49 4.20
CA GLN A 76 7.70 4.56 5.12
C GLN A 76 9.23 4.79 5.07
N LYS A 77 9.97 3.79 4.55
CA LYS A 77 11.43 3.89 4.40
C LYS A 77 11.83 4.78 3.22
N GLU A 78 11.09 4.66 2.10
CA GLU A 78 11.37 5.39 0.87
C GLU A 78 11.04 6.89 1.00
N LEU A 79 9.88 7.19 1.63
CA LEU A 79 9.50 8.57 1.99
C LEU A 79 10.46 9.20 3.01
N GLU A 80 11.23 8.35 3.72
CA GLU A 80 12.21 8.82 4.71
C GLU A 80 13.56 9.14 4.03
N GLU A 81 13.80 8.51 2.86
CA GLU A 81 15.02 8.74 2.08
C GLU A 81 15.08 10.17 1.50
N LYS A 82 13.90 10.77 1.30
CA LYS A 82 13.78 12.16 0.85
C LYS A 82 13.91 13.15 2.03
N ARG A 83 13.73 12.63 3.25
CA ARG A 83 13.75 13.42 4.48
C ARG A 83 15.19 13.60 5.02
N ARG A 84 16.10 12.73 4.58
CA ARG A 84 17.50 12.77 5.02
C ARG A 84 18.34 13.74 4.15
N SER A 85 17.80 14.11 2.98
CA SER A 85 18.47 15.03 2.06
C SER A 85 18.19 16.51 2.40
N ARG A 86 17.29 16.72 3.37
CA ARG A 86 16.92 18.07 3.81
C ARG A 86 17.74 18.52 5.03
N LEU A 87 18.53 17.59 5.58
CA LEU A 87 19.40 17.86 6.74
C LEU A 87 20.87 17.77 6.35
N GLY B 1 11.14 5.89 -20.29
CA GLY B 1 10.48 6.87 -21.21
C GLY B 1 9.07 7.22 -20.77
N SER B 2 8.09 6.84 -21.59
CA SER B 2 6.68 7.12 -21.31
C SER B 2 5.93 5.83 -20.94
N PRO B 3 5.16 5.81 -19.80
CA PRO B 3 4.40 4.61 -19.38
C PRO B 3 3.16 4.33 -20.25
N GLY B 4 2.89 3.04 -20.48
CA GLY B 4 1.74 2.63 -21.28
C GLY B 4 1.09 1.37 -20.76
N TYR B 5 1.36 0.25 -21.44
CA TYR B 5 0.78 -1.05 -21.06
C TYR B 5 1.86 -1.96 -20.41
N PRO B 6 1.54 -2.61 -19.25
CA PRO B 6 2.51 -3.51 -18.57
C PRO B 6 2.68 -4.86 -19.28
N ASN B 7 3.94 -5.30 -19.38
CA ASN B 7 4.28 -6.58 -20.02
C ASN B 7 4.91 -7.55 -19.00
N GLY B 8 5.76 -7.02 -18.13
CA GLY B 8 6.42 -7.82 -17.10
C GLY B 8 6.14 -7.30 -15.71
N LEU B 9 5.29 -8.05 -14.97
CA LEU B 9 4.91 -7.66 -13.60
C LEU B 9 5.48 -8.63 -12.56
N LEU B 10 6.59 -9.29 -12.92
CA LEU B 10 7.21 -10.30 -12.04
C LEU B 10 7.76 -9.65 -10.76
N SER B 11 7.74 -8.31 -10.73
CA SER B 11 8.21 -7.52 -9.60
C SER B 11 7.39 -6.23 -9.47
N GLY B 12 6.16 -6.38 -8.97
CA GLY B 12 5.22 -5.26 -8.87
C GLY B 12 5.11 -4.71 -7.46
N ASP B 13 6.24 -4.67 -6.74
CA ASP B 13 6.28 -4.13 -5.37
C ASP B 13 7.43 -3.15 -5.21
N GLU B 14 8.39 -3.23 -6.13
CA GLU B 14 9.56 -2.37 -6.15
C GLU B 14 9.45 -1.27 -7.21
N ASP B 15 8.37 -1.36 -7.99
CA ASP B 15 8.10 -0.44 -9.10
C ASP B 15 7.25 0.77 -8.63
N PHE B 16 6.73 0.69 -7.40
CA PHE B 16 5.89 1.75 -6.84
C PHE B 16 6.74 2.83 -6.13
N SER B 17 8.02 2.52 -5.91
CA SER B 17 8.95 3.46 -5.26
C SER B 17 9.27 4.65 -6.16
N SER B 18 9.09 4.47 -7.48
CA SER B 18 9.29 5.53 -8.46
C SER B 18 8.00 6.33 -8.70
N ILE B 19 6.84 5.70 -8.39
CA ILE B 19 5.54 6.34 -8.59
C ILE B 19 5.13 7.18 -7.37
N ALA B 20 5.56 6.75 -6.17
CA ALA B 20 5.09 7.38 -4.93
C ALA B 20 5.84 8.66 -4.58
N ASP B 21 6.93 8.91 -5.28
CA ASP B 21 7.69 10.16 -5.14
C ASP B 21 7.45 11.06 -6.37
N MET B 22 6.68 10.51 -7.33
CA MET B 22 6.24 11.26 -8.51
C MET B 22 4.78 11.66 -8.37
N ASP B 23 4.01 10.86 -7.62
CA ASP B 23 2.59 11.08 -7.42
C ASP B 23 2.31 11.84 -6.13
N PHE B 24 3.28 11.84 -5.20
CA PHE B 24 3.11 12.48 -3.88
C PHE B 24 3.06 14.01 -3.99
N SER B 25 3.55 14.54 -5.12
CA SER B 25 3.63 16.00 -5.35
C SER B 25 2.29 16.59 -5.79
N ALA B 26 1.57 15.87 -6.65
CA ALA B 26 0.23 16.28 -7.10
C ALA B 26 -0.85 15.84 -6.12
N LEU B 27 -0.52 14.82 -5.33
CA LEU B 27 -1.46 14.21 -4.37
C LEU B 27 -1.47 14.97 -3.02
N LEU B 28 -0.38 15.67 -2.67
CA LEU B 28 -0.35 16.46 -1.42
C LEU B 28 -0.91 17.89 -1.64
N SER B 29 -0.97 18.31 -2.91
CA SER B 29 -1.46 19.64 -3.29
C SER B 29 -2.99 19.74 -3.21
N GLN B 30 -3.66 18.58 -3.15
CA GLN B 30 -5.14 18.51 -3.12
C GLN B 30 -5.71 18.87 -1.74
N ILE B 31 -4.83 18.94 -0.73
CA ILE B 31 -5.23 19.23 0.65
C ILE B 31 -5.09 20.74 0.95
N SER B 32 -4.09 21.38 0.31
CA SER B 32 -3.83 22.81 0.50
C SER B 32 -4.55 23.67 -0.54
N SER B 33 -4.61 23.16 -1.78
CA SER B 33 -5.28 23.87 -2.89
C SER B 33 -6.43 23.04 -3.44
#